data_9C0H
#
_entry.id   9C0H
#
_cell.length_a   1.00
_cell.length_b   1.00
_cell.length_c   1.00
_cell.angle_alpha   90.00
_cell.angle_beta   90.00
_cell.angle_gamma   90.00
#
_symmetry.space_group_name_H-M   'P 1'
#
loop_
_entity.id
_entity.type
_entity.pdbx_description
1 polymer 'Solute carrier family 12 member 2'
2 non-polymer 'POTASSIUM ION'
3 non-polymer 'CHLORIDE ION'
4 non-polymer 'SODIUM ION'
5 non-polymer '3-(butylamino)-4-phenoxy-5-sulfamoylbenzoic acid'
#
_entity_poly.entity_id   1
_entity_poly.type   'polypeptide(L)'
_entity_poly.pdbx_seq_one_letter_code
;MEPRPTAPSSGAPGLAGVGETPSAAALAAARVELPGTAVPSVPEDAAPASRDGGGVRDEGPAAAGDGLGRPLGPTPSQSR
FQVDLVSENAGRAAAAAAAAAAAAAAAGAGAGAKQTPADGEASGESEPAKGSEEAKGRFRVNFVDPAASSSAEDSLSDAA
GVGVDGPNVSFQNGGDTVLSEGSSLHSGGGGGSGHHQHYYYDTHTNTYYLR(TPO)FGHN(TPO)MDAVPRIDHYRHTAA
QLGEKLLRPSLAELHDELEKEPFEDGFANGEESTPTRDAVVTYTAESKGVVKFGWIKGVLVRCMLNIWGVMLFIRLSWIV
GQAGIGLSVLVIMMATVVTTITGLSTSAIATNGFVRGGGAYYLISRSLGPEFGGAIGLIFAFANAVAVAMYVVGFAETVV
ELLKEHSILMIDEINDIRIIGAITVVILLGISVAGMEWEAKAQIVLLVILLLAIGDFVIGTFIPLESKKPKGFFGYKSEI
FNENFGPDFREEETFFSVFAIFFPAATGILAGANISGDLADPQSAIPKGTLLAILITTLVYVGIAVSVGSCVVRDATGNV
NDTIVTELTNCTSAACKLNFDFSSCESSPCSYGLMNNFQVMSMVSGFTPLISAGIFSATLSSALASLVSAPKIFQALCKD
NIYPAFQMFAKGYGKNNEPLRGYILTFLIALGFILIAELNVIAPIISNFFLASYALINFSVFHASLAKSPGWRPAFKYYN
MWISLLGAILCCIVMFVINWWAALLTYVIVLGLYIYVTYKKPDVNWGSSTQALTYLNALQHSIRLSGVEDHVKNFRPQCL
VMTGAPNSRPALLHLVHDFTKNVGLMICGHVHMGPRRQAMKEMSIDQAKYQRWLIKNKMKAFYAPVHADDLREGAQYLMQ
AAGLGRMKPNTLVLGFKKDWLQADMRDVDMYINLFHDAFDIQYGVVVIRLKEGLDISHLQGQEELLSSQEKSPGTKDVVV
SVEYSKKSDLDTSKPLSEKPITHKVEEEDGKTATQPLLKKESKGPIVPLNVADQKLLEASTQFQKKQGKNTIDVWWLFDD
GGLTLLIPYLLTTKKKWKDCKIRVFIGGKINRIDHDRRAMATLLSKFRIDFSDIMVLGDINTKPKKENIIAFEEIIEPYR
LHEDDKEQDIADKMKEDEPWRITDNELELYKTKTYRQIRLNELLKEHSSTANIIVMSLPVARKGAVSSALYMAWLEALSK
DLPPILLVRGNHQSVLTFYS
;
_entity_poly.pdbx_strand_id   A,B
#
loop_
_chem_comp.id
_chem_comp.type
_chem_comp.name
_chem_comp.formula
82U non-polymer '3-(butylamino)-4-phenoxy-5-sulfamoylbenzoic acid' 'C17 H20 N2 O5 S'
CL non-polymer 'CHLORIDE ION' 'Cl -1'
K non-polymer 'POTASSIUM ION' 'K 1'
NA non-polymer 'SODIUM ION' 'Na 1'
#
# COMPACT_ATOMS: atom_id res chain seq x y z
N THR A 207 -9.67 18.05 61.74
CA THR A 207 -9.88 16.68 61.32
C THR A 207 -10.26 16.60 59.85
N TYR A 208 -10.30 17.75 59.18
CA TYR A 208 -10.63 17.79 57.76
C TYR A 208 -9.50 17.24 56.89
N TYR A 209 -8.33 16.97 57.47
CA TYR A 209 -7.22 16.36 56.75
C TYR A 209 -7.58 14.97 56.22
N LEU A 210 -8.61 14.33 56.77
CA LEU A 210 -9.00 12.99 56.40
C LEU A 210 -10.28 12.98 55.56
N ARG A 211 -10.51 14.04 54.79
CA ARG A 211 -11.70 14.14 53.98
C ARG A 211 -11.47 13.51 52.61
N TPO A 212 -12.38 13.78 51.67
CA TPO A 212 -12.31 13.22 50.33
CB TPO A 212 -13.67 13.30 49.66
CG2 TPO A 212 -13.62 12.64 48.29
OG1 TPO A 212 -14.63 12.65 50.48
P TPO A 212 -15.88 13.63 50.65
O1P TPO A 212 -17.12 12.92 50.28
O2P TPO A 212 -15.96 14.13 52.17
O3P TPO A 212 -15.70 14.91 49.68
C TPO A 212 -11.25 13.92 49.50
O TPO A 212 -11.26 15.14 49.37
N PHE A 213 -10.33 13.15 48.94
CA PHE A 213 -9.28 13.69 48.10
C PHE A 213 -9.87 14.38 46.89
N GLY A 214 -9.35 15.56 46.56
CA GLY A 214 -9.89 16.33 45.46
C GLY A 214 -11.05 17.23 45.82
N HIS A 215 -11.26 17.52 47.11
CA HIS A 215 -12.31 18.43 47.52
C HIS A 215 -11.83 19.86 47.63
N ASN A 216 -10.55 20.08 47.90
CA ASN A 216 -10.01 21.41 48.08
C ASN A 216 -9.31 21.89 46.80
N TPO A 217 -9.67 21.29 45.67
CA TPO A 217 -9.12 21.70 44.39
CB TPO A 217 -7.94 20.84 44.00
CG2 TPO A 217 -8.35 19.37 44.05
OG1 TPO A 217 -7.54 21.16 42.67
P TPO A 217 -6.23 22.09 42.78
O1P TPO A 217 -6.63 23.50 42.62
O2P TPO A 217 -5.52 21.88 44.20
O3P TPO A 217 -5.20 21.69 41.61
C TPO A 217 -10.18 21.67 43.30
O TPO A 217 -11.23 21.05 43.46
N MET A 218 -9.90 22.34 42.19
CA MET A 218 -10.82 22.40 41.06
C MET A 218 -10.67 21.18 40.17
N ASP A 219 -9.52 20.51 40.28
CA ASP A 219 -9.23 19.34 39.48
C ASP A 219 -9.97 18.12 40.02
N ALA A 220 -10.71 17.44 39.14
CA ALA A 220 -11.52 16.31 39.53
C ALA A 220 -10.70 15.02 39.59
N VAL A 221 -11.26 14.01 40.22
CA VAL A 221 -10.65 12.68 40.29
C VAL A 221 -11.31 11.79 39.26
N PRO A 222 -10.66 10.73 38.80
CA PRO A 222 -11.27 9.87 37.77
C PRO A 222 -12.58 9.26 38.24
N ARG A 223 -13.65 9.55 37.52
CA ARG A 223 -14.97 9.03 37.83
C ARG A 223 -15.58 8.43 36.57
N ILE A 224 -16.52 7.50 36.79
CA ILE A 224 -17.21 6.87 35.67
C ILE A 224 -18.09 7.88 34.93
N ASP A 225 -18.59 8.90 35.64
CA ASP A 225 -19.47 9.87 35.02
C ASP A 225 -18.77 10.74 33.99
N HIS A 226 -17.44 10.85 34.06
CA HIS A 226 -16.73 11.66 33.07
C HIS A 226 -16.67 11.00 31.70
N TYR A 227 -16.93 9.69 31.62
CA TYR A 227 -16.82 8.95 30.38
C TYR A 227 -18.17 8.40 29.91
N ARG A 228 -19.26 8.77 30.56
CA ARG A 228 -20.57 8.25 30.23
C ARG A 228 -21.27 9.19 29.25
N HIS A 229 -21.72 8.64 28.13
CA HIS A 229 -22.43 9.42 27.13
C HIS A 229 -23.72 9.99 27.71
N THR A 230 -24.66 9.10 28.04
CA THR A 230 -25.88 9.51 28.70
C THR A 230 -26.35 8.51 29.76
N ALA A 231 -25.60 7.46 30.02
CA ALA A 231 -26.01 6.43 30.98
C ALA A 231 -25.58 5.06 30.47
N GLU A 236 -23.53 13.31 33.96
CA GLU A 236 -24.05 14.07 35.08
C GLU A 236 -22.92 14.60 35.96
N LYS A 237 -23.14 14.56 37.28
CA LYS A 237 -22.18 15.04 38.27
C LYS A 237 -21.85 16.50 37.94
N LEU A 238 -20.59 16.91 38.02
CA LEU A 238 -20.16 18.22 37.53
C LEU A 238 -19.29 18.10 36.29
N LEU A 239 -19.26 16.93 35.66
CA LEU A 239 -18.41 16.64 34.51
C LEU A 239 -16.94 16.82 34.84
N ARG A 240 -16.07 16.58 33.87
CA ARG A 240 -14.65 16.82 34.02
C ARG A 240 -14.34 18.28 33.72
N PRO A 241 -13.66 18.98 34.63
CA PRO A 241 -13.28 20.36 34.36
C PRO A 241 -12.39 20.45 33.14
N SER A 242 -12.61 21.49 32.33
CA SER A 242 -11.83 21.70 31.13
C SER A 242 -10.40 22.10 31.48
N LEU A 243 -9.49 21.89 30.53
CA LEU A 243 -8.13 22.36 30.70
C LEU A 243 -8.06 23.87 30.83
N ALA A 244 -8.90 24.57 30.06
CA ALA A 244 -8.95 26.03 30.17
C ALA A 244 -9.39 26.47 31.55
N GLU A 245 -10.37 25.79 32.13
CA GLU A 245 -10.86 26.17 33.45
C GLU A 245 -9.78 26.07 34.50
N LEU A 246 -8.89 25.09 34.37
CA LEU A 246 -7.78 24.95 35.31
C LEU A 246 -6.60 25.84 34.96
N HIS A 247 -6.47 26.26 33.70
CA HIS A 247 -5.30 27.00 33.24
C HIS A 247 -5.56 28.49 33.05
N ASP A 248 -6.65 28.86 32.37
CA ASP A 248 -6.86 30.26 32.01
C ASP A 248 -6.95 31.13 33.25
N GLU A 249 -6.29 32.29 33.20
CA GLU A 249 -6.25 33.19 34.34
C GLU A 249 -7.63 33.74 34.66
N LEU A 250 -7.92 33.90 35.95
CA LEU A 250 -9.20 34.41 36.39
C LEU A 250 -9.22 35.94 36.33
N VAL A 282 -36.26 -3.62 28.52
CA VAL A 282 -36.73 -3.95 29.85
C VAL A 282 -36.54 -5.44 30.13
N VAL A 283 -36.38 -6.22 29.06
CA VAL A 283 -36.17 -7.66 29.15
C VAL A 283 -34.68 -7.93 28.96
N LYS A 284 -34.06 -8.52 29.96
CA LYS A 284 -32.64 -8.85 29.92
C LYS A 284 -32.45 -10.31 30.29
N PHE A 285 -31.58 -10.99 29.54
CA PHE A 285 -31.34 -12.41 29.73
C PHE A 285 -29.91 -12.65 30.19
N GLY A 286 -29.73 -13.73 30.94
CA GLY A 286 -28.40 -14.18 31.29
C GLY A 286 -27.76 -14.95 30.15
N TRP A 287 -26.50 -15.32 30.38
CA TRP A 287 -25.76 -16.03 29.35
C TRP A 287 -26.28 -17.45 29.14
N ILE A 288 -26.81 -18.08 30.19
CA ILE A 288 -27.37 -19.42 30.05
C ILE A 288 -28.61 -19.40 29.17
N LYS A 289 -29.54 -18.51 29.46
CA LYS A 289 -30.81 -18.49 28.73
C LYS A 289 -30.74 -17.67 27.46
N GLY A 290 -29.96 -16.58 27.45
CA GLY A 290 -29.95 -15.69 26.31
C GLY A 290 -28.91 -15.98 25.25
N VAL A 291 -27.90 -16.78 25.57
CA VAL A 291 -26.85 -17.07 24.59
C VAL A 291 -26.66 -18.56 24.43
N LEU A 292 -26.34 -19.25 25.53
CA LEU A 292 -25.97 -20.67 25.45
C LEU A 292 -27.12 -21.50 24.90
N VAL A 293 -28.31 -21.35 25.48
CA VAL A 293 -29.46 -22.13 25.03
C VAL A 293 -29.80 -21.78 23.58
N ARG A 294 -29.77 -20.49 23.24
CA ARG A 294 -30.12 -20.07 21.89
C ARG A 294 -29.15 -20.64 20.87
N CYS A 295 -27.85 -20.58 21.16
CA CYS A 295 -26.87 -21.10 20.22
C CYS A 295 -26.98 -22.62 20.08
N MET A 296 -27.14 -23.33 21.20
CA MET A 296 -27.31 -24.78 21.12
C MET A 296 -28.55 -25.15 20.32
N LEU A 297 -29.65 -24.44 20.53
CA LEU A 297 -30.88 -24.73 19.82
C LEU A 297 -30.76 -24.41 18.33
N ASN A 298 -30.10 -23.30 18.00
CA ASN A 298 -29.97 -22.91 16.60
C ASN A 298 -29.06 -23.87 15.84
N ILE A 299 -27.98 -24.33 16.47
CA ILE A 299 -27.07 -25.23 15.77
C ILE A 299 -27.75 -26.55 15.46
N TRP A 300 -28.45 -27.12 16.43
CA TRP A 300 -29.08 -28.43 16.26
C TRP A 300 -30.37 -28.27 15.46
N GLY A 301 -30.37 -28.78 14.24
CA GLY A 301 -31.52 -28.66 13.37
C GLY A 301 -32.04 -29.97 12.84
N VAL A 302 -32.44 -29.99 11.57
CA VAL A 302 -33.09 -31.16 11.00
C VAL A 302 -32.11 -32.33 10.84
N MET A 303 -30.83 -32.04 10.62
CA MET A 303 -29.90 -33.09 10.25
C MET A 303 -29.48 -33.97 11.43
N LEU A 304 -29.46 -33.41 12.65
CA LEU A 304 -28.92 -34.14 13.78
C LEU A 304 -29.62 -35.48 13.98
N PHE A 305 -30.90 -35.56 13.65
CA PHE A 305 -31.70 -36.74 13.91
C PHE A 305 -32.18 -37.44 12.65
N ILE A 306 -31.81 -36.95 11.46
CA ILE A 306 -32.33 -37.54 10.22
C ILE A 306 -31.19 -37.98 9.31
N ARG A 307 -30.39 -37.02 8.83
CA ARG A 307 -29.41 -37.31 7.79
C ARG A 307 -28.02 -37.59 8.33
N LEU A 308 -27.80 -37.52 9.64
CA LEU A 308 -26.48 -37.78 10.18
C LEU A 308 -26.07 -39.23 9.94
N SER A 309 -27.02 -40.15 10.09
CA SER A 309 -26.76 -41.56 9.81
C SER A 309 -26.42 -41.77 8.34
N TRP A 310 -27.10 -41.06 7.44
CA TRP A 310 -26.78 -41.15 6.02
C TRP A 310 -25.36 -40.71 5.75
N ILE A 311 -24.90 -39.65 6.42
CA ILE A 311 -23.53 -39.19 6.27
C ILE A 311 -22.56 -40.23 6.81
N VAL A 312 -22.86 -40.81 7.96
CA VAL A 312 -21.99 -41.84 8.54
C VAL A 312 -21.96 -43.08 7.65
N GLY A 313 -23.03 -43.30 6.89
CA GLY A 313 -23.06 -44.41 5.96
C GLY A 313 -22.24 -44.18 4.72
N GLN A 314 -22.48 -43.04 4.04
CA GLN A 314 -21.74 -42.75 2.82
C GLN A 314 -20.26 -42.59 3.10
N ALA A 315 -19.88 -41.59 3.87
CA ALA A 315 -18.50 -41.49 4.31
C ALA A 315 -18.25 -42.48 5.44
N GLY A 316 -16.97 -42.65 5.79
CA GLY A 316 -16.62 -43.53 6.88
C GLY A 316 -16.86 -42.86 8.22
N ILE A 317 -16.64 -43.64 9.28
CA ILE A 317 -16.65 -43.07 10.62
C ILE A 317 -15.54 -42.03 10.75
N GLY A 318 -14.34 -42.38 10.28
CA GLY A 318 -13.23 -41.45 10.34
C GLY A 318 -13.47 -40.21 9.50
N LEU A 319 -14.00 -40.39 8.28
CA LEU A 319 -14.28 -39.23 7.46
C LEU A 319 -15.46 -38.42 7.97
N SER A 320 -16.43 -39.06 8.62
CA SER A 320 -17.51 -38.31 9.26
C SER A 320 -16.97 -37.43 10.38
N VAL A 321 -16.07 -38.00 11.20
CA VAL A 321 -15.45 -37.21 12.26
C VAL A 321 -14.60 -36.09 11.66
N LEU A 322 -13.95 -36.36 10.53
CA LEU A 322 -13.16 -35.33 9.87
C LEU A 322 -14.05 -34.18 9.39
N VAL A 323 -15.19 -34.49 8.80
CA VAL A 323 -16.11 -33.46 8.32
C VAL A 323 -16.63 -32.64 9.50
N ILE A 324 -17.03 -33.33 10.56
CA ILE A 324 -17.53 -32.65 11.75
C ILE A 324 -16.46 -31.73 12.32
N MET A 325 -15.22 -32.22 12.42
CA MET A 325 -14.14 -31.42 12.98
C MET A 325 -13.77 -30.24 12.08
N MET A 326 -13.88 -30.39 10.76
CA MET A 326 -13.58 -29.26 9.88
C MET A 326 -14.60 -28.15 10.05
N ALA A 327 -15.89 -28.50 10.02
CA ALA A 327 -16.91 -27.48 10.26
C ALA A 327 -16.79 -26.90 11.65
N THR A 328 -16.42 -27.74 12.63
CA THR A 328 -16.24 -27.26 14.00
C THR A 328 -15.06 -26.29 14.09
N VAL A 329 -13.99 -26.55 13.35
CA VAL A 329 -12.86 -25.63 13.33
C VAL A 329 -13.29 -24.28 12.76
N VAL A 330 -14.05 -24.31 11.66
CA VAL A 330 -14.54 -23.05 11.09
C VAL A 330 -15.37 -22.29 12.10
N THR A 331 -16.34 -22.97 12.73
CA THR A 331 -17.24 -22.28 13.66
C THR A 331 -16.51 -21.86 14.93
N THR A 332 -15.47 -22.59 15.33
CA THR A 332 -14.74 -22.23 16.54
C THR A 332 -13.88 -20.99 16.32
N ILE A 333 -13.22 -20.91 15.17
CA ILE A 333 -12.48 -19.69 14.86
C ILE A 333 -13.43 -18.52 14.71
N THR A 334 -14.60 -18.74 14.09
CA THR A 334 -15.59 -17.68 13.99
C THR A 334 -16.08 -17.24 15.37
N GLY A 335 -16.27 -18.18 16.29
CA GLY A 335 -16.69 -17.84 17.63
C GLY A 335 -15.64 -17.07 18.40
N LEU A 336 -14.37 -17.46 18.25
CA LEU A 336 -13.29 -16.70 18.88
C LEU A 336 -13.24 -15.29 18.33
N SER A 337 -13.41 -15.14 17.01
CA SER A 337 -13.42 -13.80 16.41
C SER A 337 -14.60 -12.97 16.91
N THR A 338 -15.78 -13.59 16.99
CA THR A 338 -16.94 -12.88 17.51
C THR A 338 -16.72 -12.45 18.96
N SER A 339 -16.12 -13.32 19.76
CA SER A 339 -15.80 -12.98 21.14
C SER A 339 -14.87 -11.79 21.21
N ALA A 340 -13.80 -11.81 20.41
CA ALA A 340 -12.84 -10.71 20.42
C ALA A 340 -13.50 -9.40 20.01
N ILE A 341 -14.37 -9.45 19.01
CA ILE A 341 -15.06 -8.23 18.58
C ILE A 341 -16.03 -7.75 19.68
N ALA A 342 -16.70 -8.69 20.33
CA ALA A 342 -17.75 -8.34 21.28
C ALA A 342 -17.22 -7.97 22.66
N THR A 343 -15.95 -8.18 22.95
CA THR A 343 -15.38 -7.76 24.22
C THR A 343 -14.67 -6.42 24.16
N ASN A 344 -14.85 -5.66 23.08
CA ASN A 344 -14.20 -4.35 22.98
C ASN A 344 -15.01 -3.28 23.71
N GLY A 345 -16.20 -2.98 23.23
CA GLY A 345 -17.01 -1.94 23.82
C GLY A 345 -18.42 -2.43 24.11
N PHE A 346 -19.24 -1.51 24.59
CA PHE A 346 -20.65 -1.81 24.80
C PHE A 346 -21.35 -1.95 23.45
N VAL A 347 -22.00 -3.07 23.23
CA VAL A 347 -22.76 -3.32 22.01
C VAL A 347 -24.22 -2.98 22.29
N ARG A 348 -24.71 -1.95 21.61
CA ARG A 348 -26.05 -1.41 21.88
C ARG A 348 -27.11 -2.45 21.60
N GLY A 349 -27.27 -2.83 20.35
CA GLY A 349 -28.24 -3.80 19.94
C GLY A 349 -27.72 -4.51 18.72
N GLY A 350 -28.63 -4.96 17.86
CA GLY A 350 -28.19 -5.67 16.69
C GLY A 350 -27.48 -6.96 17.06
N GLY A 351 -26.77 -7.50 16.07
CA GLY A 351 -26.05 -8.74 16.27
C GLY A 351 -24.67 -8.72 15.66
N ALA A 352 -24.42 -9.66 14.75
CA ALA A 352 -23.17 -9.63 14.01
C ALA A 352 -23.06 -8.36 13.17
N TYR A 353 -24.19 -7.78 12.79
CA TYR A 353 -24.14 -6.53 12.04
C TYR A 353 -23.52 -5.42 12.88
N TYR A 354 -23.96 -5.28 14.13
CA TYR A 354 -23.43 -4.23 14.99
C TYR A 354 -21.94 -4.41 15.20
N LEU A 355 -21.51 -5.64 15.45
CA LEU A 355 -20.09 -5.94 15.64
C LEU A 355 -19.28 -5.58 14.40
N ILE A 356 -19.74 -6.03 13.23
CA ILE A 356 -18.98 -5.79 12.00
C ILE A 356 -18.93 -4.31 11.67
N SER A 357 -20.07 -3.62 11.76
CA SER A 357 -20.09 -2.20 11.42
C SER A 357 -19.27 -1.37 12.39
N ARG A 358 -19.31 -1.69 13.68
CA ARG A 358 -18.53 -0.92 14.64
C ARG A 358 -17.06 -1.31 14.65
N SER A 359 -16.71 -2.45 14.04
CA SER A 359 -15.32 -2.84 13.96
C SER A 359 -14.65 -2.31 12.69
N LEU A 360 -15.27 -2.48 11.52
CA LEU A 360 -14.62 -1.99 10.30
C LEU A 360 -15.57 -1.25 9.38
N GLY A 361 -16.51 -0.49 9.92
CA GLY A 361 -17.18 0.53 9.15
C GLY A 361 -18.47 0.10 8.49
N PRO A 362 -19.17 1.08 7.90
CA PRO A 362 -20.53 0.83 7.41
C PRO A 362 -20.63 0.17 6.04
N GLU A 363 -19.55 0.05 5.28
CA GLU A 363 -19.67 -0.55 3.95
C GLU A 363 -19.79 -2.07 4.06
N PHE A 364 -18.75 -2.72 4.58
CA PHE A 364 -18.85 -4.13 4.91
C PHE A 364 -19.98 -4.37 5.88
N GLY A 365 -20.18 -3.44 6.82
CA GLY A 365 -21.24 -3.61 7.80
C GLY A 365 -22.61 -3.70 7.17
N GLY A 366 -22.92 -2.77 6.25
CA GLY A 366 -24.21 -2.82 5.58
C GLY A 366 -24.34 -4.02 4.68
N ALA A 367 -23.27 -4.37 3.96
CA ALA A 367 -23.34 -5.53 3.08
C ALA A 367 -23.66 -6.80 3.85
N ILE A 368 -22.88 -7.08 4.90
CA ILE A 368 -23.10 -8.30 5.67
C ILE A 368 -24.40 -8.22 6.46
N GLY A 369 -24.82 -7.03 6.88
CA GLY A 369 -26.10 -6.91 7.55
C GLY A 369 -27.24 -7.36 6.66
N LEU A 370 -27.29 -6.83 5.44
CA LEU A 370 -28.35 -7.22 4.51
C LEU A 370 -28.25 -8.72 4.18
N ILE A 371 -27.03 -9.20 3.92
CA ILE A 371 -26.87 -10.59 3.53
C ILE A 371 -27.27 -11.54 4.65
N PHE A 372 -26.85 -11.25 5.88
CA PHE A 372 -27.14 -12.12 7.01
C PHE A 372 -28.62 -12.08 7.37
N ALA A 373 -29.24 -10.89 7.29
CA ALA A 373 -30.68 -10.82 7.52
C ALA A 373 -31.46 -11.64 6.51
N PHE A 374 -31.09 -11.52 5.22
CA PHE A 374 -31.77 -12.30 4.21
C PHE A 374 -31.53 -13.80 4.40
N ALA A 375 -30.30 -14.17 4.78
CA ALA A 375 -29.98 -15.58 4.99
C ALA A 375 -30.79 -16.17 6.13
N ASN A 376 -30.94 -15.43 7.23
CA ASN A 376 -31.77 -15.92 8.33
C ASN A 376 -33.23 -15.98 7.93
N ALA A 377 -33.70 -15.01 7.14
CA ALA A 377 -35.08 -15.05 6.67
C ALA A 377 -35.36 -16.29 5.82
N VAL A 378 -34.40 -16.66 4.96
CA VAL A 378 -34.56 -17.87 4.17
C VAL A 378 -34.42 -19.11 5.03
N ALA A 379 -33.53 -19.07 6.03
CA ALA A 379 -33.35 -20.22 6.90
C ALA A 379 -34.60 -20.52 7.71
N VAL A 380 -35.40 -19.49 8.01
CA VAL A 380 -36.69 -19.75 8.65
C VAL A 380 -37.53 -20.68 7.78
N ALA A 381 -37.66 -20.34 6.49
CA ALA A 381 -38.40 -21.18 5.57
C ALA A 381 -37.77 -22.55 5.44
N MET A 382 -36.44 -22.63 5.52
CA MET A 382 -35.75 -23.90 5.41
C MET A 382 -36.09 -24.85 6.56
N TYR A 383 -35.97 -24.34 7.79
CA TYR A 383 -36.31 -25.16 8.95
C TYR A 383 -37.79 -25.50 8.96
N VAL A 384 -38.64 -24.57 8.54
CA VAL A 384 -40.07 -24.86 8.49
C VAL A 384 -40.35 -25.92 7.44
N VAL A 385 -39.61 -25.91 6.32
CA VAL A 385 -39.79 -26.91 5.29
C VAL A 385 -39.32 -28.28 5.80
N GLY A 386 -38.25 -28.30 6.59
CA GLY A 386 -37.85 -29.56 7.21
C GLY A 386 -38.91 -30.11 8.13
N PHE A 387 -39.50 -29.25 8.96
CA PHE A 387 -40.59 -29.68 9.82
C PHE A 387 -41.77 -30.19 9.02
N ALA A 388 -42.13 -29.47 7.95
CA ALA A 388 -43.23 -29.90 7.09
C ALA A 388 -42.94 -31.24 6.46
N GLU A 389 -41.68 -31.46 6.05
CA GLU A 389 -41.31 -32.71 5.41
C GLU A 389 -41.45 -33.89 6.38
N THR A 390 -40.97 -33.72 7.61
CA THR A 390 -41.11 -34.83 8.55
C THR A 390 -42.57 -35.05 8.93
N VAL A 391 -43.36 -33.97 8.99
CA VAL A 391 -44.79 -34.12 9.28
C VAL A 391 -45.48 -34.90 8.17
N VAL A 392 -45.20 -34.55 6.92
CA VAL A 392 -45.82 -35.24 5.79
C VAL A 392 -45.35 -36.69 5.72
N GLU A 393 -44.08 -36.94 6.05
CA GLU A 393 -43.60 -38.32 6.06
C GLU A 393 -44.32 -39.16 7.10
N LEU A 394 -44.48 -38.61 8.32
CA LEU A 394 -45.18 -39.35 9.36
C LEU A 394 -46.66 -39.50 9.04
N LEU A 395 -47.23 -38.56 8.28
CA LEU A 395 -48.62 -38.71 7.85
C LEU A 395 -48.76 -39.78 6.78
N LYS A 396 -47.82 -39.83 5.84
CA LYS A 396 -47.86 -40.85 4.79
C LYS A 396 -47.54 -42.23 5.32
N GLU A 397 -46.82 -42.32 6.45
CA GLU A 397 -46.65 -43.62 7.10
C GLU A 397 -47.99 -44.20 7.52
N HIS A 398 -48.94 -43.34 7.91
CA HIS A 398 -50.31 -43.76 8.18
C HIS A 398 -51.13 -43.61 6.90
N SER A 399 -52.45 -43.66 7.02
CA SER A 399 -53.33 -43.52 5.88
C SER A 399 -53.76 -42.08 5.61
N ILE A 400 -53.30 -41.13 6.43
CA ILE A 400 -53.74 -39.75 6.31
C ILE A 400 -52.94 -39.04 5.22
N LEU A 401 -53.65 -38.32 4.36
CA LEU A 401 -53.02 -37.53 3.31
C LEU A 401 -54.04 -36.53 2.78
N MET A 402 -53.68 -35.25 2.77
CA MET A 402 -54.59 -34.19 2.35
C MET A 402 -54.54 -33.99 0.83
N ILE A 403 -53.38 -33.63 0.30
CA ILE A 403 -53.16 -33.43 -1.12
C ILE A 403 -51.84 -34.10 -1.48
N ASP A 404 -51.40 -33.89 -2.73
CA ASP A 404 -50.08 -34.37 -3.15
C ASP A 404 -49.01 -33.90 -2.17
N GLU A 405 -47.92 -34.67 -2.11
CA GLU A 405 -46.92 -34.43 -1.06
C GLU A 405 -46.33 -33.02 -1.16
N ILE A 406 -45.99 -32.58 -2.37
CA ILE A 406 -45.40 -31.26 -2.53
C ILE A 406 -46.38 -30.15 -2.20
N ASN A 407 -47.69 -30.43 -2.20
CA ASN A 407 -48.69 -29.44 -1.84
C ASN A 407 -49.08 -29.52 -0.37
N ASP A 408 -49.16 -30.74 0.17
CA ASP A 408 -49.36 -30.88 1.61
C ASP A 408 -48.20 -30.26 2.39
N ILE A 409 -46.99 -30.33 1.84
CA ILE A 409 -45.85 -29.70 2.48
C ILE A 409 -46.09 -28.20 2.64
N ARG A 410 -46.52 -27.55 1.56
CA ARG A 410 -46.80 -26.11 1.64
C ARG A 410 -47.94 -25.83 2.59
N ILE A 411 -48.99 -26.66 2.56
CA ILE A 411 -50.15 -26.42 3.41
C ILE A 411 -49.74 -26.45 4.88
N ILE A 412 -48.98 -27.46 5.29
CA ILE A 412 -48.58 -27.55 6.69
C ILE A 412 -47.55 -26.47 7.03
N GLY A 413 -46.61 -26.20 6.11
CA GLY A 413 -45.57 -25.24 6.41
C GLY A 413 -46.09 -23.83 6.60
N ALA A 414 -47.12 -23.45 5.84
CA ALA A 414 -47.72 -22.13 6.04
C ALA A 414 -48.30 -22.01 7.44
N ILE A 415 -48.99 -23.06 7.91
CA ILE A 415 -49.57 -23.03 9.24
C ILE A 415 -48.49 -22.90 10.29
N THR A 416 -47.41 -23.70 10.17
CA THR A 416 -46.35 -23.62 11.16
C THR A 416 -45.66 -22.27 11.15
N VAL A 417 -45.47 -21.66 9.97
CA VAL A 417 -44.84 -20.35 9.94
C VAL A 417 -45.75 -19.29 10.54
N VAL A 418 -47.07 -19.45 10.39
CA VAL A 418 -48.00 -18.52 11.05
C VAL A 418 -47.91 -18.64 12.56
N ILE A 419 -47.87 -19.87 13.07
CA ILE A 419 -47.77 -20.06 14.51
C ILE A 419 -46.44 -19.53 15.03
N LEU A 420 -45.37 -19.71 14.25
CA LEU A 420 -44.06 -19.20 14.64
C LEU A 420 -44.07 -17.68 14.69
N LEU A 421 -44.70 -17.03 13.71
CA LEU A 421 -44.82 -15.58 13.75
C LEU A 421 -45.60 -15.15 14.97
N GLY A 422 -46.67 -15.88 15.32
CA GLY A 422 -47.43 -15.53 16.50
C GLY A 422 -46.62 -15.60 17.78
N ILE A 423 -45.89 -16.70 17.97
CA ILE A 423 -45.13 -16.85 19.21
C ILE A 423 -43.98 -15.85 19.25
N SER A 424 -43.38 -15.54 18.10
CA SER A 424 -42.33 -14.53 18.06
C SER A 424 -42.89 -13.15 18.41
N VAL A 425 -44.06 -12.80 17.87
CA VAL A 425 -44.66 -11.50 18.14
C VAL A 425 -45.09 -11.39 19.59
N ALA A 426 -45.44 -12.51 20.23
CA ALA A 426 -45.89 -12.49 21.61
C ALA A 426 -44.89 -11.78 22.51
N GLY A 427 -43.61 -12.06 22.36
CA GLY A 427 -42.60 -11.37 23.12
C GLY A 427 -41.39 -12.26 23.36
N MET A 428 -40.36 -11.65 23.94
CA MET A 428 -39.11 -12.35 24.17
C MET A 428 -39.25 -13.42 25.25
N GLU A 429 -39.92 -13.10 26.36
CA GLU A 429 -40.05 -14.06 27.45
C GLU A 429 -40.79 -15.31 27.01
N TRP A 430 -41.88 -15.13 26.24
CA TRP A 430 -42.62 -16.27 25.74
C TRP A 430 -41.77 -17.11 24.79
N GLU A 431 -41.02 -16.45 23.90
CA GLU A 431 -40.13 -17.18 23.02
C GLU A 431 -39.07 -17.93 23.82
N ALA A 432 -38.56 -17.31 24.88
CA ALA A 432 -37.56 -17.98 25.72
C ALA A 432 -38.14 -19.22 26.38
N LYS A 433 -39.38 -19.13 26.88
CA LYS A 433 -40.00 -20.31 27.50
C LYS A 433 -40.21 -21.41 26.47
N ALA A 434 -40.65 -21.06 25.27
CA ALA A 434 -40.80 -22.05 24.21
C ALA A 434 -39.47 -22.69 23.87
N GLN A 435 -38.40 -21.89 23.81
CA GLN A 435 -37.08 -22.43 23.54
C GLN A 435 -36.64 -23.38 24.64
N ILE A 436 -36.93 -23.06 25.89
CA ILE A 436 -36.53 -23.93 27.00
C ILE A 436 -37.26 -25.27 26.92
N VAL A 437 -38.56 -25.25 26.62
CA VAL A 437 -39.28 -26.52 26.53
C VAL A 437 -38.80 -27.33 25.33
N LEU A 438 -38.47 -26.65 24.22
CA LEU A 438 -37.93 -27.37 23.07
C LEU A 438 -36.56 -27.96 23.40
N LEU A 439 -35.75 -27.24 24.16
CA LEU A 439 -34.46 -27.75 24.60
C LEU A 439 -34.63 -29.02 25.43
N VAL A 440 -35.59 -29.00 26.37
CA VAL A 440 -35.75 -30.17 27.23
C VAL A 440 -36.28 -31.36 26.41
N ILE A 441 -37.17 -31.11 25.45
CA ILE A 441 -37.69 -32.20 24.63
C ILE A 441 -36.58 -32.78 23.76
N LEU A 442 -35.75 -31.92 23.18
CA LEU A 442 -34.64 -32.40 22.34
C LEU A 442 -33.63 -33.19 23.15
N LEU A 443 -33.31 -32.72 24.36
CA LEU A 443 -32.41 -33.47 25.22
C LEU A 443 -33.00 -34.82 25.58
N LEU A 444 -34.32 -34.86 25.82
CA LEU A 444 -34.98 -36.13 26.08
C LEU A 444 -34.88 -37.07 24.89
N ALA A 445 -35.02 -36.53 23.67
CA ALA A 445 -34.92 -37.36 22.48
C ALA A 445 -33.50 -37.91 22.31
N ILE A 446 -32.48 -37.08 22.58
CA ILE A 446 -31.10 -37.55 22.49
C ILE A 446 -30.86 -38.66 23.52
N GLY A 447 -31.34 -38.46 24.74
CA GLY A 447 -31.24 -39.51 25.74
C GLY A 447 -32.00 -40.77 25.35
N ASP A 448 -33.13 -40.60 24.68
CA ASP A 448 -33.89 -41.73 24.17
C ASP A 448 -33.05 -42.54 23.18
N PHE A 449 -32.41 -41.86 22.23
CA PHE A 449 -31.58 -42.56 21.26
C PHE A 449 -30.42 -43.29 21.95
N VAL A 450 -29.76 -42.62 22.90
CA VAL A 450 -28.61 -43.25 23.56
C VAL A 450 -29.06 -44.43 24.41
N ILE A 451 -30.21 -44.32 25.08
CA ILE A 451 -30.69 -45.42 25.91
C ILE A 451 -31.11 -46.59 25.04
N GLY A 452 -31.72 -46.30 23.87
CA GLY A 452 -32.15 -47.38 22.99
C GLY A 452 -31.04 -48.01 22.19
N THR A 453 -29.88 -47.36 22.10
CA THR A 453 -28.76 -48.01 21.44
C THR A 453 -28.05 -49.02 22.34
N PHE A 454 -28.25 -48.94 23.65
CA PHE A 454 -27.77 -49.98 24.58
C PHE A 454 -28.88 -50.98 24.88
N ILE A 455 -29.56 -51.46 23.84
CA ILE A 455 -30.65 -52.40 24.01
C ILE A 455 -30.91 -53.10 22.68
N PRO A 456 -30.11 -54.10 22.30
CA PRO A 456 -30.31 -54.77 21.01
C PRO A 456 -31.49 -55.72 21.09
N LEU A 457 -32.53 -55.43 20.32
CA LEU A 457 -33.74 -56.24 20.28
C LEU A 457 -33.80 -57.01 18.98
N GLU A 458 -34.25 -58.26 19.06
CA GLU A 458 -34.31 -59.12 17.88
C GLU A 458 -35.32 -58.63 16.86
N SER A 459 -36.28 -57.80 17.25
CA SER A 459 -37.25 -57.28 16.30
C SER A 459 -36.59 -56.32 15.32
N LYS A 460 -35.60 -55.57 15.76
CA LYS A 460 -34.83 -54.68 14.90
C LYS A 460 -33.61 -55.35 14.30
N LYS A 461 -33.33 -56.60 14.69
CA LYS A 461 -32.23 -57.34 14.08
C LYS A 461 -32.35 -57.47 12.56
N PRO A 462 -33.53 -57.70 11.96
CA PRO A 462 -33.60 -57.70 10.48
C PRO A 462 -33.11 -56.41 9.86
N LYS A 463 -33.29 -55.29 10.55
CA LYS A 463 -32.75 -54.01 10.10
C LYS A 463 -31.26 -53.98 10.44
N GLY A 464 -30.64 -52.80 10.34
CA GLY A 464 -29.23 -52.71 10.64
C GLY A 464 -28.88 -52.76 12.11
N PHE A 465 -29.87 -52.69 13.00
CA PHE A 465 -29.62 -52.61 14.43
C PHE A 465 -29.04 -53.92 14.95
N PHE A 466 -27.85 -53.85 15.54
CA PHE A 466 -27.19 -55.01 16.12
C PHE A 466 -26.60 -54.77 17.50
N GLY A 467 -26.31 -53.52 17.88
CA GLY A 467 -25.93 -53.23 19.25
C GLY A 467 -24.46 -53.23 19.59
N TYR A 468 -23.65 -52.43 18.89
CA TYR A 468 -22.22 -52.26 19.19
C TYR A 468 -21.46 -53.59 19.06
N LYS A 469 -21.42 -54.08 17.82
CA LYS A 469 -20.56 -55.19 17.45
C LYS A 469 -19.30 -54.64 16.82
N SER A 470 -18.14 -55.16 17.26
CA SER A 470 -16.87 -54.65 16.75
C SER A 470 -16.73 -54.88 15.25
N GLU A 471 -17.45 -55.87 14.71
CA GLU A 471 -17.44 -56.08 13.27
C GLU A 471 -18.04 -54.90 12.53
N ILE A 472 -19.12 -54.32 13.09
CA ILE A 472 -19.72 -53.13 12.49
C ILE A 472 -18.77 -51.94 12.56
N PHE A 473 -18.09 -51.78 13.71
CA PHE A 473 -17.11 -50.71 13.85
C PHE A 473 -16.03 -50.84 12.78
N ASN A 474 -15.45 -52.03 12.65
CA ASN A 474 -14.40 -52.24 11.66
C ASN A 474 -14.93 -52.23 10.24
N GLU A 475 -16.25 -52.34 10.06
CA GLU A 475 -16.85 -52.37 8.73
C GLU A 475 -17.37 -51.02 8.28
N ASN A 476 -17.76 -50.14 9.21
CA ASN A 476 -18.33 -48.85 8.84
C ASN A 476 -17.27 -47.76 8.66
N PHE A 477 -16.01 -48.06 8.93
CA PHE A 477 -14.93 -47.19 8.50
C PHE A 477 -14.88 -47.16 6.98
N GLY A 478 -14.08 -46.25 6.44
CA GLY A 478 -13.83 -46.22 5.02
C GLY A 478 -14.96 -45.60 4.23
N PRO A 479 -14.59 -44.83 3.22
CA PRO A 479 -15.57 -44.05 2.46
C PRO A 479 -16.29 -44.83 1.38
N ASP A 480 -17.39 -45.51 1.71
CA ASP A 480 -18.18 -46.26 0.74
C ASP A 480 -19.32 -45.38 0.24
N PHE A 481 -19.13 -44.74 -0.90
CA PHE A 481 -20.14 -43.85 -1.48
C PHE A 481 -20.94 -44.62 -2.52
N ARG A 482 -22.15 -45.03 -2.15
CA ARG A 482 -23.01 -45.80 -3.05
C ARG A 482 -23.96 -44.89 -3.84
N GLU A 483 -23.40 -43.86 -4.47
CA GLU A 483 -24.15 -42.96 -5.32
C GLU A 483 -23.16 -42.03 -6.01
N GLU A 484 -23.68 -41.05 -6.73
CA GLU A 484 -22.85 -40.00 -7.33
C GLU A 484 -22.54 -38.93 -6.29
N GLU A 485 -22.00 -39.38 -5.16
CA GLU A 485 -21.68 -38.52 -4.02
C GLU A 485 -20.22 -38.68 -3.67
N THR A 486 -19.58 -37.57 -3.32
CA THR A 486 -18.17 -37.55 -2.94
C THR A 486 -18.03 -37.04 -1.51
N PHE A 487 -16.78 -36.95 -1.06
CA PHE A 487 -16.52 -36.39 0.26
C PHE A 487 -16.95 -34.94 0.35
N PHE A 488 -16.66 -34.16 -0.70
CA PHE A 488 -17.00 -32.75 -0.70
C PHE A 488 -18.50 -32.53 -0.66
N SER A 489 -19.26 -33.36 -1.39
CA SER A 489 -20.72 -33.24 -1.36
C SER A 489 -21.27 -33.56 0.02
N VAL A 490 -20.69 -34.57 0.69
CA VAL A 490 -21.11 -34.89 2.06
C VAL A 490 -20.80 -33.74 3.00
N PHE A 491 -19.63 -33.12 2.82
CA PHE A 491 -19.30 -31.96 3.65
C PHE A 491 -20.25 -30.80 3.39
N ALA A 492 -20.63 -30.60 2.13
CA ALA A 492 -21.58 -29.54 1.79
C ALA A 492 -22.94 -29.81 2.41
N ILE A 493 -23.34 -31.07 2.48
CA ILE A 493 -24.59 -31.42 3.16
C ILE A 493 -24.47 -31.17 4.66
N PHE A 494 -23.31 -31.49 5.24
CA PHE A 494 -23.14 -31.36 6.68
C PHE A 494 -23.06 -29.91 7.15
N PHE A 495 -22.44 -29.03 6.35
CA PHE A 495 -22.11 -27.70 6.85
C PHE A 495 -23.29 -26.91 7.39
N PRO A 496 -24.48 -26.90 6.77
CA PRO A 496 -25.59 -26.13 7.35
C PRO A 496 -25.95 -26.53 8.79
N ALA A 497 -25.55 -27.72 9.24
CA ALA A 497 -25.79 -28.11 10.62
C ALA A 497 -24.87 -27.40 11.60
N ALA A 498 -23.72 -26.91 11.14
CA ALA A 498 -22.77 -26.23 12.01
C ALA A 498 -23.10 -24.76 12.20
N THR A 499 -23.98 -24.19 11.39
CA THR A 499 -24.30 -22.77 11.48
C THR A 499 -25.23 -22.53 12.67
N GLY A 500 -25.71 -21.29 12.79
CA GLY A 500 -26.49 -20.91 13.96
C GLY A 500 -25.67 -20.58 15.18
N ILE A 501 -24.37 -20.35 15.03
CA ILE A 501 -23.52 -20.02 16.16
C ILE A 501 -23.70 -18.58 16.63
N LEU A 502 -24.35 -17.75 15.82
CA LEU A 502 -24.56 -16.35 16.14
C LEU A 502 -25.96 -16.06 16.67
N ALA A 503 -26.72 -17.10 17.02
CA ALA A 503 -28.06 -16.86 17.55
C ALA A 503 -28.01 -16.10 18.85
N GLY A 504 -27.06 -16.43 19.73
CA GLY A 504 -26.92 -15.72 20.98
C GLY A 504 -26.25 -14.37 20.87
N ALA A 505 -25.60 -14.08 19.74
CA ALA A 505 -24.98 -12.78 19.53
C ALA A 505 -25.89 -11.83 18.79
N ASN A 506 -26.91 -12.34 18.09
CA ASN A 506 -27.91 -11.48 17.48
C ASN A 506 -28.93 -11.00 18.49
N ILE A 507 -28.90 -11.53 19.72
CA ILE A 507 -29.80 -11.09 20.77
C ILE A 507 -29.16 -10.01 21.64
N SER A 508 -27.93 -9.61 21.31
CA SER A 508 -27.11 -8.68 22.10
C SER A 508 -27.89 -7.50 22.65
N GLY A 509 -28.87 -7.01 21.90
CA GLY A 509 -29.69 -5.91 22.37
C GLY A 509 -30.62 -6.25 23.50
N ASP A 510 -30.64 -7.51 23.95
CA ASP A 510 -31.50 -7.95 25.03
C ASP A 510 -30.74 -8.73 26.10
N LEU A 511 -29.42 -8.74 26.04
CA LEU A 511 -28.63 -9.44 27.05
C LEU A 511 -28.39 -8.53 28.26
N ALA A 512 -28.30 -9.15 29.43
CA ALA A 512 -28.05 -8.39 30.65
C ALA A 512 -26.79 -7.56 30.50
N ASP A 513 -25.69 -8.20 30.09
CA ASP A 513 -24.52 -7.48 29.63
C ASP A 513 -23.71 -8.39 28.71
N PRO A 514 -23.48 -7.97 27.49
CA PRO A 514 -22.51 -8.69 26.65
C PRO A 514 -21.09 -8.42 27.13
N GLN A 515 -20.09 -8.90 26.38
CA GLN A 515 -18.68 -8.87 26.76
C GLN A 515 -18.41 -9.88 27.88
N SER A 516 -19.47 -10.45 28.42
CA SER A 516 -19.35 -11.56 29.37
C SER A 516 -20.27 -12.72 29.04
N ALA A 517 -21.34 -12.51 28.28
CA ALA A 517 -22.28 -13.56 27.93
C ALA A 517 -21.94 -14.22 26.60
N ILE A 518 -21.67 -13.41 25.58
CA ILE A 518 -21.44 -13.96 24.24
C ILE A 518 -20.24 -14.90 24.19
N PRO A 519 -19.06 -14.55 24.73
CA PRO A 519 -17.91 -15.45 24.62
C PRO A 519 -18.12 -16.83 25.22
N LYS A 520 -18.39 -16.89 26.54
CA LYS A 520 -18.50 -18.18 27.20
C LYS A 520 -19.68 -18.96 26.65
N GLY A 521 -20.82 -18.31 26.46
CA GLY A 521 -22.00 -19.00 25.95
C GLY A 521 -21.77 -19.59 24.58
N THR A 522 -21.24 -18.78 23.66
CA THR A 522 -21.02 -19.25 22.29
C THR A 522 -20.00 -20.37 22.24
N LEU A 523 -18.88 -20.22 22.95
CA LEU A 523 -17.85 -21.24 22.92
C LEU A 523 -18.34 -22.54 23.53
N LEU A 524 -19.04 -22.47 24.67
CA LEU A 524 -19.54 -23.67 25.30
C LEU A 524 -20.60 -24.34 24.43
N ALA A 525 -21.46 -23.56 23.78
CA ALA A 525 -22.44 -24.14 22.88
C ALA A 525 -21.79 -24.86 21.72
N ILE A 526 -20.76 -24.25 21.13
CA ILE A 526 -20.06 -24.90 20.02
C ILE A 526 -19.43 -26.20 20.49
N LEU A 527 -18.78 -26.17 21.65
CA LEU A 527 -18.15 -27.38 22.17
C LEU A 527 -19.17 -28.48 22.41
N ILE A 528 -20.30 -28.15 23.04
CA ILE A 528 -21.30 -29.16 23.37
C ILE A 528 -21.91 -29.74 22.10
N THR A 529 -22.26 -28.89 21.14
CA THR A 529 -22.85 -29.37 19.90
C THR A 529 -21.89 -30.27 19.14
N THR A 530 -20.60 -29.89 19.10
CA THR A 530 -19.62 -30.71 18.41
C THR A 530 -19.44 -32.06 19.10
N LEU A 531 -19.38 -32.06 20.43
CA LEU A 531 -19.25 -33.33 21.15
C LEU A 531 -20.43 -34.24 20.88
N VAL A 532 -21.65 -33.69 20.90
CA VAL A 532 -22.82 -34.51 20.64
C VAL A 532 -22.81 -35.03 19.21
N TYR A 533 -22.45 -34.18 18.25
CA TYR A 533 -22.39 -34.64 16.86
C TYR A 533 -21.41 -35.79 16.71
N VAL A 534 -20.22 -35.66 17.29
CA VAL A 534 -19.21 -36.71 17.16
C VAL A 534 -19.68 -37.99 17.82
N GLY A 535 -20.22 -37.88 19.04
CA GLY A 535 -20.68 -39.07 19.73
C GLY A 535 -21.80 -39.78 19.00
N ILE A 536 -22.76 -39.02 18.48
CA ILE A 536 -23.87 -39.62 17.75
C ILE A 536 -23.38 -40.29 16.48
N ALA A 537 -22.47 -39.63 15.75
CA ALA A 537 -21.93 -40.22 14.54
C ALA A 537 -21.24 -41.55 14.85
N VAL A 538 -20.36 -41.55 15.85
CA VAL A 538 -19.63 -42.77 16.18
C VAL A 538 -20.59 -43.87 16.63
N SER A 539 -21.56 -43.51 17.48
CA SER A 539 -22.49 -44.51 17.99
C SER A 539 -23.30 -45.14 16.87
N VAL A 540 -23.91 -44.32 16.02
CA VAL A 540 -24.73 -44.87 14.94
C VAL A 540 -23.88 -45.57 13.89
N GLY A 541 -22.58 -45.26 13.81
CA GLY A 541 -21.73 -45.96 12.86
C GLY A 541 -21.26 -47.32 13.36
N SER A 542 -21.00 -47.44 14.65
CA SER A 542 -20.54 -48.69 15.23
C SER A 542 -21.69 -49.57 15.69
N CYS A 543 -22.91 -49.31 15.24
CA CYS A 543 -24.08 -50.00 15.76
C CYS A 543 -24.99 -50.50 14.65
N VAL A 544 -24.99 -49.83 13.50
CA VAL A 544 -25.88 -50.15 12.40
C VAL A 544 -25.05 -50.42 11.15
N VAL A 545 -25.43 -51.45 10.40
CA VAL A 545 -24.73 -51.78 9.16
C VAL A 545 -25.30 -50.94 8.02
N ARG A 546 -24.52 -50.85 6.94
CA ARG A 546 -24.89 -49.96 5.84
C ARG A 546 -26.13 -50.45 5.11
N ASP A 547 -26.16 -51.72 4.75
CA ASP A 547 -27.25 -52.29 3.97
C ASP A 547 -28.01 -53.30 4.82
N ALA A 548 -29.33 -53.35 4.65
CA ALA A 548 -30.17 -54.23 5.44
C ALA A 548 -31.47 -54.49 4.71
N THR A 549 -31.66 -55.72 4.23
CA THR A 549 -32.91 -56.12 3.61
C THR A 549 -33.84 -56.62 4.71
N GLY A 550 -34.75 -55.74 5.14
CA GLY A 550 -35.62 -56.06 6.25
C GLY A 550 -36.59 -57.18 5.94
N ASN A 551 -36.32 -58.37 6.51
CA ASN A 551 -37.17 -59.52 6.30
C ASN A 551 -36.86 -60.59 7.34
N VAL A 552 -37.91 -61.12 7.98
CA VAL A 552 -37.71 -62.16 8.99
C VAL A 552 -37.13 -63.44 8.37
N ASN A 553 -37.29 -63.62 7.06
CA ASN A 553 -36.78 -64.81 6.39
C ASN A 553 -35.26 -64.88 6.39
N ASP A 554 -34.57 -63.77 6.67
CA ASP A 554 -33.12 -63.78 6.77
C ASP A 554 -32.72 -64.44 8.09
N THR A 555 -32.18 -65.65 8.00
CA THR A 555 -31.77 -66.40 9.19
C THR A 555 -30.32 -66.84 9.06
N ILE A 556 -29.73 -67.19 10.19
CA ILE A 556 -28.35 -67.70 10.23
C ILE A 556 -28.35 -69.05 10.92
N VAL A 557 -28.39 -70.12 10.13
CA VAL A 557 -28.42 -71.49 10.67
C VAL A 557 -27.05 -72.12 10.48
N THR A 558 -26.01 -71.29 10.43
CA THR A 558 -24.64 -71.74 10.21
C THR A 558 -24.51 -72.48 8.87
N GLU A 559 -25.04 -71.85 7.83
CA GLU A 559 -24.98 -72.44 6.50
C GLU A 559 -23.55 -72.42 5.98
N LEU A 560 -23.27 -73.32 5.04
CA LEU A 560 -21.93 -73.45 4.48
C LEU A 560 -21.61 -72.29 3.55
N THR A 561 -21.00 -71.25 4.09
CA THR A 561 -20.61 -70.08 3.31
C THR A 561 -19.47 -69.37 4.01
N ASN A 562 -18.73 -68.57 3.24
CA ASN A 562 -17.62 -67.79 3.80
C ASN A 562 -18.05 -66.37 4.12
N CYS A 563 -18.62 -65.66 3.13
CA CYS A 563 -19.13 -64.30 3.26
C CYS A 563 -18.18 -63.39 4.05
N THR A 564 -17.03 -63.08 3.48
CA THR A 564 -16.04 -62.24 4.15
C THR A 564 -16.50 -60.78 4.17
N SER A 565 -17.58 -60.55 4.92
CA SER A 565 -18.16 -59.23 5.10
C SER A 565 -18.80 -59.16 6.47
N ALA A 566 -18.95 -57.94 6.98
CA ALA A 566 -19.46 -57.74 8.33
C ALA A 566 -20.98 -57.76 8.38
N ALA A 567 -21.57 -58.79 7.80
CA ALA A 567 -23.01 -59.00 7.85
C ALA A 567 -23.38 -60.32 8.51
N CYS A 568 -22.76 -61.42 8.09
CA CYS A 568 -23.02 -62.74 8.66
C CYS A 568 -22.28 -62.96 9.98
N LYS A 569 -21.27 -62.15 10.29
CA LYS A 569 -20.54 -62.35 11.53
C LYS A 569 -21.45 -62.25 12.75
N LEU A 570 -22.52 -61.49 12.65
CA LEU A 570 -23.51 -61.41 13.72
C LEU A 570 -24.64 -62.43 13.50
N ASN A 571 -25.20 -62.45 12.30
CA ASN A 571 -26.28 -63.37 11.98
C ASN A 571 -26.61 -63.22 10.50
N PHE A 572 -27.49 -64.09 10.01
CA PHE A 572 -27.89 -64.03 8.61
C PHE A 572 -28.80 -62.84 8.29
N ASP A 573 -29.34 -62.16 9.31
CA ASP A 573 -30.25 -61.06 9.07
C ASP A 573 -29.53 -59.92 8.37
N PHE A 574 -30.23 -59.26 7.45
CA PHE A 574 -29.72 -58.12 6.69
C PHE A 574 -28.47 -58.50 5.89
N SER A 575 -28.66 -59.46 4.97
CA SER A 575 -27.57 -60.05 4.22
C SER A 575 -27.87 -60.06 2.74
N SER A 576 -26.87 -59.70 1.93
CA SER A 576 -26.89 -59.89 0.48
C SER A 576 -28.08 -59.18 -0.17
N CYS A 577 -28.08 -57.85 -0.07
CA CYS A 577 -29.01 -57.01 -0.81
C CYS A 577 -28.23 -56.08 -1.73
N GLU A 578 -27.16 -56.58 -2.33
CA GLU A 578 -26.33 -55.80 -3.24
C GLU A 578 -26.75 -55.92 -4.70
N SER A 579 -27.39 -57.02 -5.08
CA SER A 579 -27.86 -57.17 -6.46
C SER A 579 -28.92 -56.14 -6.78
N SER A 580 -29.86 -55.92 -5.87
CA SER A 580 -30.91 -54.94 -6.03
C SER A 580 -31.00 -54.09 -4.76
N PRO A 581 -31.35 -52.81 -4.90
CA PRO A 581 -31.43 -51.93 -3.72
C PRO A 581 -32.39 -52.44 -2.66
N CYS A 582 -31.89 -52.79 -1.49
CA CYS A 582 -32.73 -53.24 -0.39
C CYS A 582 -33.44 -52.06 0.25
N SER A 583 -34.40 -52.38 1.13
CA SER A 583 -35.38 -51.39 1.55
C SER A 583 -34.78 -50.31 2.45
N TYR A 584 -33.80 -50.63 3.27
CA TYR A 584 -33.25 -49.65 4.20
C TYR A 584 -31.91 -50.14 4.75
N GLY A 585 -31.43 -49.44 5.77
CA GLY A 585 -30.10 -49.56 6.31
C GLY A 585 -29.52 -48.18 6.53
N LEU A 586 -28.20 -48.11 6.77
CA LEU A 586 -27.56 -46.81 6.95
C LEU A 586 -27.54 -45.98 5.68
N MET A 587 -27.66 -46.62 4.51
CA MET A 587 -27.60 -45.91 3.25
C MET A 587 -28.95 -45.66 2.61
N ASN A 588 -29.95 -46.49 2.91
CA ASN A 588 -31.25 -46.39 2.25
C ASN A 588 -32.35 -45.95 3.20
N ASN A 589 -32.02 -45.61 4.44
CA ASN A 589 -33.01 -45.20 5.43
C ASN A 589 -32.59 -43.89 6.09
N PHE A 590 -33.56 -43.01 6.28
CA PHE A 590 -33.37 -41.80 7.08
C PHE A 590 -34.05 -41.87 8.43
N GLN A 591 -34.88 -42.89 8.67
CA GLN A 591 -35.56 -43.08 9.94
C GLN A 591 -34.81 -44.01 10.88
N VAL A 592 -33.59 -44.41 10.51
CA VAL A 592 -32.83 -45.36 11.32
C VAL A 592 -32.62 -44.81 12.73
N MET A 593 -32.52 -43.49 12.88
CA MET A 593 -32.47 -42.89 14.21
C MET A 593 -33.71 -43.23 15.01
N SER A 594 -34.88 -43.13 14.39
CA SER A 594 -36.14 -43.43 15.08
C SER A 594 -36.37 -44.91 15.24
N MET A 595 -35.52 -45.76 14.66
CA MET A 595 -35.60 -47.21 14.83
C MET A 595 -34.67 -47.73 15.90
N VAL A 596 -33.42 -47.25 15.91
CA VAL A 596 -32.44 -47.69 16.90
C VAL A 596 -32.91 -47.36 18.31
N SER A 597 -33.62 -46.26 18.48
CA SER A 597 -34.05 -45.81 19.79
C SER A 597 -35.19 -46.69 20.30
N GLY A 598 -35.76 -46.30 21.43
CA GLY A 598 -36.89 -47.01 21.99
C GLY A 598 -38.18 -46.38 21.55
N PHE A 599 -38.77 -45.55 22.41
CA PHE A 599 -39.96 -44.79 22.04
C PHE A 599 -39.70 -43.97 20.78
N THR A 600 -40.43 -44.28 19.70
CA THR A 600 -40.23 -43.64 18.41
C THR A 600 -40.90 -42.27 18.31
N PRO A 601 -42.15 -42.11 18.78
CA PRO A 601 -42.72 -40.75 18.79
C PRO A 601 -41.91 -39.75 19.59
N LEU A 602 -41.15 -40.20 20.59
CA LEU A 602 -40.24 -39.28 21.26
C LEU A 602 -39.17 -38.75 20.30
N ILE A 603 -38.65 -39.62 19.44
CA ILE A 603 -37.68 -39.18 18.44
C ILE A 603 -38.35 -38.26 17.43
N SER A 604 -39.60 -38.54 17.07
CA SER A 604 -40.32 -37.64 16.16
C SER A 604 -40.48 -36.26 16.79
N ALA A 605 -40.83 -36.21 18.08
CA ALA A 605 -40.90 -34.94 18.78
C ALA A 605 -39.54 -34.26 18.84
N GLY A 606 -38.47 -35.05 18.93
CA GLY A 606 -37.14 -34.48 18.81
C GLY A 606 -36.90 -33.81 17.47
N ILE A 607 -37.35 -34.46 16.39
CA ILE A 607 -37.29 -33.82 15.06
C ILE A 607 -38.02 -32.50 15.08
N PHE A 608 -39.24 -32.51 15.62
CA PHE A 608 -40.08 -31.31 15.60
C PHE A 608 -39.42 -30.18 16.37
N SER A 609 -38.91 -30.48 17.57
CA SER A 609 -38.25 -29.46 18.38
C SER A 609 -36.98 -28.97 17.70
N ALA A 610 -36.19 -29.87 17.12
CA ALA A 610 -34.94 -29.47 16.46
C ALA A 610 -35.21 -28.51 15.33
N THR A 611 -36.24 -28.76 14.53
CA THR A 611 -36.53 -27.85 13.42
C THR A 611 -37.12 -26.54 13.94
N LEU A 612 -38.07 -26.61 14.88
CA LEU A 612 -38.80 -25.42 15.27
C LEU A 612 -37.96 -24.47 16.11
N SER A 613 -37.06 -24.99 16.95
CA SER A 613 -36.19 -24.10 17.71
C SER A 613 -35.26 -23.30 16.79
N SER A 614 -34.67 -23.96 15.79
CA SER A 614 -33.81 -23.26 14.85
C SER A 614 -34.60 -22.26 14.02
N ALA A 615 -35.81 -22.63 13.60
CA ALA A 615 -36.63 -21.70 12.84
C ALA A 615 -36.99 -20.48 13.68
N LEU A 616 -37.35 -20.68 14.94
CA LEU A 616 -37.67 -19.57 15.83
C LEU A 616 -36.45 -18.68 16.06
N ALA A 617 -35.28 -19.29 16.23
CA ALA A 617 -34.06 -18.51 16.44
C ALA A 617 -33.75 -17.65 15.23
N SER A 618 -33.86 -18.21 14.03
CA SER A 618 -33.62 -17.43 12.82
C SER A 618 -34.66 -16.32 12.65
N LEU A 619 -35.93 -16.64 12.95
CA LEU A 619 -37.01 -15.68 12.80
C LEU A 619 -36.88 -14.53 13.79
N VAL A 620 -36.27 -14.78 14.94
CA VAL A 620 -36.02 -13.69 15.88
C VAL A 620 -34.78 -12.90 15.47
N SER A 621 -33.73 -13.59 15.04
CA SER A 621 -32.46 -12.91 14.78
C SER A 621 -32.55 -12.01 13.54
N ALA A 622 -33.32 -12.42 12.52
CA ALA A 622 -33.33 -11.64 11.28
C ALA A 622 -33.85 -10.22 11.47
N PRO A 623 -35.02 -9.97 12.08
CA PRO A 623 -35.48 -8.58 12.20
C PRO A 623 -34.65 -7.75 13.15
N LYS A 624 -34.01 -8.36 14.15
CA LYS A 624 -33.12 -7.59 15.01
C LYS A 624 -31.96 -7.00 14.20
N ILE A 625 -31.31 -7.83 13.39
CA ILE A 625 -30.25 -7.36 12.51
C ILE A 625 -30.79 -6.33 11.54
N PHE A 626 -31.98 -6.58 10.97
CA PHE A 626 -32.52 -5.65 10.00
C PHE A 626 -32.79 -4.28 10.61
N GLN A 627 -33.38 -4.25 11.82
CA GLN A 627 -33.71 -2.98 12.43
C GLN A 627 -32.47 -2.27 12.93
N ALA A 628 -31.45 -3.01 13.36
CA ALA A 628 -30.18 -2.37 13.70
C ALA A 628 -29.55 -1.72 12.47
N LEU A 629 -29.60 -2.41 11.34
CA LEU A 629 -29.08 -1.84 10.10
C LEU A 629 -29.91 -0.65 9.63
N CYS A 630 -31.23 -0.70 9.85
CA CYS A 630 -32.11 0.36 9.39
C CYS A 630 -32.02 1.60 10.28
N LYS A 631 -31.71 1.42 11.57
CA LYS A 631 -31.54 2.56 12.46
C LYS A 631 -30.36 3.43 12.08
N ASP A 632 -29.38 2.87 11.36
CA ASP A 632 -28.26 3.65 10.89
C ASP A 632 -28.52 4.33 9.55
N ASN A 633 -29.65 4.03 8.91
CA ASN A 633 -30.04 4.65 7.65
C ASN A 633 -28.98 4.46 6.57
N ILE A 634 -28.32 3.30 6.58
CA ILE A 634 -27.35 3.00 5.53
C ILE A 634 -28.06 2.86 4.19
N TYR A 635 -29.21 2.18 4.16
CA TYR A 635 -30.09 2.14 3.01
C TYR A 635 -31.32 2.97 3.36
N PRO A 636 -31.45 4.18 2.83
CA PRO A 636 -32.57 5.05 3.24
C PRO A 636 -33.91 4.59 2.69
N ALA A 637 -33.90 3.59 1.82
CA ALA A 637 -35.15 3.08 1.27
C ALA A 637 -35.90 2.19 2.26
N PHE A 638 -35.21 1.66 3.28
CA PHE A 638 -35.82 0.75 4.24
C PHE A 638 -36.03 1.40 5.60
N GLN A 639 -36.12 2.73 5.65
CA GLN A 639 -36.19 3.43 6.92
C GLN A 639 -37.43 3.04 7.72
N MET A 640 -38.47 2.54 7.06
CA MET A 640 -39.72 2.23 7.75
C MET A 640 -39.59 1.00 8.65
N PHE A 641 -38.54 0.19 8.49
CA PHE A 641 -38.39 -1.05 9.22
C PHE A 641 -37.56 -0.91 10.49
N ALA A 642 -37.25 0.33 10.88
CA ALA A 642 -36.44 0.56 12.06
C ALA A 642 -37.25 0.82 13.32
N LYS A 643 -38.56 1.06 13.19
CA LYS A 643 -39.36 1.44 14.35
C LYS A 643 -39.73 0.20 15.17
N GLY A 644 -39.75 0.38 16.48
CA GLY A 644 -40.09 -0.70 17.39
C GLY A 644 -41.32 -0.42 18.21
N TYR A 645 -42.01 -1.47 18.66
CA TYR A 645 -43.22 -1.34 19.45
C TYR A 645 -43.00 -1.92 20.84
N GLY A 646 -43.81 -1.47 21.79
CA GLY A 646 -43.76 -2.01 23.13
C GLY A 646 -42.65 -1.43 23.97
N LYS A 647 -42.51 -1.99 25.17
CA LYS A 647 -41.45 -1.55 26.08
C LYS A 647 -40.08 -1.80 25.46
N ASN A 648 -39.75 -3.07 25.23
CA ASN A 648 -38.56 -3.39 24.46
C ASN A 648 -38.82 -3.11 22.98
N ASN A 649 -37.85 -2.48 22.32
CA ASN A 649 -38.02 -2.09 20.93
C ASN A 649 -38.06 -3.35 20.08
N GLU A 650 -39.27 -3.73 19.65
CA GLU A 650 -39.47 -4.95 18.89
C GLU A 650 -39.82 -4.63 17.45
N PRO A 651 -39.00 -5.00 16.48
CA PRO A 651 -39.28 -4.64 15.08
C PRO A 651 -40.43 -5.44 14.50
N LEU A 652 -41.66 -5.03 14.82
CA LEU A 652 -42.83 -5.77 14.34
C LEU A 652 -42.92 -5.70 12.81
N ARG A 653 -42.58 -4.56 12.23
CA ARG A 653 -42.57 -4.45 10.77
C ARG A 653 -41.54 -5.40 10.17
N GLY A 654 -40.36 -5.48 10.76
CA GLY A 654 -39.38 -6.46 10.32
C GLY A 654 -39.85 -7.89 10.53
N TYR A 655 -40.63 -8.13 11.59
CA TYR A 655 -41.22 -9.45 11.80
C TYR A 655 -42.16 -9.82 10.67
N ILE A 656 -43.01 -8.87 10.25
CA ILE A 656 -43.91 -9.13 9.14
C ILE A 656 -43.13 -9.34 7.85
N LEU A 657 -42.05 -8.58 7.66
CA LEU A 657 -41.24 -8.74 6.46
C LEU A 657 -40.60 -10.12 6.39
N THR A 658 -39.99 -10.55 7.50
CA THR A 658 -39.35 -11.86 7.48
C THR A 658 -40.38 -12.98 7.38
N PHE A 659 -41.55 -12.80 7.98
CA PHE A 659 -42.62 -13.77 7.83
C PHE A 659 -43.04 -13.88 6.37
N LEU A 660 -43.18 -12.75 5.67
CA LEU A 660 -43.56 -12.77 4.28
C LEU A 660 -42.51 -13.44 3.42
N ILE A 661 -41.24 -13.13 3.66
CA ILE A 661 -40.17 -13.75 2.87
C ILE A 661 -40.14 -15.26 3.10
N ALA A 662 -40.24 -15.69 4.36
CA ALA A 662 -40.25 -17.11 4.66
C ALA A 662 -41.45 -17.79 4.04
N LEU A 663 -42.63 -17.16 4.09
CA LEU A 663 -43.82 -17.74 3.50
C LEU A 663 -43.66 -17.86 1.99
N GLY A 664 -43.07 -16.86 1.34
CA GLY A 664 -42.85 -16.95 -0.09
C GLY A 664 -41.91 -18.08 -0.46
N PHE A 665 -40.84 -18.25 0.31
CA PHE A 665 -39.91 -19.34 0.01
C PHE A 665 -40.49 -20.71 0.39
N ILE A 666 -41.43 -20.75 1.33
CA ILE A 666 -42.04 -22.03 1.70
C ILE A 666 -42.95 -22.54 0.60
N LEU A 667 -43.67 -21.65 -0.07
CA LEU A 667 -44.55 -22.05 -1.15
C LEU A 667 -43.80 -22.75 -2.28
N ILE A 668 -42.56 -22.34 -2.52
CA ILE A 668 -41.73 -23.04 -3.50
C ILE A 668 -41.46 -24.47 -3.03
N ALA A 669 -41.12 -24.63 -1.75
CA ALA A 669 -41.01 -25.93 -1.09
C ALA A 669 -39.92 -26.82 -1.67
N GLU A 670 -39.15 -26.30 -2.64
CA GLU A 670 -38.03 -27.04 -3.24
C GLU A 670 -36.83 -26.10 -3.20
N LEU A 671 -36.11 -26.12 -2.08
CA LEU A 671 -35.03 -25.19 -1.82
C LEU A 671 -33.65 -25.82 -1.93
N ASN A 672 -33.55 -27.05 -2.43
CA ASN A 672 -32.25 -27.70 -2.53
C ASN A 672 -31.34 -26.95 -3.49
N VAL A 673 -31.90 -26.29 -4.49
CA VAL A 673 -31.11 -25.40 -5.34
C VAL A 673 -30.70 -24.16 -4.57
N ILE A 674 -31.61 -23.64 -3.74
CA ILE A 674 -31.33 -22.43 -2.96
C ILE A 674 -30.26 -22.69 -1.90
N ALA A 675 -30.19 -23.90 -1.37
CA ALA A 675 -29.39 -24.19 -0.18
C ALA A 675 -27.92 -23.76 -0.27
N PRO A 676 -27.19 -24.03 -1.35
CA PRO A 676 -25.80 -23.57 -1.40
C PRO A 676 -25.66 -22.07 -1.30
N ILE A 677 -26.61 -21.30 -1.84
CA ILE A 677 -26.54 -19.85 -1.75
C ILE A 677 -26.62 -19.40 -0.30
N ILE A 678 -27.54 -19.99 0.47
CA ILE A 678 -27.70 -19.60 1.87
C ILE A 678 -26.48 -20.02 2.69
N SER A 679 -25.95 -21.22 2.42
CA SER A 679 -24.75 -21.64 3.12
C SER A 679 -23.58 -20.70 2.80
N ASN A 680 -23.48 -20.27 1.54
CA ASN A 680 -22.42 -19.34 1.15
C ASN A 680 -22.61 -17.98 1.80
N PHE A 681 -23.87 -17.54 1.97
CA PHE A 681 -24.13 -16.29 2.68
C PHE A 681 -23.64 -16.37 4.12
N PHE A 682 -23.98 -17.46 4.81
CA PHE A 682 -23.51 -17.65 6.18
C PHE A 682 -21.99 -17.69 6.24
N LEU A 683 -21.36 -18.38 5.28
CA LEU A 683 -19.91 -18.47 5.25
C LEU A 683 -19.28 -17.10 5.03
N ALA A 684 -19.87 -16.28 4.17
CA ALA A 684 -19.36 -14.94 3.94
C ALA A 684 -19.45 -14.10 5.20
N SER A 685 -20.56 -14.22 5.93
CA SER A 685 -20.69 -13.50 7.20
C SER A 685 -19.60 -13.92 8.18
N TYR A 686 -19.37 -15.24 8.31
CA TYR A 686 -18.35 -15.74 9.22
C TYR A 686 -16.96 -15.26 8.80
N ALA A 687 -16.69 -15.30 7.50
CA ALA A 687 -15.40 -14.87 6.98
C ALA A 687 -15.15 -13.40 7.27
N LEU A 688 -16.16 -12.56 7.11
CA LEU A 688 -15.93 -11.14 7.38
C LEU A 688 -15.85 -10.86 8.88
N ILE A 689 -16.44 -11.68 9.72
CA ILE A 689 -16.20 -11.56 11.15
C ILE A 689 -14.73 -11.83 11.46
N ASN A 690 -14.21 -12.94 10.92
CA ASN A 690 -12.80 -13.28 11.15
C ASN A 690 -11.88 -12.20 10.59
N PHE A 691 -12.21 -11.69 9.41
CA PHE A 691 -11.44 -10.61 8.82
C PHE A 691 -11.56 -9.33 9.64
N SER A 692 -12.69 -9.10 10.29
CA SER A 692 -12.81 -7.96 11.19
C SER A 692 -11.79 -8.04 12.30
N VAL A 693 -11.65 -9.23 12.92
CA VAL A 693 -10.66 -9.37 13.97
C VAL A 693 -9.25 -9.18 13.42
N PHE A 694 -8.97 -9.79 12.26
CA PHE A 694 -7.63 -9.67 11.69
C PHE A 694 -7.30 -8.23 11.34
N HIS A 695 -8.28 -7.50 10.79
CA HIS A 695 -8.08 -6.09 10.46
C HIS A 695 -7.86 -5.25 11.70
N ALA A 696 -8.65 -5.45 12.75
CA ALA A 696 -8.47 -4.68 13.97
C ALA A 696 -7.15 -4.99 14.64
N SER A 697 -6.60 -6.18 14.40
CA SER A 697 -5.30 -6.52 14.96
C SER A 697 -4.14 -6.03 14.09
N LEU A 698 -4.32 -5.97 12.77
CA LEU A 698 -3.28 -5.46 11.90
C LEU A 698 -3.09 -3.95 12.10
N ALA A 699 -4.19 -3.20 12.06
CA ALA A 699 -4.15 -1.84 12.59
C ALA A 699 -3.91 -1.92 14.09
N LYS A 700 -3.12 -0.98 14.60
CA LYS A 700 -2.69 -1.05 15.99
C LYS A 700 -3.29 0.09 16.80
N SER A 701 -4.59 0.31 16.62
CA SER A 701 -5.30 1.34 17.35
C SER A 701 -5.21 1.08 18.84
N PRO A 702 -4.85 2.08 19.65
CA PRO A 702 -4.84 1.88 21.10
C PRO A 702 -6.20 1.44 21.63
N GLY A 703 -7.27 1.86 20.99
CA GLY A 703 -8.62 1.52 21.38
C GLY A 703 -9.14 0.19 20.90
N TRP A 704 -8.27 -0.67 20.34
CA TRP A 704 -8.69 -2.02 20.01
C TRP A 704 -8.98 -2.82 21.27
N ARG A 705 -7.98 -2.99 22.13
CA ARG A 705 -8.10 -3.41 23.52
C ARG A 705 -9.24 -4.38 23.83
N PRO A 706 -9.24 -5.59 23.28
CA PRO A 706 -10.30 -6.55 23.63
C PRO A 706 -10.07 -7.19 24.99
N ALA A 707 -11.18 -7.46 25.68
CA ALA A 707 -11.10 -8.08 26.99
C ALA A 707 -10.95 -9.59 26.94
N PHE A 708 -11.13 -10.19 25.78
CA PHE A 708 -11.08 -11.64 25.61
C PHE A 708 -9.74 -12.01 25.00
N LYS A 709 -8.99 -12.88 25.68
CA LYS A 709 -7.73 -13.37 25.18
C LYS A 709 -7.98 -14.55 24.25
N TYR A 710 -6.91 -15.22 23.83
CA TYR A 710 -7.00 -16.37 22.92
C TYR A 710 -7.71 -15.98 21.62
N TYR A 711 -7.18 -14.96 20.96
CA TYR A 711 -7.77 -14.45 19.72
C TYR A 711 -6.67 -14.10 18.72
N ASN A 712 -5.68 -14.97 18.58
CA ASN A 712 -4.53 -14.68 17.72
C ASN A 712 -4.99 -14.28 16.32
N MET A 713 -4.43 -13.17 15.83
CA MET A 713 -4.88 -12.60 14.57
C MET A 713 -4.54 -13.48 13.38
N TRP A 714 -3.45 -14.25 13.46
CA TRP A 714 -3.15 -15.18 12.40
C TRP A 714 -4.16 -16.31 12.34
N ILE A 715 -4.67 -16.73 13.49
CA ILE A 715 -5.74 -17.72 13.51
C ILE A 715 -7.02 -17.13 12.91
N SER A 716 -7.28 -15.84 13.16
CA SER A 716 -8.45 -15.21 12.55
C SER A 716 -8.30 -15.09 11.03
N LEU A 717 -7.11 -14.74 10.57
CA LEU A 717 -6.87 -14.70 9.12
C LEU A 717 -7.02 -16.09 8.51
N LEU A 718 -6.50 -17.11 9.19
CA LEU A 718 -6.66 -18.49 8.73
C LEU A 718 -8.13 -18.87 8.68
N GLY A 719 -8.91 -18.44 9.68
CA GLY A 719 -10.34 -18.74 9.68
C GLY A 719 -11.07 -18.07 8.54
N ALA A 720 -10.72 -16.82 8.23
CA ALA A 720 -11.32 -16.16 7.07
C ALA A 720 -10.96 -16.87 5.77
N ILE A 721 -9.70 -17.27 5.63
CA ILE A 721 -9.28 -18.00 4.44
C ILE A 721 -10.02 -19.32 4.32
N LEU A 722 -10.15 -20.06 5.43
CA LEU A 722 -10.86 -21.33 5.42
C LEU A 722 -12.34 -21.13 5.11
N CYS A 723 -12.94 -20.04 5.61
CA CYS A 723 -14.33 -19.76 5.28
C CYS A 723 -14.51 -19.52 3.79
N CYS A 724 -13.59 -18.76 3.18
CA CYS A 724 -13.66 -18.57 1.74
C CYS A 724 -13.47 -19.89 0.98
N ILE A 725 -12.53 -20.72 1.44
CA ILE A 725 -12.27 -21.99 0.77
C ILE A 725 -13.50 -22.90 0.86
N VAL A 726 -14.11 -22.99 2.05
CA VAL A 726 -15.29 -23.82 2.22
C VAL A 726 -16.46 -23.25 1.40
N MET A 727 -16.54 -21.93 1.30
CA MET A 727 -17.53 -21.32 0.42
C MET A 727 -17.33 -21.77 -1.02
N PHE A 728 -16.07 -21.87 -1.44
CA PHE A 728 -15.79 -22.31 -2.82
C PHE A 728 -16.04 -23.79 -3.01
N VAL A 729 -15.83 -24.59 -1.97
CA VAL A 729 -15.94 -26.05 -2.10
C VAL A 729 -17.37 -26.43 -2.46
N ILE A 730 -18.35 -25.81 -1.83
CA ILE A 730 -19.75 -26.08 -2.13
C ILE A 730 -20.21 -25.07 -3.17
N ASN A 731 -20.52 -25.55 -4.38
CA ASN A 731 -21.22 -24.77 -5.40
C ASN A 731 -20.46 -23.48 -5.74
N TRP A 732 -19.32 -23.67 -6.40
CA TRP A 732 -18.44 -22.60 -6.84
C TRP A 732 -19.21 -21.39 -7.39
N TRP A 733 -20.24 -21.62 -8.19
CA TRP A 733 -20.95 -20.48 -8.78
C TRP A 733 -21.79 -19.75 -7.74
N ALA A 734 -22.26 -20.46 -6.71
CA ALA A 734 -22.88 -19.77 -5.59
C ALA A 734 -21.90 -18.86 -4.88
N ALA A 735 -20.64 -19.31 -4.74
CA ALA A 735 -19.61 -18.48 -4.14
C ALA A 735 -19.34 -17.25 -5.01
N LEU A 736 -19.25 -17.43 -6.33
CA LEU A 736 -19.08 -16.27 -7.20
C LEU A 736 -20.24 -15.30 -7.06
N LEU A 737 -21.47 -15.83 -7.01
CA LEU A 737 -22.63 -14.96 -6.89
C LEU A 737 -22.60 -14.19 -5.58
N THR A 738 -22.28 -14.85 -4.47
CA THR A 738 -22.26 -14.16 -3.18
C THR A 738 -21.15 -13.12 -3.14
N TYR A 739 -19.99 -13.41 -3.75
CA TYR A 739 -18.96 -12.38 -3.84
C TYR A 739 -19.46 -11.19 -4.64
N VAL A 740 -20.23 -11.46 -5.71
CA VAL A 740 -20.77 -10.37 -6.52
C VAL A 740 -21.72 -9.51 -5.70
N ILE A 741 -22.61 -10.13 -4.93
CA ILE A 741 -23.55 -9.35 -4.12
C ILE A 741 -22.80 -8.52 -3.07
N VAL A 742 -21.83 -9.14 -2.40
CA VAL A 742 -21.08 -8.40 -1.38
C VAL A 742 -20.35 -7.22 -2.01
N LEU A 743 -19.70 -7.44 -3.15
CA LEU A 743 -18.95 -6.38 -3.82
C LEU A 743 -19.89 -5.26 -4.28
N GLY A 744 -21.04 -5.62 -4.85
CA GLY A 744 -21.97 -4.60 -5.30
C GLY A 744 -22.54 -3.79 -4.17
N LEU A 745 -22.92 -4.45 -3.07
CA LEU A 745 -23.42 -3.71 -1.91
C LEU A 745 -22.34 -2.80 -1.32
N TYR A 746 -21.10 -3.29 -1.27
CA TYR A 746 -20.00 -2.47 -0.76
C TYR A 746 -19.80 -1.23 -1.62
N ILE A 747 -19.82 -1.40 -2.95
CA ILE A 747 -19.65 -0.25 -3.84
C ILE A 747 -20.82 0.72 -3.69
N TYR A 748 -22.04 0.20 -3.60
CA TYR A 748 -23.19 1.10 -3.45
C TYR A 748 -23.10 1.90 -2.17
N VAL A 749 -22.70 1.25 -1.06
CA VAL A 749 -22.61 1.96 0.20
C VAL A 749 -21.50 3.00 0.16
N THR A 750 -20.32 2.64 -0.37
CA THR A 750 -19.24 3.60 -0.41
C THR A 750 -19.52 4.74 -1.38
N TYR A 751 -20.38 4.54 -2.37
CA TYR A 751 -20.79 5.65 -3.22
C TYR A 751 -21.81 6.53 -2.52
N LYS A 752 -22.75 5.92 -1.78
CA LYS A 752 -23.75 6.71 -1.06
C LYS A 752 -23.11 7.56 0.03
N LYS A 753 -22.04 7.05 0.65
CA LYS A 753 -21.26 7.76 1.67
C LYS A 753 -22.17 8.26 2.79
N PRO A 754 -22.67 7.38 3.65
CA PRO A 754 -23.53 7.82 4.74
C PRO A 754 -22.74 8.58 5.80
N ASP A 755 -23.45 9.47 6.52
CA ASP A 755 -22.81 10.33 7.51
C ASP A 755 -22.82 9.62 8.86
N VAL A 756 -21.83 8.76 9.05
CA VAL A 756 -21.61 8.07 10.32
C VAL A 756 -20.12 8.09 10.62
N ASN A 757 -19.80 7.93 11.91
CA ASN A 757 -18.41 7.92 12.35
C ASN A 757 -18.34 7.06 13.61
N TRP A 758 -17.92 5.81 13.46
CA TRP A 758 -17.93 4.84 14.55
C TRP A 758 -16.54 4.44 15.01
N GLY A 759 -15.49 5.10 14.53
CA GLY A 759 -14.15 4.73 14.91
C GLY A 759 -13.72 3.38 14.39
N SER A 760 -14.03 3.08 13.13
CA SER A 760 -13.79 1.77 12.56
C SER A 760 -12.29 1.51 12.39
N SER A 761 -11.95 0.24 12.22
CA SER A 761 -10.56 -0.15 11.99
C SER A 761 -10.04 0.33 10.65
N THR A 762 -10.93 0.66 9.70
CA THR A 762 -10.48 1.20 8.43
C THR A 762 -9.75 2.53 8.61
N GLN A 763 -10.29 3.42 9.45
CA GLN A 763 -9.65 4.70 9.67
C GLN A 763 -8.35 4.55 10.44
N ALA A 764 -8.31 3.64 11.42
CA ALA A 764 -7.07 3.36 12.12
C ALA A 764 -6.01 2.84 11.17
N LEU A 765 -6.39 1.96 10.24
CA LEU A 765 -5.43 1.46 9.28
C LEU A 765 -5.00 2.55 8.31
N THR A 766 -5.89 3.47 7.97
CA THR A 766 -5.50 4.61 7.14
C THR A 766 -4.39 5.40 7.83
N TYR A 767 -4.58 5.70 9.11
CA TYR A 767 -3.54 6.43 9.84
C TYR A 767 -2.24 5.64 9.89
N LEU A 768 -2.32 4.35 10.21
CA LEU A 768 -1.12 3.54 10.33
C LEU A 768 -0.36 3.44 9.02
N ASN A 769 -1.09 3.28 7.90
CA ASN A 769 -0.46 3.22 6.60
C ASN A 769 0.22 4.55 6.25
N ALA A 770 -0.47 5.67 6.50
CA ALA A 770 0.16 6.96 6.22
C ALA A 770 1.44 7.14 7.03
N LEU A 771 1.38 6.80 8.32
CA LEU A 771 2.56 6.96 9.16
C LEU A 771 3.70 6.07 8.70
N GLN A 772 3.40 4.80 8.38
CA GLN A 772 4.45 3.89 7.95
C GLN A 772 5.08 4.33 6.64
N HIS A 773 4.25 4.79 5.70
CA HIS A 773 4.79 5.25 4.41
C HIS A 773 5.65 6.50 4.60
N SER A 774 5.23 7.41 5.48
CA SER A 774 6.05 8.60 5.74
C SER A 774 7.37 8.22 6.40
N ILE A 775 7.35 7.25 7.32
CA ILE A 775 8.57 6.81 7.96
C ILE A 775 9.52 6.19 6.94
N ARG A 776 8.95 5.40 6.01
CA ARG A 776 9.76 4.84 4.93
C ARG A 776 10.34 5.94 4.05
N LEU A 777 9.55 6.97 3.74
CA LEU A 777 10.04 8.07 2.92
C LEU A 777 11.15 8.83 3.61
N SER A 778 11.12 8.92 4.93
CA SER A 778 12.15 9.65 5.66
C SER A 778 13.54 9.06 5.47
N GLY A 779 13.64 7.80 5.06
CA GLY A 779 14.93 7.18 4.86
C GLY A 779 15.39 7.15 3.42
N VAL A 780 14.77 7.97 2.58
CA VAL A 780 15.06 8.01 1.15
C VAL A 780 15.89 9.25 0.86
N GLU A 781 17.07 9.05 0.28
CA GLU A 781 17.94 10.18 -0.04
C GLU A 781 17.39 10.95 -1.24
N ASP A 782 17.50 12.28 -1.17
CA ASP A 782 17.01 13.14 -2.24
C ASP A 782 17.91 13.04 -3.46
N HIS A 783 17.30 13.19 -4.64
CA HIS A 783 18.03 13.21 -5.90
C HIS A 783 17.40 14.25 -6.81
N VAL A 784 18.21 14.78 -7.73
CA VAL A 784 17.78 15.91 -8.55
C VAL A 784 16.61 15.51 -9.44
N LYS A 785 16.67 14.33 -10.05
CA LYS A 785 15.61 13.93 -10.96
C LYS A 785 14.36 13.42 -10.23
N ASN A 786 14.41 13.34 -8.90
CA ASN A 786 13.23 13.03 -8.10
C ASN A 786 12.63 14.28 -7.46
N PHE A 787 13.10 15.46 -7.84
CA PHE A 787 12.58 16.70 -7.27
C PHE A 787 11.11 16.89 -7.67
N ARG A 788 10.31 17.38 -6.72
CA ARG A 788 8.95 17.78 -7.01
C ARG A 788 8.69 19.14 -6.40
N PRO A 789 7.81 19.93 -7.02
CA PRO A 789 7.40 21.20 -6.41
C PRO A 789 6.53 21.00 -5.18
N GLN A 790 7.08 21.27 -4.00
CA GLN A 790 6.34 21.17 -2.75
C GLN A 790 5.97 22.59 -2.33
N CYS A 791 4.73 22.98 -2.61
CA CYS A 791 4.34 24.38 -2.59
C CYS A 791 3.49 24.69 -1.36
N LEU A 792 3.86 25.76 -0.66
CA LEU A 792 3.05 26.32 0.41
C LEU A 792 2.42 27.59 -0.13
N VAL A 793 1.10 27.60 -0.24
CA VAL A 793 0.36 28.71 -0.84
C VAL A 793 -0.30 29.51 0.28
N MET A 794 -0.12 30.82 0.23
CA MET A 794 -0.70 31.71 1.24
C MET A 794 -2.08 32.16 0.77
N THR A 795 -3.00 31.20 0.74
CA THR A 795 -4.36 31.46 0.29
C THR A 795 -5.19 32.21 1.31
N GLY A 796 -4.87 32.09 2.58
CA GLY A 796 -5.81 32.48 3.62
C GLY A 796 -6.96 31.50 3.64
N ALA A 797 -8.18 31.97 3.43
CA ALA A 797 -9.28 31.06 3.23
C ALA A 797 -9.17 30.46 1.82
N PRO A 798 -9.15 29.13 1.68
CA PRO A 798 -8.87 28.53 0.37
C PRO A 798 -9.95 28.78 -0.67
N ASN A 799 -11.08 29.37 -0.31
CA ASN A 799 -12.12 29.71 -1.25
C ASN A 799 -12.14 31.19 -1.60
N SER A 800 -11.20 31.98 -1.09
CA SER A 800 -11.17 33.41 -1.39
C SER A 800 -10.77 33.66 -2.83
N ARG A 801 -9.72 32.97 -3.29
CA ARG A 801 -9.25 33.07 -4.67
C ARG A 801 -9.32 31.69 -5.30
N PRO A 802 -10.41 31.36 -6.00
CA PRO A 802 -10.55 30.00 -6.53
C PRO A 802 -9.74 29.75 -7.79
N ALA A 803 -9.62 30.75 -8.66
CA ALA A 803 -8.83 30.58 -9.87
C ALA A 803 -7.36 30.36 -9.54
N LEU A 804 -6.83 31.11 -8.56
CA LEU A 804 -5.47 30.91 -8.12
C LEU A 804 -5.27 29.52 -7.54
N LEU A 805 -6.23 29.06 -6.73
CA LEU A 805 -6.12 27.73 -6.15
C LEU A 805 -6.13 26.65 -7.23
N HIS A 806 -7.00 26.80 -8.24
CA HIS A 806 -7.04 25.84 -9.34
C HIS A 806 -5.73 25.85 -10.12
N LEU A 807 -5.17 27.03 -10.36
CA LEU A 807 -3.92 27.10 -11.10
C LEU A 807 -2.79 26.42 -10.33
N VAL A 808 -2.70 26.65 -9.03
CA VAL A 808 -1.67 25.99 -8.24
C VAL A 808 -1.91 24.48 -8.21
N HIS A 809 -3.17 24.06 -8.14
CA HIS A 809 -3.50 22.65 -8.21
C HIS A 809 -3.07 22.04 -9.53
N ASP A 810 -3.09 22.82 -10.61
CA ASP A 810 -2.77 22.28 -11.92
C ASP A 810 -1.36 21.72 -11.98
N PHE A 811 -0.39 22.42 -11.41
CA PHE A 811 0.98 21.89 -11.39
C PHE A 811 1.34 21.25 -10.06
N THR A 812 0.36 20.81 -9.29
CA THR A 812 0.62 20.16 -8.01
C THR A 812 -0.12 18.84 -7.90
N LYS A 813 -1.24 18.70 -8.60
CA LYS A 813 -2.06 17.50 -8.47
C LYS A 813 -1.29 16.28 -8.96
N ASN A 814 -1.18 15.27 -8.09
CA ASN A 814 -0.49 14.02 -8.32
C ASN A 814 1.02 14.19 -8.46
N VAL A 815 1.53 15.41 -8.33
CA VAL A 815 2.96 15.67 -8.36
C VAL A 815 3.30 16.69 -7.28
N GLY A 816 4.00 16.25 -6.25
CA GLY A 816 4.38 17.16 -5.18
C GLY A 816 3.27 17.42 -4.19
N LEU A 817 3.54 18.38 -3.31
CA LEU A 817 2.69 18.64 -2.15
C LEU A 817 2.14 20.05 -2.21
N MET A 818 0.86 20.18 -1.86
CA MET A 818 0.17 21.46 -1.78
C MET A 818 -0.27 21.69 -0.34
N ILE A 819 0.17 22.80 0.24
CA ILE A 819 -0.25 23.20 1.58
C ILE A 819 -0.88 24.57 1.49
N CYS A 820 -2.15 24.68 1.86
CA CYS A 820 -2.83 25.97 1.94
C CYS A 820 -2.61 26.53 3.33
N GLY A 821 -1.90 27.67 3.41
CA GLY A 821 -1.57 28.29 4.66
C GLY A 821 -2.51 29.43 4.99
N HIS A 822 -3.05 29.39 6.20
CA HIS A 822 -3.95 30.43 6.70
C HIS A 822 -3.42 30.93 8.03
N VAL A 823 -3.33 32.24 8.17
CA VAL A 823 -2.88 32.87 9.41
C VAL A 823 -4.08 33.52 10.08
N HIS A 824 -4.31 33.17 11.34
CA HIS A 824 -5.43 33.70 12.11
C HIS A 824 -4.91 34.65 13.16
N MET A 825 -5.54 35.81 13.29
CA MET A 825 -5.17 36.82 14.25
C MET A 825 -6.28 36.98 15.29
N GLY A 826 -6.01 37.81 16.29
CA GLY A 826 -6.99 38.13 17.30
C GLY A 826 -6.66 37.52 18.65
N PRO A 827 -7.58 37.65 19.61
CA PRO A 827 -7.36 37.05 20.92
C PRO A 827 -7.29 35.53 20.83
N ARG A 828 -6.46 34.94 21.70
CA ARG A 828 -6.15 33.52 21.57
C ARG A 828 -7.37 32.64 21.78
N ARG A 829 -8.21 32.96 22.77
CA ARG A 829 -9.34 32.11 23.09
C ARG A 829 -10.32 32.02 21.92
N GLN A 830 -10.66 33.17 21.32
CA GLN A 830 -11.56 33.16 20.18
C GLN A 830 -10.90 32.61 18.94
N ALA A 831 -9.59 32.88 18.77
CA ALA A 831 -8.90 32.43 17.58
C ALA A 831 -8.74 30.92 17.55
N MET A 832 -8.58 30.27 18.70
CA MET A 832 -8.49 28.82 18.72
C MET A 832 -9.80 28.18 18.25
N LYS A 833 -10.94 28.70 18.72
CA LYS A 833 -12.22 28.19 18.26
C LYS A 833 -12.43 28.48 16.78
N GLU A 834 -12.02 29.67 16.33
CA GLU A 834 -12.14 30.00 14.91
C GLU A 834 -11.31 29.04 14.06
N MET A 835 -10.09 28.73 14.50
CA MET A 835 -9.25 27.80 13.77
C MET A 835 -9.84 26.40 13.77
N SER A 836 -10.42 25.98 14.90
CA SER A 836 -11.03 24.65 14.96
C SER A 836 -12.22 24.55 14.00
N ILE A 837 -13.03 25.60 13.92
CA ILE A 837 -14.18 25.58 13.01
C ILE A 837 -13.69 25.61 11.56
N ASP A 838 -12.75 26.50 11.25
CA ASP A 838 -12.28 26.66 9.89
C ASP A 838 -11.53 25.43 9.39
N GLN A 839 -10.80 24.75 10.27
CA GLN A 839 -10.11 23.53 9.85
C GLN A 839 -11.08 22.53 9.26
N ALA A 840 -12.14 22.21 10.00
CA ALA A 840 -13.13 21.27 9.50
C ALA A 840 -13.82 21.81 8.26
N LYS A 841 -14.28 23.07 8.30
CA LYS A 841 -15.02 23.62 7.18
C LYS A 841 -14.21 23.59 5.90
N TYR A 842 -12.97 24.09 5.94
CA TYR A 842 -12.17 24.21 4.74
C TYR A 842 -11.58 22.88 4.29
N GLN A 843 -11.25 21.97 5.21
CA GLN A 843 -10.84 20.64 4.76
C GLN A 843 -11.98 19.94 4.05
N ARG A 844 -13.21 20.07 4.57
CA ARG A 844 -14.36 19.48 3.88
C ARG A 844 -14.58 20.15 2.53
N TRP A 845 -14.42 21.47 2.46
CA TRP A 845 -14.57 22.16 1.18
C TRP A 845 -13.52 21.70 0.16
N LEU A 846 -12.28 21.52 0.61
CA LEU A 846 -11.24 21.03 -0.28
C LEU A 846 -11.55 19.63 -0.78
N ILE A 847 -12.01 18.75 0.12
CA ILE A 847 -12.33 17.39 -0.29
C ILE A 847 -13.51 17.39 -1.26
N LYS A 848 -14.51 18.23 -1.01
CA LYS A 848 -15.72 18.24 -1.84
C LYS A 848 -15.47 18.80 -3.23
N ASN A 849 -14.32 19.41 -3.49
CA ASN A 849 -14.01 19.96 -4.80
C ASN A 849 -12.85 19.24 -5.47
N LYS A 850 -12.54 18.02 -5.01
CA LYS A 850 -11.49 17.19 -5.61
C LYS A 850 -10.14 17.90 -5.63
N MET A 851 -9.85 18.63 -4.57
CA MET A 851 -8.56 19.29 -4.41
C MET A 851 -7.68 18.46 -3.48
N LYS A 852 -6.49 18.12 -3.96
CA LYS A 852 -5.55 17.33 -3.18
C LYS A 852 -4.59 18.24 -2.41
N ALA A 853 -5.19 19.03 -1.52
CA ALA A 853 -4.47 20.06 -0.79
C ALA A 853 -4.66 19.85 0.71
N PHE A 854 -3.70 20.35 1.48
CA PHE A 854 -3.76 20.33 2.93
C PHE A 854 -4.05 21.73 3.45
N TYR A 855 -4.88 21.81 4.48
CA TYR A 855 -5.19 23.06 5.15
C TYR A 855 -4.31 23.18 6.38
N ALA A 856 -3.58 24.29 6.48
CA ALA A 856 -2.61 24.50 7.57
C ALA A 856 -2.86 25.86 8.20
N PRO A 857 -3.81 25.96 9.13
CA PRO A 857 -4.02 27.22 9.83
C PRO A 857 -3.08 27.38 11.01
N VAL A 858 -2.70 28.63 11.27
CA VAL A 858 -1.84 28.97 12.39
C VAL A 858 -2.39 30.23 13.06
N HIS A 859 -2.01 30.42 14.32
CA HIS A 859 -2.34 31.63 15.07
C HIS A 859 -1.07 32.44 15.27
N ALA A 860 -1.11 33.71 14.86
CA ALA A 860 0.07 34.56 14.91
C ALA A 860 -0.38 36.01 15.01
N ASP A 861 0.57 36.88 15.38
CA ASP A 861 0.25 38.29 15.52
C ASP A 861 0.01 38.95 14.18
N ASP A 862 0.66 38.49 13.12
CA ASP A 862 0.48 39.05 11.79
C ASP A 862 0.76 37.98 10.76
N LEU A 863 0.60 38.34 9.49
CA LEU A 863 0.81 37.40 8.40
C LEU A 863 2.27 36.95 8.33
N ARG A 864 3.20 37.87 8.57
CA ARG A 864 4.62 37.56 8.38
C ARG A 864 5.09 36.46 9.32
N GLU A 865 4.75 36.57 10.61
CA GLU A 865 5.28 35.58 11.54
C GLU A 865 4.53 34.26 11.46
N GLY A 866 3.25 34.27 11.07
CA GLY A 866 2.57 33.01 10.79
C GLY A 866 3.17 32.30 9.59
N ALA A 867 3.50 33.07 8.54
CA ALA A 867 4.21 32.49 7.41
C ALA A 867 5.58 31.97 7.82
N GLN A 868 6.24 32.65 8.77
CA GLN A 868 7.49 32.14 9.30
C GLN A 868 7.28 30.80 10.00
N TYR A 869 6.22 30.69 10.80
CA TYR A 869 5.86 29.43 11.43
C TYR A 869 5.76 28.33 10.37
N LEU A 870 4.97 28.59 9.34
CA LEU A 870 4.72 27.58 8.32
C LEU A 870 5.99 27.21 7.56
N MET A 871 6.79 28.21 7.19
CA MET A 871 8.02 27.95 6.46
C MET A 871 9.06 27.24 7.33
N GLN A 872 8.97 27.36 8.64
CA GLN A 872 9.92 26.69 9.50
C GLN A 872 9.52 25.26 9.84
N ALA A 873 8.23 24.99 10.08
CA ALA A 873 7.84 23.74 10.69
C ALA A 873 6.86 22.89 9.90
N ALA A 874 6.10 23.47 8.97
CA ALA A 874 5.07 22.70 8.28
C ALA A 874 5.67 21.53 7.52
N GLY A 875 4.94 20.42 7.51
CA GLY A 875 5.38 19.22 6.83
C GLY A 875 5.92 18.18 7.80
N LEU A 876 5.94 16.93 7.34
CA LEU A 876 6.40 15.80 8.12
C LEU A 876 7.56 15.13 7.39
N GLY A 877 8.72 15.09 8.03
CA GLY A 877 9.86 14.45 7.42
C GLY A 877 10.25 15.11 6.11
N ARG A 878 10.41 14.30 5.07
CA ARG A 878 10.83 14.77 3.75
C ARG A 878 9.66 15.28 2.91
N MET A 879 8.51 15.50 3.53
CA MET A 879 7.33 16.03 2.85
C MET A 879 7.05 17.47 3.28
N LYS A 880 8.10 18.28 3.37
CA LYS A 880 8.08 19.69 3.73
C LYS A 880 8.11 20.56 2.48
N PRO A 881 7.49 21.74 2.54
CA PRO A 881 7.48 22.62 1.36
C PRO A 881 8.88 23.13 1.02
N ASN A 882 9.08 23.40 -0.27
CA ASN A 882 10.29 24.04 -0.75
C ASN A 882 10.02 25.29 -1.57
N THR A 883 8.77 25.59 -1.89
CA THR A 883 8.40 26.77 -2.67
C THR A 883 7.31 27.52 -1.95
N LEU A 884 7.34 28.84 -2.03
CA LEU A 884 6.30 29.69 -1.51
C LEU A 884 5.51 30.28 -2.67
N VAL A 885 4.19 30.15 -2.62
CA VAL A 885 3.31 30.62 -3.69
C VAL A 885 2.41 31.70 -3.11
N LEU A 886 2.44 32.88 -3.70
CA LEU A 886 1.64 34.01 -3.24
C LEU A 886 0.84 34.57 -4.42
N GLY A 887 -0.37 35.03 -4.11
CA GLY A 887 -1.13 35.77 -5.09
C GLY A 887 -0.70 37.22 -5.14
N PHE A 888 -0.86 37.82 -6.32
CA PHE A 888 -0.46 39.21 -6.50
C PHE A 888 -1.34 40.12 -5.65
N LYS A 889 -0.70 41.09 -5.00
CA LYS A 889 -1.40 42.09 -4.19
C LYS A 889 -2.00 43.12 -5.14
N LYS A 890 -3.24 42.88 -5.56
CA LYS A 890 -3.87 43.75 -6.54
C LYS A 890 -4.27 45.10 -5.95
N ASP A 891 -4.57 45.14 -4.66
CA ASP A 891 -5.00 46.36 -4.00
C ASP A 891 -3.86 47.11 -3.33
N TRP A 892 -2.61 46.77 -3.67
CA TRP A 892 -1.47 47.34 -2.97
C TRP A 892 -1.40 48.86 -3.10
N LEU A 893 -1.96 49.42 -4.18
CA LEU A 893 -1.95 50.87 -4.32
C LEU A 893 -2.89 51.52 -3.31
N GLN A 894 -4.11 51.02 -3.21
CA GLN A 894 -5.09 51.54 -2.26
C GLN A 894 -5.09 50.70 -0.98
N ALA A 895 -3.94 50.69 -0.30
CA ALA A 895 -3.79 49.91 0.92
C ALA A 895 -2.72 50.56 1.78
N ASP A 896 -2.74 50.22 3.06
CA ASP A 896 -1.71 50.69 3.97
C ASP A 896 -0.37 50.09 3.60
N MET A 897 0.67 50.93 3.58
CA MET A 897 1.98 50.46 3.16
C MET A 897 2.58 49.46 4.12
N ARG A 898 2.06 49.35 5.34
CA ARG A 898 2.51 48.31 6.26
C ARG A 898 2.20 46.93 5.70
N ASP A 899 1.02 46.76 5.11
CA ASP A 899 0.64 45.46 4.56
C ASP A 899 1.54 45.07 3.37
N VAL A 900 1.79 46.01 2.47
CA VAL A 900 2.65 45.70 1.32
C VAL A 900 4.08 45.49 1.77
N ASP A 901 4.52 46.20 2.81
CA ASP A 901 5.85 45.96 3.36
C ASP A 901 5.94 44.56 3.94
N MET A 902 4.87 44.10 4.61
CA MET A 902 4.82 42.74 5.11
C MET A 902 4.85 41.72 3.99
N TYR A 903 4.15 42.01 2.89
CA TYR A 903 4.16 41.15 1.71
C TYR A 903 5.57 40.99 1.14
N ILE A 904 6.27 42.12 0.94
CA ILE A 904 7.62 42.06 0.42
C ILE A 904 8.56 41.39 1.41
N ASN A 905 8.32 41.57 2.71
CA ASN A 905 9.13 40.87 3.69
C ASN A 905 8.86 39.37 3.67
N LEU A 906 7.65 38.96 3.29
CA LEU A 906 7.40 37.54 3.03
C LEU A 906 8.28 37.04 1.90
N PHE A 907 8.38 37.83 0.82
CA PHE A 907 9.32 37.50 -0.24
C PHE A 907 10.73 37.28 0.32
N HIS A 908 11.20 38.26 1.11
CA HIS A 908 12.58 38.20 1.61
C HIS A 908 12.78 37.03 2.56
N ASP A 909 11.81 36.76 3.43
CA ASP A 909 11.93 35.62 4.34
C ASP A 909 11.95 34.30 3.59
N ALA A 910 11.15 34.18 2.53
CA ALA A 910 11.22 32.97 1.71
C ALA A 910 12.59 32.81 1.08
N PHE A 911 13.15 33.91 0.55
CA PHE A 911 14.50 33.82 0.00
C PHE A 911 15.55 33.55 1.06
N ASP A 912 15.28 33.89 2.31
CA ASP A 912 16.27 33.73 3.37
C ASP A 912 16.53 32.26 3.70
N ILE A 913 15.53 31.40 3.59
CA ILE A 913 15.67 30.02 4.01
C ILE A 913 15.57 29.07 2.83
N GLN A 914 16.04 29.54 1.67
CA GLN A 914 16.17 28.71 0.46
C GLN A 914 14.82 28.15 0.01
N TYR A 915 13.91 29.08 -0.30
CA TYR A 915 12.60 28.76 -0.83
C TYR A 915 12.45 29.41 -2.18
N GLY A 916 11.91 28.67 -3.14
CA GLY A 916 11.45 29.29 -4.36
C GLY A 916 10.20 30.10 -4.13
N VAL A 917 9.99 31.12 -4.96
CA VAL A 917 8.83 31.98 -4.85
C VAL A 917 8.11 32.00 -6.18
N VAL A 918 6.79 31.85 -6.15
CA VAL A 918 5.95 31.95 -7.33
C VAL A 918 4.88 33.00 -7.04
N VAL A 919 4.80 34.01 -7.90
CA VAL A 919 3.79 35.05 -7.81
C VAL A 919 2.80 34.85 -8.96
N ILE A 920 1.51 34.86 -8.66
CA ILE A 920 0.47 34.60 -9.63
C ILE A 920 -0.47 35.79 -9.66
N ARG A 921 -0.71 36.34 -10.85
CA ARG A 921 -1.59 37.48 -11.04
C ARG A 921 -2.58 37.14 -12.15
N LEU A 922 -3.84 36.89 -11.79
CA LEU A 922 -4.87 36.61 -12.76
C LEU A 922 -6.18 37.26 -12.32
N LYS A 923 -7.05 37.48 -13.30
CA LYS A 923 -8.37 38.06 -13.00
C LYS A 923 -9.24 37.01 -12.33
N GLU A 924 -9.64 37.28 -11.09
CA GLU A 924 -10.45 36.33 -10.34
C GLU A 924 -11.91 36.33 -10.77
N GLY A 925 -12.38 37.41 -11.40
CA GLY A 925 -13.77 37.46 -11.83
C GLY A 925 -14.08 36.43 -12.89
N LEU A 926 -13.17 36.25 -13.85
CA LEU A 926 -13.33 35.28 -14.94
C LEU A 926 -14.63 35.48 -15.71
N ASN A 1022 -3.38 28.42 -28.89
CA ASN A 1022 -3.27 28.07 -27.47
C ASN A 1022 -1.82 27.75 -27.11
N THR A 1023 -1.16 28.68 -26.43
CA THR A 1023 0.25 28.56 -26.11
C THR A 1023 0.51 28.90 -24.65
N ILE A 1024 1.61 28.37 -24.13
CA ILE A 1024 2.14 28.73 -22.83
C ILE A 1024 3.50 29.37 -23.07
N ASP A 1025 3.60 30.68 -22.82
CA ASP A 1025 4.82 31.42 -23.07
C ASP A 1025 5.69 31.44 -21.83
N VAL A 1026 6.92 30.96 -21.97
CA VAL A 1026 7.88 30.89 -20.87
C VAL A 1026 9.00 31.87 -21.18
N TRP A 1027 8.98 33.02 -20.52
CA TRP A 1027 10.04 34.02 -20.62
C TRP A 1027 11.02 33.83 -19.48
N TRP A 1028 11.81 32.75 -19.57
CA TRP A 1028 12.77 32.47 -18.51
C TRP A 1028 14.12 33.03 -18.94
N LEU A 1029 14.46 34.19 -18.38
CA LEU A 1029 15.63 34.94 -18.78
C LEU A 1029 16.79 34.82 -17.80
N PHE A 1030 16.57 34.24 -16.63
CA PHE A 1030 17.62 34.03 -15.65
C PHE A 1030 17.56 32.59 -15.18
N ASP A 1031 18.72 32.00 -14.93
CA ASP A 1031 18.79 30.59 -14.57
C ASP A 1031 18.57 30.45 -13.07
N ASP A 1032 17.39 29.96 -12.68
CA ASP A 1032 17.05 29.73 -11.29
C ASP A 1032 17.21 28.28 -10.88
N GLY A 1033 17.83 27.46 -11.73
CA GLY A 1033 17.88 26.03 -11.53
C GLY A 1033 16.85 25.25 -12.33
N GLY A 1034 15.84 25.93 -12.89
CA GLY A 1034 14.91 25.28 -13.78
C GLY A 1034 13.46 25.24 -13.34
N LEU A 1035 13.14 25.86 -12.21
CA LEU A 1035 11.76 25.87 -11.74
C LEU A 1035 10.86 26.60 -12.74
N THR A 1036 11.34 27.71 -13.29
CA THR A 1036 10.59 28.47 -14.29
C THR A 1036 10.31 27.63 -15.52
N LEU A 1037 11.16 26.64 -15.79
CA LEU A 1037 10.90 25.70 -16.88
C LEU A 1037 10.08 24.51 -16.43
N LEU A 1038 10.26 24.08 -15.18
CA LEU A 1038 9.61 22.86 -14.71
C LEU A 1038 8.11 23.05 -14.50
N ILE A 1039 7.69 24.22 -14.01
CA ILE A 1039 6.27 24.44 -13.75
C ILE A 1039 5.40 24.37 -15.01
N PRO A 1040 5.72 25.09 -16.09
CA PRO A 1040 4.84 24.98 -17.27
C PRO A 1040 4.89 23.62 -17.95
N TYR A 1041 5.96 22.85 -17.79
CA TYR A 1041 5.93 21.48 -18.27
C TYR A 1041 4.88 20.67 -17.53
N LEU A 1042 4.87 20.78 -16.20
CA LEU A 1042 3.84 20.11 -15.41
C LEU A 1042 2.45 20.64 -15.77
N LEU A 1043 2.37 21.91 -16.17
CA LEU A 1043 1.09 22.43 -16.66
C LEU A 1043 0.66 21.71 -17.92
N THR A 1044 1.58 21.53 -18.87
CA THR A 1044 1.25 20.83 -20.11
C THR A 1044 0.97 19.35 -19.87
N THR A 1045 1.45 18.79 -18.77
CA THR A 1045 1.16 17.39 -18.46
C THR A 1045 -0.34 17.16 -18.24
N LYS A 1046 -1.00 18.10 -17.58
CA LYS A 1046 -2.41 17.94 -17.26
C LYS A 1046 -3.27 18.05 -18.51
N LYS A 1047 -4.48 17.48 -18.42
CA LYS A 1047 -5.40 17.46 -19.55
C LYS A 1047 -6.09 18.79 -19.76
N LYS A 1048 -6.08 19.68 -18.77
CA LYS A 1048 -6.68 21.00 -18.95
C LYS A 1048 -5.83 21.85 -19.88
N TRP A 1049 -4.51 21.70 -19.82
CA TRP A 1049 -3.58 22.44 -20.68
C TRP A 1049 -2.93 21.55 -21.72
N LYS A 1050 -3.51 20.37 -21.99
CA LYS A 1050 -2.92 19.44 -22.93
C LYS A 1050 -2.89 19.97 -24.36
N ASP A 1051 -3.76 20.91 -24.69
CA ASP A 1051 -3.81 21.49 -26.03
C ASP A 1051 -2.94 22.73 -26.16
N CYS A 1052 -2.21 23.11 -25.12
CA CYS A 1052 -1.35 24.28 -25.15
C CYS A 1052 0.10 23.86 -25.37
N LYS A 1053 0.78 24.59 -26.24
CA LYS A 1053 2.17 24.29 -26.60
C LYS A 1053 3.10 25.31 -25.95
N ILE A 1054 4.19 24.82 -25.37
CA ILE A 1054 5.16 25.69 -24.73
C ILE A 1054 6.02 26.34 -25.80
N ARG A 1055 6.14 27.66 -25.74
CA ARG A 1055 7.11 28.38 -26.55
C ARG A 1055 7.93 29.26 -25.64
N VAL A 1056 9.22 29.39 -25.95
CA VAL A 1056 10.22 29.91 -25.02
C VAL A 1056 10.74 31.25 -25.53
N PHE A 1057 10.91 32.19 -24.60
CA PHE A 1057 11.56 33.47 -24.87
C PHE A 1057 12.81 33.57 -23.99
N ILE A 1058 13.96 33.84 -24.61
CA ILE A 1058 15.19 34.05 -23.88
C ILE A 1058 15.79 35.38 -24.31
N GLY A 1059 16.70 35.88 -23.47
CA GLY A 1059 17.42 37.09 -23.79
C GLY A 1059 18.72 36.76 -24.51
N GLY A 1060 19.00 37.50 -25.57
CA GLY A 1060 20.18 37.24 -26.36
C GLY A 1060 20.82 38.50 -26.92
N LYS A 1061 21.74 38.31 -27.86
CA LYS A 1061 22.46 39.40 -28.50
C LYS A 1061 22.04 39.50 -29.96
N ILE A 1062 21.90 40.74 -30.44
CA ILE A 1062 21.61 40.94 -31.86
C ILE A 1062 22.80 40.46 -32.68
N ASN A 1063 22.53 40.03 -33.91
CA ASN A 1063 23.53 39.49 -34.82
C ASN A 1063 24.15 38.21 -34.28
N ARG A 1064 23.54 37.64 -33.25
CA ARG A 1064 23.89 36.30 -32.78
C ARG A 1064 22.62 35.55 -32.38
N ILE A 1065 21.51 35.87 -33.06
CA ILE A 1065 20.23 35.29 -32.69
C ILE A 1065 20.22 33.79 -32.94
N ASP A 1066 20.69 33.36 -34.11
CA ASP A 1066 20.59 31.96 -34.49
C ASP A 1066 21.44 31.07 -33.60
N HIS A 1067 22.65 31.52 -33.26
CA HIS A 1067 23.53 30.72 -32.40
C HIS A 1067 22.91 30.52 -31.02
N ASP A 1068 22.37 31.60 -30.44
CA ASP A 1068 21.74 31.49 -29.12
C ASP A 1068 20.49 30.64 -29.18
N ARG A 1069 19.70 30.77 -30.25
CA ARG A 1069 18.51 29.95 -30.40
C ARG A 1069 18.87 28.47 -30.48
N ARG A 1070 19.93 28.14 -31.22
CA ARG A 1070 20.36 26.75 -31.32
C ARG A 1070 20.86 26.24 -29.98
N ALA A 1071 21.58 27.07 -29.23
CA ALA A 1071 22.04 26.66 -27.91
C ALA A 1071 20.87 26.39 -26.97
N MET A 1072 19.86 27.26 -27.00
CA MET A 1072 18.67 27.02 -26.19
C MET A 1072 17.97 25.72 -26.61
N ALA A 1073 17.87 25.50 -27.93
CA ALA A 1073 17.18 24.32 -28.43
C ALA A 1073 17.88 23.04 -27.97
N THR A 1074 19.21 23.00 -28.07
CA THR A 1074 19.90 21.80 -27.62
C THR A 1074 19.83 21.65 -26.10
N LEU A 1075 19.87 22.76 -25.37
CA LEU A 1075 19.81 22.68 -23.91
C LEU A 1075 18.49 22.09 -23.45
N LEU A 1076 17.38 22.56 -24.01
CA LEU A 1076 16.10 22.02 -23.56
C LEU A 1076 15.67 20.77 -24.32
N SER A 1077 16.41 20.36 -25.35
CA SER A 1077 16.26 19.00 -25.87
C SER A 1077 16.96 17.99 -24.98
N LYS A 1078 18.09 18.36 -24.38
CA LYS A 1078 18.69 17.49 -23.36
C LYS A 1078 17.79 17.37 -22.14
N PHE A 1079 16.96 18.38 -21.87
CA PHE A 1079 15.98 18.33 -20.79
C PHE A 1079 14.70 17.60 -21.20
N ARG A 1080 14.57 17.23 -22.47
CA ARG A 1080 13.37 16.57 -22.98
C ARG A 1080 12.12 17.41 -22.72
N ILE A 1081 12.21 18.71 -22.98
CA ILE A 1081 11.09 19.63 -22.81
C ILE A 1081 10.60 20.01 -24.21
N ASP A 1082 9.38 19.61 -24.52
CA ASP A 1082 8.82 19.88 -25.84
C ASP A 1082 8.45 21.34 -25.96
N PHE A 1083 8.88 21.98 -27.05
CA PHE A 1083 8.59 23.37 -27.30
C PHE A 1083 8.16 23.53 -28.76
N SER A 1084 7.33 24.55 -29.00
CA SER A 1084 6.87 24.84 -30.35
C SER A 1084 7.84 25.75 -31.09
N ASP A 1085 8.26 26.85 -30.47
CA ASP A 1085 9.18 27.77 -31.09
C ASP A 1085 10.03 28.42 -30.00
N ILE A 1086 11.20 28.92 -30.40
CA ILE A 1086 12.08 29.68 -29.54
C ILE A 1086 12.26 31.06 -30.15
N MET A 1087 12.01 32.10 -29.36
CA MET A 1087 12.17 33.47 -29.80
C MET A 1087 13.25 34.13 -28.95
N VAL A 1088 14.27 34.67 -29.62
CA VAL A 1088 15.36 35.37 -28.96
C VAL A 1088 15.15 36.86 -29.15
N LEU A 1089 15.21 37.62 -28.06
CA LEU A 1089 14.98 39.06 -28.08
C LEU A 1089 16.29 39.79 -27.89
N GLY A 1090 16.61 40.68 -28.83
CA GLY A 1090 17.69 41.62 -28.68
C GLY A 1090 17.24 43.00 -28.26
N ASP A 1091 15.94 43.22 -28.15
CA ASP A 1091 15.40 44.53 -27.80
C ASP A 1091 15.35 44.77 -26.30
N ILE A 1092 15.66 43.77 -25.48
CA ILE A 1092 15.88 44.03 -24.06
C ILE A 1092 17.15 44.86 -23.90
N ASN A 1093 17.26 45.53 -22.76
CA ASN A 1093 18.31 46.48 -22.39
C ASN A 1093 18.16 47.81 -23.11
N THR A 1094 17.20 47.97 -24.01
CA THR A 1094 16.95 49.25 -24.64
C THR A 1094 16.00 50.07 -23.79
N LYS A 1095 16.10 51.39 -23.94
CA LYS A 1095 15.30 52.29 -23.12
C LYS A 1095 13.82 52.12 -23.43
N PRO A 1096 12.96 51.97 -22.41
CA PRO A 1096 11.52 51.90 -22.67
C PRO A 1096 10.97 53.22 -23.19
N LYS A 1097 9.68 53.24 -23.50
CA LYS A 1097 9.06 54.44 -24.05
C LYS A 1097 8.98 55.55 -22.99
N LYS A 1098 8.90 56.79 -23.47
CA LYS A 1098 8.79 57.92 -22.56
C LYS A 1098 7.50 57.86 -21.75
N GLU A 1099 6.38 57.52 -22.40
CA GLU A 1099 5.10 57.48 -21.71
C GLU A 1099 5.10 56.45 -20.59
N ASN A 1100 5.69 55.29 -20.84
CA ASN A 1100 5.72 54.24 -19.82
C ASN A 1100 6.58 54.64 -18.62
N ILE A 1101 7.72 55.28 -18.87
CA ILE A 1101 8.55 55.75 -17.76
C ILE A 1101 7.83 56.84 -16.98
N ILE A 1102 7.12 57.72 -17.69
CA ILE A 1102 6.34 58.76 -17.01
C ILE A 1102 5.27 58.14 -16.13
N ALA A 1103 4.57 57.12 -16.65
CA ALA A 1103 3.54 56.45 -15.86
C ALA A 1103 4.14 55.77 -14.65
N PHE A 1104 5.29 55.11 -14.81
CA PHE A 1104 5.93 54.47 -13.67
C PHE A 1104 6.31 55.49 -12.62
N GLU A 1105 6.86 56.63 -13.03
CA GLU A 1105 7.22 57.68 -12.08
C GLU A 1105 5.98 58.22 -11.38
N GLU A 1106 4.87 58.38 -12.10
CA GLU A 1106 3.65 58.87 -11.48
C GLU A 1106 3.12 57.89 -10.43
N ILE A 1107 3.16 56.60 -10.73
CA ILE A 1107 2.77 55.60 -9.74
C ILE A 1107 3.72 55.63 -8.54
N ILE A 1108 5.01 55.81 -8.80
CA ILE A 1108 6.02 55.75 -7.76
C ILE A 1108 5.98 56.95 -6.82
N GLU A 1109 5.60 58.12 -7.31
CA GLU A 1109 5.78 59.38 -6.58
C GLU A 1109 5.27 59.37 -5.14
N PRO A 1110 4.08 58.85 -4.83
CA PRO A 1110 3.59 58.97 -3.44
C PRO A 1110 4.48 58.29 -2.41
N TYR A 1111 5.32 57.33 -2.81
CA TYR A 1111 6.14 56.59 -1.86
C TYR A 1111 7.62 56.96 -1.94
N ARG A 1112 7.94 58.11 -2.54
CA ARG A 1112 9.32 58.55 -2.66
C ARG A 1112 9.74 59.29 -1.40
N LEU A 1113 10.99 59.06 -0.98
CA LEU A 1113 11.53 59.78 0.18
C LEU A 1113 11.86 61.22 -0.18
N HIS A 1114 12.36 61.45 -1.41
CA HIS A 1114 12.72 62.78 -1.89
C HIS A 1114 13.74 63.44 -0.96
N GLU A 1115 14.74 62.67 -0.53
CA GLU A 1115 15.74 63.19 0.39
C GLU A 1115 16.58 64.31 -0.22
N ASP A 1116 16.65 64.38 -1.56
CA ASP A 1116 17.44 65.42 -2.19
C ASP A 1116 16.82 66.80 -1.96
N ASP A 1117 15.50 66.87 -1.87
CA ASP A 1117 14.80 68.12 -1.66
C ASP A 1117 14.50 68.41 -0.19
N LYS A 1118 14.97 67.58 0.73
CA LYS A 1118 14.69 67.73 2.15
C LYS A 1118 15.99 67.85 2.94
N GLU A 1119 15.86 67.86 4.25
CA GLU A 1119 16.96 68.01 5.18
C GLU A 1119 17.19 66.70 5.92
N GLN A 1120 18.07 66.73 6.93
CA GLN A 1120 18.42 65.51 7.67
C GLN A 1120 17.23 64.90 8.40
N ASP A 1121 16.08 65.58 8.43
CA ASP A 1121 14.87 64.95 8.97
C ASP A 1121 14.41 63.79 8.11
N ILE A 1122 14.88 63.71 6.86
CA ILE A 1122 14.56 62.56 6.02
C ILE A 1122 15.11 61.28 6.62
N ALA A 1123 16.22 61.39 7.37
CA ALA A 1123 16.75 60.20 8.05
C ALA A 1123 15.76 59.68 9.09
N ASP A 1124 15.03 60.57 9.75
CA ASP A 1124 13.95 60.13 10.63
C ASP A 1124 12.75 59.66 9.84
N LYS A 1125 12.49 60.27 8.68
CA LYS A 1125 11.45 59.77 7.79
C LYS A 1125 11.79 58.37 7.28
N MET A 1126 13.08 58.08 7.09
CA MET A 1126 13.55 56.77 6.68
C MET A 1126 13.62 55.78 7.84
N LYS A 1127 12.98 56.11 8.97
CA LYS A 1127 12.92 55.19 10.10
C LYS A 1127 11.52 54.97 10.64
N GLU A 1128 10.55 55.83 10.32
CA GLU A 1128 9.17 55.68 10.80
C GLU A 1128 8.21 55.35 9.67
N ASP A 1129 8.12 56.22 8.66
CA ASP A 1129 7.35 55.92 7.45
C ASP A 1129 8.21 55.07 6.54
N GLU A 1130 8.70 53.96 7.06
CA GLU A 1130 9.84 53.27 6.46
C GLU A 1130 9.90 51.86 7.04
N PRO A 1131 10.70 50.97 6.44
CA PRO A 1131 11.63 51.14 5.32
C PRO A 1131 10.98 51.03 3.95
N TRP A 1132 9.67 51.28 3.84
CA TRP A 1132 9.02 51.21 2.54
C TRP A 1132 9.19 52.49 1.73
N ARG A 1133 9.73 53.56 2.31
CA ARG A 1133 9.95 54.79 1.56
C ARG A 1133 11.09 54.62 0.58
N ILE A 1134 10.90 55.13 -0.64
CA ILE A 1134 11.83 54.93 -1.74
C ILE A 1134 12.81 56.08 -1.77
N THR A 1135 14.10 55.77 -1.68
CA THR A 1135 15.15 56.77 -1.66
C THR A 1135 15.55 57.16 -3.08
N ASP A 1136 16.24 58.30 -3.19
CA ASP A 1136 16.74 58.75 -4.48
C ASP A 1136 17.98 57.99 -4.90
N ASN A 1137 18.83 57.63 -3.93
CA ASN A 1137 20.05 56.90 -4.25
C ASN A 1137 19.74 55.55 -4.88
N GLU A 1138 18.76 54.83 -4.33
CA GLU A 1138 18.40 53.54 -4.92
C GLU A 1138 17.61 53.73 -6.21
N LEU A 1139 16.85 54.81 -6.33
CA LEU A 1139 16.15 55.09 -7.58
C LEU A 1139 17.11 55.42 -8.70
N GLU A 1140 18.33 55.86 -8.37
CA GLU A 1140 19.37 56.04 -9.36
C GLU A 1140 20.30 54.85 -9.50
N LEU A 1141 20.50 54.07 -8.43
CA LEU A 1141 21.37 52.90 -8.50
C LEU A 1141 20.72 51.74 -9.24
N TYR A 1142 19.39 51.74 -9.36
CA TYR A 1142 18.68 50.64 -10.00
C TYR A 1142 17.74 51.15 -11.09
N LYS A 1143 18.08 52.28 -11.70
CA LYS A 1143 17.29 52.77 -12.83
C LYS A 1143 17.35 51.81 -14.00
N THR A 1144 18.48 51.12 -14.17
CA THR A 1144 18.59 50.13 -15.23
C THR A 1144 17.62 48.97 -15.00
N LYS A 1145 17.50 48.50 -13.76
CA LYS A 1145 16.56 47.42 -13.47
C LYS A 1145 15.12 47.87 -13.64
N THR A 1146 14.80 49.11 -13.26
CA THR A 1146 13.47 49.66 -13.47
C THR A 1146 13.13 49.71 -14.95
N TYR A 1147 14.07 50.21 -15.75
CA TYR A 1147 13.86 50.25 -17.19
C TYR A 1147 13.71 48.85 -17.77
N ARG A 1148 14.46 47.88 -17.22
CA ARG A 1148 14.34 46.51 -17.69
C ARG A 1148 12.95 45.96 -17.41
N GLN A 1149 12.39 46.24 -16.22
CA GLN A 1149 11.04 45.78 -15.93
C GLN A 1149 10.02 46.42 -16.87
N ILE A 1150 10.12 47.72 -17.09
CA ILE A 1150 9.15 48.39 -17.96
C ILE A 1150 9.26 47.88 -19.39
N ARG A 1151 10.50 47.72 -19.89
CA ARG A 1151 10.71 47.24 -21.23
C ARG A 1151 10.20 45.80 -21.38
N LEU A 1152 10.42 44.98 -20.35
CA LEU A 1152 9.93 43.61 -20.39
C LEU A 1152 8.41 43.57 -20.45
N ASN A 1153 7.75 44.48 -19.73
CA ASN A 1153 6.30 44.55 -19.83
C ASN A 1153 5.87 44.95 -21.25
N GLU A 1154 6.59 45.89 -21.86
CA GLU A 1154 6.30 46.24 -23.25
C GLU A 1154 6.43 45.03 -24.17
N LEU A 1155 7.50 44.25 -23.97
CA LEU A 1155 7.73 43.07 -24.80
C LEU A 1155 6.65 42.02 -24.59
N LEU A 1156 6.24 41.82 -23.34
CA LEU A 1156 5.14 40.89 -23.06
C LEU A 1156 3.85 41.35 -23.72
N LYS A 1157 3.59 42.66 -23.69
CA LYS A 1157 2.39 43.19 -24.32
C LYS A 1157 2.40 42.95 -25.82
N GLU A 1158 3.56 43.14 -26.46
CA GLU A 1158 3.57 43.01 -27.92
C GLU A 1158 3.68 41.56 -28.38
N HIS A 1159 4.21 40.66 -27.53
CA HIS A 1159 4.46 39.28 -27.95
C HIS A 1159 3.47 38.29 -27.35
N SER A 1160 3.32 38.27 -26.03
CA SER A 1160 2.52 37.25 -25.35
C SER A 1160 1.12 37.73 -25.01
N SER A 1161 0.58 38.68 -25.77
CA SER A 1161 -0.74 39.21 -25.46
C SER A 1161 -1.83 38.17 -25.61
N THR A 1162 -1.65 37.20 -26.51
CA THR A 1162 -2.66 36.21 -26.80
C THR A 1162 -2.38 34.85 -26.16
N ALA A 1163 -1.37 34.77 -25.31
CA ALA A 1163 -1.07 33.50 -24.65
C ALA A 1163 -2.17 33.13 -23.65
N ASN A 1164 -2.31 31.83 -23.42
CA ASN A 1164 -3.24 31.38 -22.39
C ASN A 1164 -2.68 31.65 -21.00
N ILE A 1165 -1.38 31.48 -20.83
CA ILE A 1165 -0.71 31.74 -19.57
C ILE A 1165 0.74 32.10 -19.86
N ILE A 1166 1.31 32.96 -19.02
CA ILE A 1166 2.68 33.41 -19.18
C ILE A 1166 3.45 33.04 -17.92
N VAL A 1167 4.62 32.43 -18.11
CA VAL A 1167 5.54 32.15 -17.02
C VAL A 1167 6.80 32.97 -17.27
N MET A 1168 7.19 33.77 -16.28
CA MET A 1168 8.32 34.67 -16.41
C MET A 1168 9.15 34.62 -15.15
N SER A 1169 10.46 34.89 -15.30
CA SER A 1169 11.36 34.92 -14.16
C SER A 1169 11.00 36.05 -13.21
N LEU A 1170 11.16 35.80 -11.91
CA LEU A 1170 10.85 36.78 -10.88
C LEU A 1170 12.11 37.53 -10.50
N PRO A 1171 12.13 38.86 -10.62
CA PRO A 1171 13.31 39.62 -10.20
C PRO A 1171 13.59 39.42 -8.71
N VAL A 1172 14.87 39.39 -8.37
CA VAL A 1172 15.30 39.25 -6.98
C VAL A 1172 15.84 40.59 -6.53
N ALA A 1173 15.15 41.21 -5.58
CA ALA A 1173 15.64 42.44 -4.98
C ALA A 1173 16.52 42.11 -3.79
N ARG A 1174 17.74 42.64 -3.79
CA ARG A 1174 18.66 42.39 -2.68
C ARG A 1174 18.12 43.02 -1.41
N LYS A 1175 18.08 42.24 -0.33
CA LYS A 1175 17.55 42.75 0.93
C LYS A 1175 18.49 43.80 1.52
N GLY A 1176 17.89 44.87 2.04
CA GLY A 1176 18.65 45.98 2.57
C GLY A 1176 19.09 47.01 1.55
N ALA A 1177 18.81 46.79 0.27
CA ALA A 1177 19.20 47.71 -0.78
C ALA A 1177 18.02 48.26 -1.58
N VAL A 1178 16.91 47.54 -1.64
CA VAL A 1178 15.73 47.97 -2.37
C VAL A 1178 14.57 48.05 -1.39
N SER A 1179 13.88 49.18 -1.36
CA SER A 1179 12.74 49.33 -0.48
C SER A 1179 11.61 48.40 -0.90
N SER A 1180 10.67 48.19 0.02
CA SER A 1180 9.51 47.37 -0.29
C SER A 1180 8.69 47.97 -1.43
N ALA A 1181 8.50 49.29 -1.39
CA ALA A 1181 7.66 49.93 -2.40
C ALA A 1181 8.27 49.85 -3.78
N LEU A 1182 9.60 49.98 -3.87
CA LEU A 1182 10.26 49.85 -5.16
C LEU A 1182 10.10 48.44 -5.73
N TYR A 1183 10.27 47.42 -4.88
CA TYR A 1183 10.11 46.05 -5.32
C TYR A 1183 8.68 45.78 -5.78
N MET A 1184 7.70 46.25 -5.01
CA MET A 1184 6.30 46.05 -5.38
C MET A 1184 5.97 46.77 -6.68
N ALA A 1185 6.50 47.98 -6.87
CA ALA A 1185 6.30 48.70 -8.11
C ALA A 1185 6.97 48.01 -9.29
N TRP A 1186 8.14 47.39 -9.06
CA TRP A 1186 8.78 46.61 -10.12
C TRP A 1186 7.88 45.48 -10.56
N LEU A 1187 7.35 44.71 -9.59
CA LEU A 1187 6.47 43.59 -9.94
C LEU A 1187 5.23 44.09 -10.66
N GLU A 1188 4.63 45.17 -10.16
CA GLU A 1188 3.42 45.71 -10.76
C GLU A 1188 3.67 46.17 -12.20
N ALA A 1189 4.76 46.89 -12.41
CA ALA A 1189 5.10 47.34 -13.76
C ALA A 1189 5.38 46.16 -14.68
N LEU A 1190 6.02 45.12 -14.15
CA LEU A 1190 6.33 43.94 -14.96
C LEU A 1190 5.06 43.25 -15.43
N SER A 1191 4.13 42.97 -14.52
CA SER A 1191 3.02 42.07 -14.80
C SER A 1191 1.72 42.77 -15.15
N LYS A 1192 1.74 44.08 -15.37
CA LYS A 1192 0.49 44.82 -15.54
C LYS A 1192 -0.12 44.59 -16.92
N ASP A 1193 -1.45 44.48 -16.94
CA ASP A 1193 -2.25 44.44 -18.17
C ASP A 1193 -1.85 43.28 -19.07
N LEU A 1194 -1.94 42.08 -18.52
CA LEU A 1194 -1.51 40.87 -19.21
C LEU A 1194 -2.46 39.73 -18.90
N PRO A 1195 -2.50 38.71 -19.75
CA PRO A 1195 -3.17 37.46 -19.40
C PRO A 1195 -2.57 36.86 -18.14
N PRO A 1196 -3.18 35.79 -17.59
CA PRO A 1196 -2.61 35.15 -16.39
C PRO A 1196 -1.11 34.92 -16.49
N ILE A 1197 -0.37 35.45 -15.51
CA ILE A 1197 1.09 35.45 -15.56
C ILE A 1197 1.64 34.89 -14.25
N LEU A 1198 2.67 34.08 -14.35
CA LEU A 1198 3.39 33.53 -13.20
C LEU A 1198 4.79 34.09 -13.19
N LEU A 1199 5.17 34.72 -12.08
CA LEU A 1199 6.54 35.14 -11.85
C LEU A 1199 7.20 34.10 -10.95
N VAL A 1200 8.28 33.50 -11.44
CA VAL A 1200 8.90 32.36 -10.77
C VAL A 1200 10.36 32.68 -10.49
N ARG A 1201 10.78 32.44 -9.26
CA ARG A 1201 12.19 32.46 -8.89
C ARG A 1201 12.49 31.17 -8.15
N GLY A 1202 13.33 30.34 -8.74
CA GLY A 1202 13.71 29.08 -8.15
C GLY A 1202 14.78 29.24 -7.09
N ASN A 1203 15.15 28.10 -6.51
CA ASN A 1203 16.11 28.03 -5.41
C ASN A 1203 17.54 28.29 -5.85
N HIS A 1204 17.81 28.30 -7.15
CA HIS A 1204 19.16 28.28 -7.73
C HIS A 1204 19.93 27.00 -7.40
N GLN A 1205 19.26 26.02 -6.81
CA GLN A 1205 19.74 24.65 -6.82
C GLN A 1205 19.23 23.98 -8.09
N SER A 1206 20.04 23.08 -8.65
CA SER A 1206 19.66 22.43 -9.90
C SER A 1206 18.36 21.64 -9.72
N VAL A 1207 17.42 21.88 -10.62
CA VAL A 1207 16.13 21.22 -10.57
C VAL A 1207 15.91 20.30 -11.75
N LEU A 1208 16.56 20.55 -12.89
CA LEU A 1208 16.54 19.68 -14.05
C LEU A 1208 17.88 18.97 -14.19
N THR A 1209 17.89 17.93 -15.02
CA THR A 1209 19.11 17.22 -15.33
C THR A 1209 18.94 16.49 -16.66
N PHE A 1210 20.05 16.30 -17.37
CA PHE A 1210 20.05 15.49 -18.57
C PHE A 1210 20.87 14.21 -18.40
N TYR A 1211 21.12 13.82 -17.16
CA TYR A 1211 21.75 12.55 -16.84
C TYR A 1211 20.69 11.54 -16.40
N SER A 1212 20.84 10.31 -16.85
CA SER A 1212 19.89 9.26 -16.51
C SER A 1212 20.05 8.82 -15.07
N THR B 207 26.03 51.50 -29.55
CA THR B 207 25.61 51.77 -28.19
C THR B 207 25.58 50.47 -27.37
N TYR B 208 25.71 50.60 -26.05
CA TYR B 208 25.69 49.44 -25.17
C TYR B 208 24.29 48.92 -24.90
N TYR B 209 23.26 49.63 -25.38
CA TYR B 209 21.89 49.13 -25.28
C TYR B 209 21.65 47.85 -26.07
N LEU B 210 22.56 47.51 -26.99
CA LEU B 210 22.42 46.35 -27.85
C LEU B 210 23.47 45.31 -27.54
N ARG B 211 23.86 45.21 -26.27
CA ARG B 211 24.87 44.23 -25.88
C ARG B 211 24.23 42.93 -25.42
N TPO B 212 25.05 42.06 -24.82
CA TPO B 212 24.57 40.77 -24.33
CB TPO B 212 25.77 39.87 -24.00
CG2 TPO B 212 25.32 38.67 -23.17
OG1 TPO B 212 26.37 39.40 -25.20
P TPO B 212 27.85 40.00 -25.25
O1P TPO B 212 27.83 41.41 -24.79
O2P TPO B 212 28.40 39.95 -26.77
O3P TPO B 212 28.83 39.14 -24.31
C TPO B 212 23.67 40.94 -23.12
O TPO B 212 24.09 41.52 -22.12
N PHE B 213 22.44 40.44 -23.22
CA PHE B 213 21.51 40.49 -22.11
C PHE B 213 22.08 39.72 -20.93
N GLY B 214 22.04 40.35 -19.76
CA GLY B 214 22.63 39.77 -18.56
C GLY B 214 24.03 40.20 -18.26
N HIS B 215 24.55 41.20 -18.97
CA HIS B 215 25.89 41.72 -18.69
C HIS B 215 25.90 42.76 -17.58
N ASN B 216 24.80 43.47 -17.37
CA ASN B 216 24.75 44.53 -16.37
C ASN B 216 24.08 44.06 -15.09
N TPO B 217 24.11 42.75 -14.84
CA TPO B 217 23.54 42.20 -13.63
CB TPO B 217 22.07 41.85 -13.84
CG2 TPO B 217 21.94 40.93 -15.05
OG1 TPO B 217 21.59 41.17 -12.69
P TPO B 217 20.73 42.23 -11.83
O1P TPO B 217 20.14 43.24 -12.73
O2P TPO B 217 19.56 41.45 -11.05
O3P TPO B 217 21.69 42.96 -10.76
C TPO B 217 24.32 40.97 -13.17
O TPO B 217 25.06 40.38 -13.94
N MET B 218 24.13 40.60 -11.91
CA MET B 218 24.80 39.45 -11.33
C MET B 218 24.06 38.17 -11.68
N ASP B 219 22.77 38.30 -11.96
CA ASP B 219 21.96 37.15 -12.35
C ASP B 219 22.39 36.62 -13.71
N ALA B 220 22.54 35.31 -13.80
CA ALA B 220 23.04 34.65 -15.01
C ALA B 220 21.88 34.17 -15.88
N VAL B 221 22.04 34.31 -17.19
CA VAL B 221 21.07 33.79 -18.16
C VAL B 221 21.20 32.27 -18.20
N PRO B 222 20.16 31.53 -18.60
CA PRO B 222 20.28 30.08 -18.63
C PRO B 222 21.20 29.60 -19.73
N ARG B 223 22.11 28.71 -19.37
CA ARG B 223 23.01 28.09 -20.34
C ARG B 223 23.39 26.70 -19.85
N ILE B 224 23.86 25.89 -20.80
CA ILE B 224 24.13 24.48 -20.53
C ILE B 224 25.26 24.30 -19.52
N ASP B 225 26.11 25.31 -19.33
CA ASP B 225 27.25 25.14 -18.43
C ASP B 225 26.83 25.04 -16.97
N HIS B 226 25.63 25.51 -16.62
CA HIS B 226 25.19 25.42 -15.24
C HIS B 226 24.67 24.04 -14.87
N TYR B 227 24.24 23.25 -15.85
CA TYR B 227 23.65 21.94 -15.61
C TYR B 227 24.57 20.79 -15.95
N ARG B 228 25.82 21.08 -16.31
CA ARG B 228 26.76 20.06 -16.76
C ARG B 228 27.70 19.71 -15.61
N HIS B 229 27.70 18.43 -15.22
CA HIS B 229 28.55 17.99 -14.11
C HIS B 229 30.02 18.16 -14.42
N THR B 230 30.52 17.42 -15.41
CA THR B 230 31.92 17.54 -15.81
C THR B 230 32.12 17.41 -17.31
N ALA B 231 31.05 17.29 -18.10
CA ALA B 231 31.18 17.13 -19.53
C ALA B 231 29.99 16.34 -20.08
N GLU B 236 31.32 25.42 -14.70
CA GLU B 236 32.43 25.85 -15.55
C GLU B 236 32.31 27.32 -15.90
N LYS B 237 31.32 27.66 -16.73
CA LYS B 237 31.10 29.02 -17.18
C LYS B 237 30.15 29.72 -16.21
N LEU B 238 30.66 30.74 -15.52
CA LEU B 238 29.85 31.64 -14.72
C LEU B 238 29.39 31.05 -13.40
N LEU B 239 29.53 29.74 -13.22
CA LEU B 239 29.36 29.08 -11.93
C LEU B 239 28.11 29.58 -11.21
N ARG B 240 26.94 29.23 -11.77
CA ARG B 240 25.66 29.92 -11.58
C ARG B 240 25.52 30.50 -10.18
N PRO B 241 25.22 31.80 -10.06
CA PRO B 241 25.20 32.44 -8.75
C PRO B 241 24.19 31.79 -7.82
N SER B 242 24.58 31.63 -6.57
CA SER B 242 23.67 31.13 -5.56
C SER B 242 22.63 32.18 -5.22
N LEU B 243 21.51 31.73 -4.67
CA LEU B 243 20.47 32.66 -4.24
C LEU B 243 20.99 33.63 -3.20
N ALA B 244 21.91 33.18 -2.33
CA ALA B 244 22.50 34.06 -1.34
C ALA B 244 23.33 35.17 -2.00
N GLU B 245 24.12 34.82 -3.01
CA GLU B 245 24.97 35.82 -3.66
C GLU B 245 24.15 36.91 -4.32
N LEU B 246 22.90 36.61 -4.67
CA LEU B 246 22.02 37.59 -5.30
C LEU B 246 21.12 38.31 -4.30
N HIS B 247 20.90 37.71 -3.14
CA HIS B 247 19.92 38.22 -2.19
C HIS B 247 20.52 38.73 -0.89
N ASP B 248 21.64 38.17 -0.45
CA ASP B 248 22.23 38.58 0.82
C ASP B 248 22.71 40.02 0.76
N GLU B 249 22.68 40.67 1.92
CA GLU B 249 23.08 42.07 2.00
C GLU B 249 24.60 42.19 1.91
N LEU B 250 25.06 43.13 1.08
CA LEU B 250 26.48 43.36 0.88
C LEU B 250 27.10 44.01 2.11
N VAL B 282 36.89 6.66 -27.09
CA VAL B 282 37.50 7.25 -28.27
C VAL B 282 36.86 6.67 -29.54
N VAL B 283 36.21 5.53 -29.40
CA VAL B 283 35.53 4.87 -30.51
C VAL B 283 34.03 5.10 -30.34
N LYS B 284 33.42 5.74 -31.33
CA LYS B 284 31.99 6.03 -31.30
C LYS B 284 31.36 5.54 -32.59
N PHE B 285 30.18 4.95 -32.46
CA PHE B 285 29.49 4.31 -33.57
C PHE B 285 28.16 5.01 -33.84
N GLY B 286 27.76 5.02 -35.10
CA GLY B 286 26.44 5.50 -35.46
C GLY B 286 25.38 4.47 -35.17
N TRP B 287 24.12 4.87 -35.37
CA TRP B 287 23.00 3.97 -35.07
C TRP B 287 22.93 2.80 -36.03
N ILE B 288 23.57 2.91 -37.20
CA ILE B 288 23.55 1.80 -38.16
C ILE B 288 24.59 0.75 -37.79
N LYS B 289 25.85 1.15 -37.73
CA LYS B 289 26.90 0.21 -37.38
C LYS B 289 26.92 -0.15 -35.90
N GLY B 290 26.31 0.68 -35.05
CA GLY B 290 26.39 0.47 -33.62
C GLY B 290 25.19 -0.20 -33.01
N VAL B 291 24.02 -0.04 -33.61
CA VAL B 291 22.79 -0.60 -33.04
C VAL B 291 22.08 -1.47 -34.06
N LEU B 292 21.74 -0.89 -35.21
CA LEU B 292 20.91 -1.61 -36.19
C LEU B 292 21.58 -2.88 -36.65
N VAL B 293 22.84 -2.80 -37.07
CA VAL B 293 23.55 -3.97 -37.56
C VAL B 293 23.75 -4.98 -36.45
N ARG B 294 24.10 -4.52 -35.25
CA ARG B 294 24.40 -5.45 -34.16
C ARG B 294 23.16 -6.21 -33.72
N CYS B 295 22.03 -5.52 -33.55
CA CYS B 295 20.80 -6.21 -33.21
C CYS B 295 20.34 -7.12 -34.34
N MET B 296 20.46 -6.64 -35.58
CA MET B 296 20.17 -7.46 -36.75
C MET B 296 20.91 -8.79 -36.69
N LEU B 297 22.22 -8.73 -36.42
CA LEU B 297 23.04 -9.94 -36.43
C LEU B 297 22.79 -10.80 -35.21
N ASN B 298 22.54 -10.18 -34.06
CA ASN B 298 22.33 -10.95 -32.84
C ASN B 298 21.02 -11.72 -32.90
N ILE B 299 19.99 -11.14 -33.50
CA ILE B 299 18.71 -11.83 -33.59
C ILE B 299 18.82 -13.06 -34.49
N TRP B 300 19.41 -12.89 -35.68
CA TRP B 300 19.53 -14.00 -36.63
C TRP B 300 20.64 -14.94 -36.21
N GLY B 301 20.26 -16.14 -35.77
CA GLY B 301 21.21 -17.12 -35.27
C GLY B 301 21.11 -18.42 -36.04
N VAL B 302 21.15 -19.53 -35.28
CA VAL B 302 21.24 -20.86 -35.87
C VAL B 302 19.91 -21.42 -36.33
N MET B 303 18.82 -20.66 -36.21
CA MET B 303 17.49 -21.18 -36.49
C MET B 303 16.93 -20.71 -37.83
N LEU B 304 17.30 -19.51 -38.28
CA LEU B 304 16.72 -18.96 -39.50
C LEU B 304 17.02 -19.83 -40.71
N PHE B 305 18.11 -20.59 -40.67
CA PHE B 305 18.56 -21.37 -41.82
C PHE B 305 18.57 -22.87 -41.56
N ILE B 306 18.23 -23.33 -40.36
CA ILE B 306 18.27 -24.75 -40.07
C ILE B 306 16.91 -25.27 -39.59
N ARG B 307 16.44 -24.76 -38.46
CA ARG B 307 15.30 -25.35 -37.78
C ARG B 307 13.98 -24.69 -38.13
N LEU B 308 13.98 -23.60 -38.89
CA LEU B 308 12.74 -22.91 -39.20
C LEU B 308 11.85 -23.76 -40.10
N SER B 309 12.45 -24.46 -41.06
CA SER B 309 11.69 -25.36 -41.91
C SER B 309 11.05 -26.48 -41.10
N TRP B 310 11.77 -27.01 -40.10
CA TRP B 310 11.19 -28.01 -39.22
C TRP B 310 9.99 -27.46 -38.48
N ILE B 311 10.02 -26.17 -38.14
CA ILE B 311 8.89 -25.56 -37.45
C ILE B 311 7.70 -25.42 -38.40
N VAL B 312 7.94 -24.97 -39.63
CA VAL B 312 6.87 -24.87 -40.60
C VAL B 312 6.35 -26.25 -40.99
N GLY B 313 7.13 -27.31 -40.74
CA GLY B 313 6.66 -28.65 -40.97
C GLY B 313 5.78 -29.16 -39.84
N GLN B 314 6.28 -29.06 -38.61
CA GLN B 314 5.53 -29.57 -37.47
C GLN B 314 4.29 -28.75 -37.16
N ALA B 315 4.22 -27.51 -37.63
CA ALA B 315 3.05 -26.67 -37.44
C ALA B 315 2.74 -25.98 -38.76
N GLY B 316 1.47 -25.61 -38.93
CA GLY B 316 1.04 -25.04 -40.18
C GLY B 316 1.68 -23.70 -40.46
N ILE B 317 1.46 -23.21 -41.68
CA ILE B 317 1.95 -21.89 -42.06
C ILE B 317 1.34 -20.83 -41.16
N GLY B 318 0.03 -20.91 -40.94
CA GLY B 318 -0.63 -19.96 -40.04
C GLY B 318 -0.16 -20.10 -38.60
N LEU B 319 0.01 -21.34 -38.15
CA LEU B 319 0.48 -21.55 -36.78
C LEU B 319 1.92 -21.09 -36.63
N SER B 320 2.75 -21.32 -37.65
CA SER B 320 4.12 -20.81 -37.60
C SER B 320 4.16 -19.30 -37.59
N VAL B 321 3.29 -18.66 -38.38
CA VAL B 321 3.22 -17.19 -38.37
C VAL B 321 2.78 -16.69 -37.00
N LEU B 322 1.82 -17.38 -36.37
CA LEU B 322 1.41 -16.99 -35.03
C LEU B 322 2.54 -17.15 -34.02
N VAL B 323 3.31 -18.24 -34.13
CA VAL B 323 4.45 -18.46 -33.25
C VAL B 323 5.46 -17.34 -33.42
N ILE B 324 5.74 -16.96 -34.67
CA ILE B 324 6.66 -15.86 -34.92
C ILE B 324 6.13 -14.57 -34.32
N MET B 325 4.84 -14.28 -34.54
CA MET B 325 4.27 -13.00 -34.16
C MET B 325 4.16 -12.86 -32.64
N MET B 326 3.99 -13.95 -31.91
CA MET B 326 3.92 -13.85 -30.45
C MET B 326 5.26 -13.38 -29.88
N ALA B 327 6.35 -14.04 -30.26
CA ALA B 327 7.68 -13.59 -29.84
C ALA B 327 8.00 -12.21 -30.39
N THR B 328 7.51 -11.90 -31.59
CA THR B 328 7.71 -10.55 -32.15
C THR B 328 7.01 -9.51 -31.29
N VAL B 329 5.81 -9.81 -30.81
CA VAL B 329 5.11 -8.88 -29.94
C VAL B 329 5.87 -8.69 -28.63
N VAL B 330 6.36 -9.79 -28.06
CA VAL B 330 7.14 -9.69 -26.83
C VAL B 330 8.36 -8.80 -27.04
N THR B 331 9.12 -9.05 -28.10
CA THR B 331 10.34 -8.28 -28.34
C THR B 331 10.03 -6.84 -28.73
N THR B 332 8.89 -6.59 -29.38
CA THR B 332 8.53 -5.23 -29.75
C THR B 332 8.15 -4.40 -28.52
N ILE B 333 7.39 -4.99 -27.61
CA ILE B 333 7.08 -4.27 -26.36
C ILE B 333 8.36 -4.07 -25.55
N THR B 334 9.24 -5.07 -25.53
CA THR B 334 10.50 -4.90 -24.81
C THR B 334 11.34 -3.80 -25.44
N GLY B 335 11.37 -3.72 -26.76
CA GLY B 335 12.13 -2.66 -27.42
C GLY B 335 11.53 -1.29 -27.17
N LEU B 336 10.21 -1.19 -27.15
CA LEU B 336 9.58 0.08 -26.82
C LEU B 336 9.93 0.52 -25.40
N SER B 337 9.90 -0.41 -24.46
CA SER B 337 10.28 -0.07 -23.09
C SER B 337 11.76 0.31 -22.99
N THR B 338 12.62 -0.41 -23.71
CA THR B 338 14.04 -0.09 -23.71
C THR B 338 14.27 1.31 -24.27
N SER B 339 13.57 1.65 -25.35
CA SER B 339 13.68 2.99 -25.93
C SER B 339 13.21 4.05 -24.95
N ALA B 340 12.09 3.80 -24.27
CA ALA B 340 11.59 4.78 -23.31
C ALA B 340 12.58 5.01 -22.19
N ILE B 341 13.22 3.95 -21.70
CA ILE B 341 14.25 4.12 -20.68
C ILE B 341 15.47 4.84 -21.25
N ALA B 342 15.82 4.55 -22.50
CA ALA B 342 17.02 5.12 -23.09
C ALA B 342 16.90 6.61 -23.32
N THR B 343 15.71 7.09 -23.67
CA THR B 343 15.54 8.51 -23.97
C THR B 343 15.26 9.37 -22.73
N ASN B 344 15.61 8.91 -21.54
CA ASN B 344 15.38 9.67 -20.32
C ASN B 344 16.59 10.47 -19.87
N GLY B 345 17.79 10.09 -20.31
CA GLY B 345 18.97 10.83 -19.93
C GLY B 345 20.20 10.21 -20.56
N PHE B 346 21.34 10.80 -20.26
CA PHE B 346 22.60 10.27 -20.79
C PHE B 346 22.92 8.94 -20.12
N VAL B 347 23.21 7.92 -20.93
CA VAL B 347 23.57 6.61 -20.44
C VAL B 347 25.08 6.43 -20.60
N ARG B 348 25.77 6.33 -19.47
CA ARG B 348 27.23 6.29 -19.45
C ARG B 348 27.77 5.06 -20.20
N GLY B 349 27.52 3.89 -19.64
CA GLY B 349 28.08 2.66 -20.18
C GLY B 349 27.37 1.47 -19.59
N GLY B 350 27.57 0.33 -20.22
CA GLY B 350 26.73 -0.82 -19.96
C GLY B 350 25.47 -0.73 -20.80
N GLY B 351 24.65 -1.76 -20.67
CA GLY B 351 23.47 -1.84 -21.51
C GLY B 351 22.18 -1.87 -20.74
N ALA B 352 21.49 -3.02 -20.78
CA ALA B 352 20.26 -3.18 -20.03
C ALA B 352 20.48 -2.98 -18.54
N TYR B 353 21.68 -3.31 -18.04
CA TYR B 353 21.95 -3.12 -16.62
C TYR B 353 21.89 -1.65 -16.25
N TYR B 354 22.56 -0.81 -17.04
CA TYR B 354 22.59 0.62 -16.72
C TYR B 354 21.19 1.21 -16.75
N LEU B 355 20.40 0.85 -17.76
CA LEU B 355 19.02 1.32 -17.87
C LEU B 355 18.20 0.90 -16.66
N ILE B 356 18.25 -0.40 -16.31
CA ILE B 356 17.42 -0.90 -15.23
C ILE B 356 17.86 -0.31 -13.89
N SER B 357 19.17 -0.26 -13.64
CA SER B 357 19.65 0.23 -12.35
C SER B 357 19.38 1.71 -12.18
N ARG B 358 19.48 2.50 -13.26
CA ARG B 358 19.17 3.91 -13.12
C ARG B 358 17.68 4.19 -13.20
N SER B 359 16.87 3.21 -13.61
CA SER B 359 15.42 3.39 -13.60
C SER B 359 14.81 3.02 -12.25
N LEU B 360 15.04 1.80 -11.78
CA LEU B 360 14.45 1.37 -10.51
C LEU B 360 15.49 0.76 -9.58
N GLY B 361 16.66 1.36 -9.49
CA GLY B 361 17.53 1.13 -8.36
C GLY B 361 18.47 -0.05 -8.49
N PRO B 362 19.33 -0.21 -7.48
CA PRO B 362 20.43 -1.17 -7.60
C PRO B 362 20.08 -2.61 -7.24
N GLU B 363 18.91 -2.89 -6.68
CA GLU B 363 18.59 -4.26 -6.29
C GLU B 363 18.20 -5.09 -7.51
N PHE B 364 17.09 -4.71 -8.15
CA PHE B 364 16.76 -5.30 -9.44
C PHE B 364 17.87 -5.08 -10.44
N GLY B 365 18.54 -3.93 -10.37
CA GLY B 365 19.63 -3.66 -11.29
C GLY B 365 20.75 -4.67 -11.17
N GLY B 366 21.19 -4.94 -9.96
CA GLY B 366 22.26 -5.91 -9.76
C GLY B 366 21.83 -7.32 -10.12
N ALA B 367 20.60 -7.69 -9.73
CA ALA B 367 20.11 -9.02 -10.05
C ALA B 367 20.09 -9.25 -11.56
N ILE B 368 19.46 -8.34 -12.30
CA ILE B 368 19.36 -8.51 -13.74
C ILE B 368 20.71 -8.37 -14.40
N GLY B 369 21.59 -7.50 -13.88
CA GLY B 369 22.92 -7.41 -14.45
C GLY B 369 23.66 -8.72 -14.39
N LEU B 370 23.69 -9.34 -13.21
CA LEU B 370 24.38 -10.62 -13.08
C LEU B 370 23.73 -11.69 -13.95
N ILE B 371 22.40 -11.75 -13.95
CA ILE B 371 21.72 -12.82 -14.68
C ILE B 371 21.88 -12.63 -16.18
N PHE B 372 21.76 -11.40 -16.68
CA PHE B 372 21.88 -11.14 -18.11
C PHE B 372 23.31 -11.35 -18.58
N ALA B 373 24.30 -10.97 -17.77
CA ALA B 373 25.69 -11.23 -18.13
C ALA B 373 25.95 -12.73 -18.22
N PHE B 374 25.47 -13.50 -17.24
CA PHE B 374 25.64 -14.95 -17.30
C PHE B 374 24.92 -15.55 -18.49
N ALA B 375 23.72 -15.05 -18.80
CA ALA B 375 22.96 -15.57 -19.93
C ALA B 375 23.69 -15.31 -21.24
N ASN B 376 24.28 -14.13 -21.40
CA ASN B 376 25.05 -13.85 -22.60
C ASN B 376 26.30 -14.70 -22.67
N ALA B 377 26.98 -14.91 -21.54
CA ALA B 377 28.15 -15.77 -21.53
C ALA B 377 27.81 -17.19 -21.94
N VAL B 378 26.67 -17.71 -21.49
CA VAL B 378 26.25 -19.05 -21.89
C VAL B 378 25.81 -19.07 -23.35
N ALA B 379 25.13 -18.02 -23.79
CA ALA B 379 24.70 -17.95 -25.17
C ALA B 379 25.88 -17.94 -26.12
N VAL B 380 27.02 -17.40 -25.69
CA VAL B 380 28.24 -17.51 -26.50
C VAL B 380 28.56 -18.97 -26.76
N ALA B 381 28.57 -19.78 -25.70
CA ALA B 381 28.86 -21.20 -25.84
C ALA B 381 27.82 -21.89 -26.70
N MET B 382 26.56 -21.47 -26.59
CA MET B 382 25.50 -22.15 -27.33
C MET B 382 25.55 -21.83 -28.83
N TYR B 383 25.83 -20.58 -29.19
CA TYR B 383 26.04 -20.24 -30.60
C TYR B 383 27.29 -20.94 -31.15
N VAL B 384 28.35 -21.01 -30.34
CA VAL B 384 29.55 -21.71 -30.79
C VAL B 384 29.27 -23.20 -30.96
N VAL B 385 28.41 -23.75 -30.11
CA VAL B 385 28.03 -25.16 -30.23
C VAL B 385 27.23 -25.38 -31.50
N GLY B 386 26.36 -24.43 -31.85
CA GLY B 386 25.67 -24.52 -33.13
C GLY B 386 26.63 -24.52 -34.30
N PHE B 387 27.64 -23.65 -34.24
CA PHE B 387 28.67 -23.65 -35.28
C PHE B 387 29.40 -24.99 -35.35
N ALA B 388 29.76 -25.54 -34.19
CA ALA B 388 30.44 -26.82 -34.17
C ALA B 388 29.56 -27.92 -34.75
N GLU B 389 28.26 -27.88 -34.45
CA GLU B 389 27.35 -28.90 -34.96
C GLU B 389 27.27 -28.85 -36.48
N THR B 390 27.13 -27.65 -37.05
CA THR B 390 27.05 -27.58 -38.51
C THR B 390 28.39 -27.95 -39.15
N VAL B 391 29.50 -27.62 -38.49
CA VAL B 391 30.81 -27.99 -39.03
C VAL B 391 30.97 -29.51 -39.06
N VAL B 392 30.65 -30.19 -37.96
CA VAL B 392 30.80 -31.63 -37.93
C VAL B 392 29.78 -32.31 -38.85
N GLU B 393 28.61 -31.70 -39.03
CA GLU B 393 27.65 -32.25 -39.99
C GLU B 393 28.22 -32.19 -41.40
N LEU B 394 28.80 -31.05 -41.78
CA LEU B 394 29.37 -30.93 -43.11
C LEU B 394 30.60 -31.82 -43.28
N LEU B 395 31.32 -32.09 -42.19
CA LEU B 395 32.44 -33.02 -42.27
C LEU B 395 31.97 -34.46 -42.42
N LYS B 396 30.91 -34.83 -41.70
CA LYS B 396 30.37 -36.18 -41.83
C LYS B 396 29.72 -36.40 -43.18
N GLU B 397 29.21 -35.34 -43.81
CA GLU B 397 28.71 -35.47 -45.17
C GLU B 397 29.80 -35.92 -46.12
N HIS B 398 31.00 -35.35 -45.98
CA HIS B 398 32.17 -35.80 -46.73
C HIS B 398 32.83 -36.94 -45.96
N SER B 399 34.04 -37.30 -46.37
CA SER B 399 34.80 -38.35 -45.69
C SER B 399 35.88 -37.73 -44.80
N ILE B 400 35.45 -37.22 -43.66
CA ILE B 400 36.36 -36.60 -42.69
C ILE B 400 35.75 -36.71 -41.30
N LEU B 401 36.56 -37.12 -40.33
CA LEU B 401 36.13 -37.21 -38.94
C LEU B 401 37.36 -37.37 -38.07
N MET B 402 37.46 -36.56 -37.02
CA MET B 402 38.61 -36.60 -36.12
C MET B 402 38.41 -37.61 -35.00
N ILE B 403 37.33 -37.45 -34.23
CA ILE B 403 36.99 -38.36 -33.15
C ILE B 403 35.49 -38.56 -33.16
N ASP B 404 34.95 -39.21 -32.13
CA ASP B 404 33.50 -39.33 -31.97
C ASP B 404 32.84 -37.95 -32.13
N GLU B 405 31.58 -37.97 -32.58
CA GLU B 405 30.92 -36.73 -32.99
C GLU B 405 30.92 -35.69 -31.88
N ILE B 406 30.62 -36.10 -30.65
CA ILE B 406 30.61 -35.15 -29.53
C ILE B 406 32.00 -34.60 -29.28
N ASN B 407 33.01 -35.48 -29.27
CA ASN B 407 34.37 -35.04 -29.02
C ASN B 407 34.87 -34.11 -30.13
N ASP B 408 34.54 -34.42 -31.38
CA ASP B 408 34.88 -33.52 -32.47
C ASP B 408 34.18 -32.18 -32.31
N ILE B 409 32.92 -32.19 -31.86
CA ILE B 409 32.19 -30.96 -31.62
C ILE B 409 32.91 -30.10 -30.60
N ARG B 410 33.33 -30.71 -29.49
CA ARG B 410 34.06 -29.94 -28.48
C ARG B 410 35.38 -29.41 -29.03
N ILE B 411 36.10 -30.23 -29.79
CA ILE B 411 37.41 -29.80 -30.29
C ILE B 411 37.25 -28.60 -31.22
N ILE B 412 36.29 -28.64 -32.13
CA ILE B 412 36.12 -27.52 -33.05
C ILE B 412 35.58 -26.29 -32.31
N GLY B 413 34.65 -26.50 -31.39
CA GLY B 413 34.07 -25.37 -30.66
C GLY B 413 35.10 -24.62 -29.83
N ALA B 414 36.05 -25.35 -29.25
CA ALA B 414 37.11 -24.68 -28.49
C ALA B 414 37.93 -23.77 -29.40
N ILE B 415 38.26 -24.25 -30.59
CA ILE B 415 39.06 -23.45 -31.52
C ILE B 415 38.30 -22.20 -31.92
N THR B 416 37.01 -22.34 -32.25
CA THR B 416 36.25 -21.17 -32.66
C THR B 416 36.07 -20.18 -31.52
N VAL B 417 35.91 -20.67 -30.29
CA VAL B 417 35.77 -19.75 -29.17
C VAL B 417 37.08 -19.02 -28.91
N VAL B 418 38.22 -19.69 -29.10
CA VAL B 418 39.51 -19.00 -28.97
C VAL B 418 39.66 -17.93 -30.03
N ILE B 419 39.29 -18.24 -31.27
CA ILE B 419 39.38 -17.26 -32.34
C ILE B 419 38.48 -16.07 -32.06
N LEU B 420 37.25 -16.33 -31.60
CA LEU B 420 36.33 -15.24 -31.28
C LEU B 420 36.86 -14.38 -30.14
N LEU B 421 37.48 -15.00 -29.14
CA LEU B 421 38.14 -14.22 -28.10
C LEU B 421 39.22 -13.33 -28.69
N GLY B 422 39.96 -13.85 -29.66
CA GLY B 422 40.97 -13.04 -30.32
C GLY B 422 40.39 -11.81 -31.00
N ILE B 423 39.32 -12.01 -31.78
CA ILE B 423 38.69 -10.86 -32.45
C ILE B 423 38.15 -9.87 -31.44
N SER B 424 37.51 -10.36 -30.38
CA SER B 424 36.96 -9.45 -29.37
C SER B 424 38.08 -8.66 -28.70
N VAL B 425 39.19 -9.31 -28.37
CA VAL B 425 40.31 -8.63 -27.73
C VAL B 425 40.93 -7.60 -28.66
N ALA B 426 40.96 -7.87 -29.96
CA ALA B 426 41.63 -6.98 -30.90
C ALA B 426 41.04 -5.57 -30.90
N GLY B 427 39.80 -5.40 -30.46
CA GLY B 427 39.19 -4.10 -30.37
C GLY B 427 37.84 -4.06 -31.04
N MET B 428 37.14 -2.94 -30.83
CA MET B 428 35.77 -2.79 -31.29
C MET B 428 35.66 -2.51 -32.79
N GLU B 429 36.60 -1.75 -33.35
CA GLU B 429 36.56 -1.47 -34.78
C GLU B 429 36.70 -2.76 -35.60
N TRP B 430 37.63 -3.63 -35.18
CA TRP B 430 37.77 -4.92 -35.86
C TRP B 430 36.53 -5.78 -35.69
N GLU B 431 35.93 -5.73 -34.49
CA GLU B 431 34.68 -6.45 -34.27
C GLU B 431 33.60 -5.93 -35.21
N ALA B 432 33.52 -4.61 -35.39
CA ALA B 432 32.53 -4.05 -36.31
C ALA B 432 32.79 -4.47 -37.74
N LYS B 433 34.06 -4.52 -38.16
CA LYS B 433 34.37 -4.96 -39.52
C LYS B 433 33.97 -6.42 -39.73
N ALA B 434 34.30 -7.28 -38.77
CA ALA B 434 33.85 -8.66 -38.86
C ALA B 434 32.33 -8.74 -38.90
N GLN B 435 31.66 -7.92 -38.11
CA GLN B 435 30.20 -7.92 -38.08
C GLN B 435 29.62 -7.55 -39.43
N ILE B 436 30.17 -6.52 -40.09
CA ILE B 436 29.59 -6.09 -41.36
C ILE B 436 29.87 -7.10 -42.45
N VAL B 437 31.05 -7.74 -42.45
CA VAL B 437 31.29 -8.76 -43.47
C VAL B 437 30.36 -9.97 -43.23
N LEU B 438 30.11 -10.32 -41.97
CA LEU B 438 29.16 -11.40 -41.72
C LEU B 438 27.75 -11.00 -42.13
N LEU B 439 27.39 -9.73 -41.93
CA LEU B 439 26.09 -9.23 -42.37
C LEU B 439 25.93 -9.38 -43.88
N VAL B 440 26.95 -9.00 -44.64
CA VAL B 440 26.81 -9.07 -46.09
C VAL B 440 26.78 -10.53 -46.55
N ILE B 441 27.56 -11.40 -45.91
CA ILE B 441 27.52 -12.82 -46.28
C ILE B 441 26.15 -13.41 -45.98
N LEU B 442 25.58 -13.08 -44.83
CA LEU B 442 24.26 -13.58 -44.46
C LEU B 442 23.18 -13.07 -45.40
N LEU B 443 23.25 -11.79 -45.79
CA LEU B 443 22.28 -11.26 -46.74
C LEU B 443 22.41 -11.96 -48.08
N LEU B 444 23.65 -12.25 -48.51
CA LEU B 444 23.84 -13.01 -49.73
C LEU B 444 23.23 -14.39 -49.62
N ALA B 445 23.38 -15.05 -48.47
CA ALA B 445 22.79 -16.38 -48.30
C ALA B 445 21.26 -16.31 -48.35
N ILE B 446 20.66 -15.29 -47.74
CA ILE B 446 19.21 -15.15 -47.80
C ILE B 446 18.74 -14.94 -49.23
N GLY B 447 19.44 -14.07 -49.97
CA GLY B 447 19.10 -13.89 -51.38
C GLY B 447 19.30 -15.15 -52.19
N ASP B 448 20.34 -15.93 -51.86
CA ASP B 448 20.57 -17.22 -52.51
C ASP B 448 19.38 -18.13 -52.31
N PHE B 449 18.90 -18.24 -51.07
CA PHE B 449 17.73 -19.07 -50.80
C PHE B 449 16.53 -18.59 -51.60
N VAL B 450 16.25 -17.28 -51.55
CA VAL B 450 15.05 -16.76 -52.20
C VAL B 450 15.11 -17.01 -53.71
N ILE B 451 16.28 -16.78 -54.32
CA ILE B 451 16.42 -17.05 -55.74
C ILE B 451 16.29 -18.54 -56.02
N GLY B 452 16.75 -19.39 -55.10
CA GLY B 452 16.65 -20.82 -55.30
C GLY B 452 15.20 -21.30 -55.33
N THR B 453 14.37 -20.79 -54.42
CA THR B 453 12.97 -21.22 -54.41
C THR B 453 12.20 -20.79 -55.66
N PHE B 454 12.72 -19.83 -56.43
CA PHE B 454 12.04 -19.37 -57.63
C PHE B 454 12.49 -20.10 -58.88
N ILE B 455 13.42 -21.04 -58.77
CA ILE B 455 13.94 -21.76 -59.92
C ILE B 455 13.88 -23.26 -59.64
N PRO B 456 12.71 -23.89 -59.74
CA PRO B 456 12.62 -25.33 -59.44
C PRO B 456 13.37 -26.14 -60.48
N LEU B 457 13.92 -27.27 -60.02
CA LEU B 457 14.69 -28.16 -60.86
C LEU B 457 14.21 -29.59 -60.67
N GLU B 458 14.32 -30.39 -61.73
CA GLU B 458 13.89 -31.78 -61.67
C GLU B 458 14.79 -32.62 -60.78
N SER B 459 16.03 -32.19 -60.54
CA SER B 459 16.90 -32.93 -59.64
C SER B 459 16.36 -32.90 -58.22
N LYS B 460 15.78 -31.78 -57.81
CA LYS B 460 15.17 -31.66 -56.50
C LYS B 460 13.69 -32.04 -56.50
N LYS B 461 13.15 -32.43 -57.64
CA LYS B 461 11.79 -32.95 -57.67
C LYS B 461 11.60 -34.17 -56.77
N PRO B 462 12.51 -35.15 -56.73
CA PRO B 462 12.37 -36.22 -55.72
C PRO B 462 12.34 -35.68 -54.31
N LYS B 463 13.02 -34.56 -54.05
CA LYS B 463 12.95 -33.89 -52.77
C LYS B 463 11.58 -33.24 -52.61
N GLY B 464 11.41 -32.51 -51.51
CA GLY B 464 10.17 -31.76 -51.35
C GLY B 464 10.04 -30.55 -52.25
N PHE B 465 11.13 -30.13 -52.88
CA PHE B 465 11.11 -28.93 -53.71
C PHE B 465 10.18 -29.11 -54.91
N PHE B 466 9.23 -28.19 -55.06
CA PHE B 466 8.32 -28.18 -56.19
C PHE B 466 8.11 -26.82 -56.83
N GLY B 467 8.35 -25.72 -56.12
CA GLY B 467 8.31 -24.42 -56.75
C GLY B 467 7.00 -23.64 -56.61
N TYR B 468 6.53 -23.45 -55.38
CA TYR B 468 5.34 -22.65 -55.10
C TYR B 468 4.09 -23.24 -55.77
N LYS B 469 3.76 -24.45 -55.36
CA LYS B 469 2.54 -25.11 -55.80
C LYS B 469 1.43 -24.83 -54.81
N SER B 470 0.28 -24.37 -55.32
CA SER B 470 -0.85 -24.07 -54.44
C SER B 470 -1.28 -25.30 -53.65
N GLU B 471 -1.06 -26.49 -54.20
CA GLU B 471 -1.36 -27.71 -53.47
C GLU B 471 -0.54 -27.80 -52.20
N ILE B 472 0.73 -27.42 -52.27
CA ILE B 472 1.58 -27.41 -51.08
C ILE B 472 1.10 -26.36 -50.09
N PHE B 473 0.71 -25.18 -50.59
CA PHE B 473 0.19 -24.14 -49.72
C PHE B 473 -1.01 -24.64 -48.93
N ASN B 474 -2.00 -25.21 -49.62
CA ASN B 474 -3.19 -25.70 -48.93
C ASN B 474 -2.87 -26.94 -48.09
N GLU B 475 -1.79 -27.64 -48.42
CA GLU B 475 -1.44 -28.86 -47.68
C GLU B 475 -0.64 -28.54 -46.44
N ASN B 476 0.29 -27.58 -46.53
CA ASN B 476 1.14 -27.25 -45.39
C ASN B 476 0.46 -26.29 -44.41
N PHE B 477 -0.62 -25.65 -44.82
CA PHE B 477 -1.42 -24.82 -43.92
C PHE B 477 -2.21 -25.71 -42.98
N GLY B 478 -1.61 -26.09 -41.86
CA GLY B 478 -2.27 -26.97 -40.92
C GLY B 478 -1.32 -27.66 -39.97
N PRO B 479 -1.72 -27.75 -38.71
CA PRO B 479 -0.87 -28.24 -37.61
C PRO B 479 -0.68 -29.76 -37.59
N ASP B 480 0.31 -30.23 -38.36
CA ASP B 480 0.63 -31.65 -38.43
C ASP B 480 1.83 -31.86 -37.51
N PHE B 481 1.56 -32.19 -36.25
CA PHE B 481 2.62 -32.49 -35.30
C PHE B 481 2.91 -33.99 -35.36
N ARG B 482 4.03 -34.35 -35.99
CA ARG B 482 4.34 -35.72 -36.36
C ARG B 482 5.36 -36.35 -35.41
N GLU B 483 5.28 -36.03 -34.13
CA GLU B 483 6.13 -36.62 -33.10
C GLU B 483 5.53 -36.25 -31.74
N GLU B 484 6.29 -36.49 -30.67
CA GLU B 484 5.89 -36.06 -29.34
C GLU B 484 6.15 -34.55 -29.17
N GLU B 485 5.48 -33.77 -30.01
CA GLU B 485 5.67 -32.33 -30.08
C GLU B 485 4.32 -31.65 -30.05
N THR B 486 4.30 -30.41 -29.55
CA THR B 486 3.09 -29.63 -29.44
C THR B 486 3.37 -28.19 -29.87
N PHE B 487 2.30 -27.39 -29.90
CA PHE B 487 2.44 -25.98 -30.25
C PHE B 487 3.35 -25.26 -29.27
N PHE B 488 3.17 -25.50 -27.98
CA PHE B 488 3.97 -24.82 -26.97
C PHE B 488 5.44 -25.22 -27.06
N SER B 489 5.71 -26.49 -27.36
CA SER B 489 7.10 -26.93 -27.51
C SER B 489 7.74 -26.28 -28.73
N VAL B 490 6.99 -26.11 -29.82
CA VAL B 490 7.50 -25.43 -30.99
C VAL B 490 7.80 -23.97 -30.66
N PHE B 491 6.91 -23.33 -29.90
CA PHE B 491 7.18 -21.95 -29.47
C PHE B 491 8.43 -21.89 -28.60
N ALA B 492 8.60 -22.85 -27.70
CA ALA B 492 9.79 -22.87 -26.86
C ALA B 492 11.06 -23.03 -27.68
N ILE B 493 10.98 -23.83 -28.75
CA ILE B 493 12.14 -23.98 -29.63
C ILE B 493 12.41 -22.68 -30.39
N PHE B 494 11.36 -22.01 -30.84
CA PHE B 494 11.54 -20.82 -31.68
C PHE B 494 11.97 -19.59 -30.89
N PHE B 495 11.53 -19.46 -29.64
CA PHE B 495 11.76 -18.21 -28.91
C PHE B 495 13.21 -17.75 -28.85
N PRO B 496 14.21 -18.62 -28.63
CA PRO B 496 15.60 -18.13 -28.62
C PRO B 496 16.02 -17.40 -29.88
N ALA B 497 15.34 -17.64 -31.01
CA ALA B 497 15.65 -16.90 -32.23
C ALA B 497 15.29 -15.42 -32.10
N ALA B 498 14.18 -15.13 -31.42
CA ALA B 498 13.72 -13.76 -31.29
C ALA B 498 14.59 -12.91 -30.38
N THR B 499 15.41 -13.54 -29.53
CA THR B 499 16.24 -12.79 -28.59
C THR B 499 17.37 -12.08 -29.33
N GLY B 500 18.17 -11.35 -28.57
CA GLY B 500 19.24 -10.56 -29.13
C GLY B 500 18.87 -9.13 -29.48
N ILE B 501 17.73 -8.64 -29.00
CA ILE B 501 17.31 -7.29 -29.31
C ILE B 501 18.13 -6.25 -28.59
N LEU B 502 18.85 -6.63 -27.53
CA LEU B 502 19.59 -5.70 -26.71
C LEU B 502 21.07 -5.64 -27.05
N ALA B 503 21.48 -6.23 -28.18
CA ALA B 503 22.89 -6.15 -28.57
C ALA B 503 23.32 -4.72 -28.83
N GLY B 504 22.48 -3.94 -29.52
CA GLY B 504 22.80 -2.54 -29.75
C GLY B 504 22.75 -1.72 -28.48
N ALA B 505 21.78 -1.98 -27.61
CA ALA B 505 21.67 -1.21 -26.38
C ALA B 505 22.78 -1.55 -25.39
N ASN B 506 23.38 -2.73 -25.51
CA ASN B 506 24.49 -3.10 -24.65
C ASN B 506 25.79 -2.42 -25.06
N ILE B 507 25.80 -1.74 -26.21
CA ILE B 507 26.97 -1.02 -26.69
C ILE B 507 26.95 0.44 -26.29
N SER B 508 25.89 0.87 -25.59
CA SER B 508 25.64 2.28 -25.29
C SER B 508 26.89 3.02 -24.80
N GLY B 509 27.80 2.33 -24.14
CA GLY B 509 29.03 2.96 -23.70
C GLY B 509 29.97 3.34 -24.82
N ASP B 510 29.67 2.93 -26.06
CA ASP B 510 30.50 3.21 -27.21
C ASP B 510 29.71 3.77 -28.39
N LEU B 511 28.55 4.35 -28.12
CA LEU B 511 27.72 4.94 -29.16
C LEU B 511 27.96 6.44 -29.24
N ALA B 512 27.90 6.97 -30.46
CA ALA B 512 28.10 8.41 -30.65
C ALA B 512 27.17 9.21 -29.76
N ASP B 513 25.87 8.91 -29.82
CA ASP B 513 24.95 9.29 -28.79
C ASP B 513 23.78 8.33 -28.76
N PRO B 514 23.42 7.82 -27.60
CA PRO B 514 22.14 7.11 -27.47
C PRO B 514 21.01 8.11 -27.32
N GLN B 515 19.80 7.62 -27.03
CA GLN B 515 18.56 8.41 -27.00
C GLN B 515 18.14 8.78 -28.40
N SER B 516 19.00 8.53 -29.39
CA SER B 516 18.63 8.69 -30.79
C SER B 516 18.99 7.42 -31.54
N ALA B 517 20.04 6.72 -31.09
CA ALA B 517 20.52 5.53 -31.78
C ALA B 517 19.71 4.30 -31.38
N ILE B 518 19.57 4.07 -30.07
CA ILE B 518 18.95 2.83 -29.61
C ILE B 518 17.50 2.67 -30.08
N PRO B 519 16.61 3.67 -29.93
CA PRO B 519 15.21 3.46 -30.32
C PRO B 519 15.02 3.06 -31.78
N LYS B 520 15.44 3.92 -32.71
CA LYS B 520 15.16 3.66 -34.11
C LYS B 520 15.93 2.43 -34.60
N GLY B 521 17.17 2.27 -34.16
CA GLY B 521 17.94 1.11 -34.57
C GLY B 521 17.30 -0.20 -34.11
N THR B 522 16.92 -0.26 -32.83
CA THR B 522 16.35 -1.48 -32.29
C THR B 522 15.00 -1.78 -32.93
N LEU B 523 14.15 -0.76 -33.11
CA LEU B 523 12.84 -1.00 -33.72
C LEU B 523 12.98 -1.45 -35.17
N LEU B 524 13.87 -0.82 -35.94
CA LEU B 524 14.08 -1.25 -37.32
C LEU B 524 14.62 -2.66 -37.38
N ALA B 525 15.56 -3.01 -36.49
CA ALA B 525 16.09 -4.36 -36.47
C ALA B 525 15.00 -5.38 -36.19
N ILE B 526 14.15 -5.10 -35.19
CA ILE B 526 13.07 -6.02 -34.86
C ILE B 526 12.13 -6.18 -36.04
N LEU B 527 11.75 -5.06 -36.67
CA LEU B 527 10.84 -5.11 -37.79
C LEU B 527 11.41 -5.93 -38.94
N ILE B 528 12.67 -5.68 -39.29
CA ILE B 528 13.27 -6.37 -40.43
C ILE B 528 13.42 -7.85 -40.15
N THR B 529 13.91 -8.21 -38.96
CA THR B 529 14.08 -9.62 -38.63
C THR B 529 12.75 -10.34 -38.64
N THR B 530 11.70 -9.72 -38.10
CA THR B 530 10.38 -10.35 -38.09
C THR B 530 9.85 -10.53 -39.51
N LEU B 531 10.00 -9.51 -40.34
CA LEU B 531 9.54 -9.63 -41.73
C LEU B 531 10.25 -10.75 -42.46
N VAL B 532 11.57 -10.85 -42.28
CA VAL B 532 12.32 -11.90 -42.94
C VAL B 532 11.89 -13.27 -42.43
N TYR B 533 11.70 -13.40 -41.11
CA TYR B 533 11.26 -14.67 -40.54
C TYR B 533 9.93 -15.10 -41.15
N VAL B 534 8.96 -14.18 -41.18
CA VAL B 534 7.63 -14.51 -41.70
C VAL B 534 7.71 -14.88 -43.17
N GLY B 535 8.41 -14.08 -43.97
CA GLY B 535 8.51 -14.35 -45.39
C GLY B 535 9.17 -15.68 -45.69
N ILE B 536 10.27 -15.98 -45.01
CA ILE B 536 10.99 -17.23 -45.27
C ILE B 536 10.16 -18.42 -44.81
N ALA B 537 9.48 -18.30 -43.66
CA ALA B 537 8.63 -19.39 -43.20
C ALA B 537 7.53 -19.67 -44.22
N VAL B 538 6.87 -18.62 -44.70
CA VAL B 538 5.80 -18.81 -45.69
C VAL B 538 6.35 -19.42 -46.97
N SER B 539 7.50 -18.92 -47.44
CA SER B 539 8.06 -19.41 -48.70
C SER B 539 8.43 -20.88 -48.60
N VAL B 540 9.10 -21.27 -47.52
CA VAL B 540 9.49 -22.67 -47.38
C VAL B 540 8.29 -23.57 -47.09
N GLY B 541 7.21 -23.02 -46.53
CA GLY B 541 6.02 -23.83 -46.31
C GLY B 541 5.18 -24.01 -47.56
N SER B 542 5.20 -23.06 -48.47
CA SER B 542 4.41 -23.12 -49.69
C SER B 542 5.18 -23.69 -50.86
N CYS B 543 6.37 -24.25 -50.63
CA CYS B 543 7.23 -24.75 -51.70
C CYS B 543 7.76 -26.15 -51.47
N VAL B 544 7.82 -26.64 -50.24
CA VAL B 544 8.35 -27.96 -49.92
C VAL B 544 7.27 -28.75 -49.21
N VAL B 545 7.10 -30.02 -49.60
CA VAL B 545 6.14 -30.89 -48.94
C VAL B 545 6.76 -31.48 -47.68
N ARG B 546 5.90 -32.00 -46.80
CA ARG B 546 6.35 -32.44 -45.48
C ARG B 546 7.18 -33.72 -45.59
N ASP B 547 6.62 -34.76 -46.18
CA ASP B 547 7.30 -36.04 -46.32
C ASP B 547 7.82 -36.19 -47.74
N ALA B 548 8.99 -36.83 -47.88
CA ALA B 548 9.60 -36.99 -49.18
C ALA B 548 10.58 -38.15 -49.13
N THR B 549 10.63 -38.93 -50.21
CA THR B 549 11.52 -40.07 -50.33
C THR B 549 12.62 -39.75 -51.34
N GLY B 550 13.86 -39.96 -50.94
CA GLY B 550 15.00 -39.60 -51.78
C GLY B 550 15.41 -40.66 -52.76
N ASN B 551 14.58 -40.91 -53.77
CA ASN B 551 14.91 -41.86 -54.81
C ASN B 551 14.24 -41.43 -56.10
N VAL B 552 14.99 -41.49 -57.21
CA VAL B 552 14.43 -41.21 -58.52
C VAL B 552 13.46 -42.29 -58.97
N ASN B 553 13.38 -43.40 -58.22
CA ASN B 553 12.49 -44.50 -58.57
C ASN B 553 11.02 -44.11 -58.47
N ASP B 554 10.69 -43.01 -57.80
CA ASP B 554 9.33 -42.51 -57.83
C ASP B 554 8.96 -42.08 -59.24
N THR B 555 7.79 -42.51 -59.69
CA THR B 555 7.36 -42.31 -61.07
C THR B 555 6.20 -41.33 -61.14
N ILE B 556 5.91 -40.89 -62.36
CA ILE B 556 4.80 -39.97 -62.63
C ILE B 556 3.91 -40.56 -63.70
N VAL B 557 3.82 -41.90 -63.72
CA VAL B 557 3.04 -42.59 -64.76
C VAL B 557 1.59 -42.19 -64.72
N THR B 558 1.09 -41.74 -63.57
CA THR B 558 -0.31 -41.32 -63.42
C THR B 558 -1.26 -42.50 -63.45
N GLU B 559 -0.83 -43.63 -62.91
CA GLU B 559 -1.66 -44.83 -62.86
C GLU B 559 -2.86 -44.60 -61.95
N LEU B 560 -3.74 -45.61 -61.90
CA LEU B 560 -4.96 -45.53 -61.10
C LEU B 560 -4.61 -45.40 -59.63
N THR B 561 -4.90 -44.24 -59.05
CA THR B 561 -4.63 -43.99 -57.64
C THR B 561 -5.44 -42.77 -57.21
N ASN B 562 -6.12 -42.88 -56.07
CA ASN B 562 -6.90 -41.76 -55.56
C ASN B 562 -6.01 -40.63 -55.08
N CYS B 563 -5.07 -40.95 -54.19
CA CYS B 563 -4.05 -40.03 -53.68
C CYS B 563 -4.67 -38.70 -53.24
N THR B 564 -5.49 -38.80 -52.19
CA THR B 564 -6.10 -37.61 -51.62
C THR B 564 -5.06 -36.60 -51.11
N SER B 565 -3.85 -37.05 -50.82
CA SER B 565 -2.81 -36.16 -50.37
C SER B 565 -2.35 -35.23 -51.49
N ALA B 566 -1.71 -34.14 -51.12
CA ALA B 566 -1.28 -33.12 -52.06
C ALA B 566 0.06 -33.41 -52.71
N ALA B 567 0.75 -34.48 -52.29
CA ALA B 567 2.02 -34.82 -52.91
C ALA B 567 1.82 -35.27 -54.36
N CYS B 568 0.77 -36.05 -54.63
CA CYS B 568 0.57 -36.61 -55.96
C CYS B 568 0.10 -35.57 -56.95
N LYS B 569 -0.62 -34.54 -56.49
CA LYS B 569 -1.22 -33.58 -57.41
C LYS B 569 -0.17 -32.90 -58.28
N LEU B 570 1.04 -32.69 -57.74
CA LEU B 570 2.12 -32.13 -58.54
C LEU B 570 2.78 -33.22 -59.39
N ASN B 571 3.07 -34.36 -58.77
CA ASN B 571 3.68 -35.50 -59.47
C ASN B 571 3.75 -36.64 -58.47
N PHE B 572 4.23 -37.79 -58.94
CA PHE B 572 4.34 -38.95 -58.07
C PHE B 572 5.61 -38.94 -57.23
N ASP B 573 6.52 -38.01 -57.46
CA ASP B 573 7.76 -37.97 -56.71
C ASP B 573 7.49 -37.63 -55.25
N PHE B 574 8.21 -38.29 -54.34
CA PHE B 574 8.13 -38.05 -52.91
C PHE B 574 6.71 -38.31 -52.38
N SER B 575 6.28 -39.56 -52.51
CA SER B 575 4.95 -39.96 -52.10
C SER B 575 5.00 -41.28 -51.36
N SER B 576 4.09 -41.43 -50.39
CA SER B 576 3.83 -42.69 -49.70
C SER B 576 5.07 -43.21 -48.96
N CYS B 577 5.54 -42.41 -48.01
CA CYS B 577 6.53 -42.86 -47.04
C CYS B 577 5.97 -42.72 -45.63
N GLU B 578 4.67 -42.95 -45.49
CA GLU B 578 3.99 -42.83 -44.21
C GLU B 578 3.97 -44.13 -43.41
N SER B 579 4.45 -45.23 -44.00
CA SER B 579 4.47 -46.50 -43.30
C SER B 579 5.75 -46.69 -42.50
N SER B 580 6.90 -46.35 -43.10
CA SER B 580 8.20 -46.42 -42.46
C SER B 580 8.84 -45.04 -42.49
N PRO B 581 9.80 -44.78 -41.61
CA PRO B 581 10.40 -43.44 -41.57
C PRO B 581 11.23 -43.15 -42.82
N CYS B 582 10.71 -42.30 -43.69
CA CYS B 582 11.43 -41.96 -44.90
C CYS B 582 12.42 -40.83 -44.65
N SER B 583 13.40 -40.74 -45.54
CA SER B 583 14.68 -40.13 -45.20
C SER B 583 14.55 -38.65 -44.83
N TYR B 584 13.78 -37.89 -45.59
CA TYR B 584 13.82 -36.44 -45.49
C TYR B 584 12.49 -35.83 -45.92
N GLY B 585 12.48 -34.51 -46.08
CA GLY B 585 11.33 -33.68 -46.37
C GLY B 585 11.33 -32.46 -45.47
N LEU B 586 10.16 -31.86 -45.30
CA LEU B 586 10.00 -30.71 -44.41
C LEU B 586 9.81 -31.10 -42.96
N MET B 587 9.83 -32.40 -42.66
CA MET B 587 9.70 -32.88 -41.29
C MET B 587 10.87 -33.72 -40.83
N ASN B 588 11.69 -34.26 -41.73
CA ASN B 588 12.80 -35.12 -41.36
C ASN B 588 14.14 -34.61 -41.86
N ASN B 589 14.18 -33.44 -42.49
CA ASN B 589 15.42 -32.89 -43.03
C ASN B 589 15.61 -31.48 -42.50
N PHE B 590 16.76 -31.24 -41.87
CA PHE B 590 17.14 -29.89 -41.48
C PHE B 590 18.02 -29.20 -42.50
N GLN B 591 18.42 -29.90 -43.56
CA GLN B 591 19.24 -29.35 -44.63
C GLN B 591 18.41 -28.81 -45.78
N VAL B 592 17.08 -28.84 -45.66
CA VAL B 592 16.21 -28.47 -46.78
C VAL B 592 16.46 -27.04 -47.24
N MET B 593 16.83 -26.16 -46.29
CA MET B 593 17.19 -24.79 -46.67
C MET B 593 18.35 -24.79 -47.64
N SER B 594 19.40 -25.56 -47.35
CA SER B 594 20.53 -25.68 -48.26
C SER B 594 20.22 -26.51 -49.49
N MET B 595 19.07 -27.19 -49.51
CA MET B 595 18.68 -27.99 -50.66
C MET B 595 17.95 -27.16 -51.70
N VAL B 596 16.87 -26.48 -51.28
CA VAL B 596 16.00 -25.78 -52.23
C VAL B 596 16.66 -24.52 -52.74
N SER B 597 17.85 -24.22 -52.24
CA SER B 597 18.58 -23.03 -52.66
C SER B 597 19.36 -23.35 -53.94
N GLY B 598 20.21 -22.43 -54.36
CA GLY B 598 21.08 -22.66 -55.49
C GLY B 598 22.43 -23.17 -55.04
N PHE B 599 23.43 -22.28 -55.00
CA PHE B 599 24.73 -22.61 -54.48
C PHE B 599 24.60 -23.02 -53.01
N THR B 600 24.90 -24.28 -52.70
CA THR B 600 24.70 -24.81 -51.34
C THR B 600 25.81 -24.39 -50.38
N PRO B 601 27.09 -24.38 -50.79
CA PRO B 601 28.11 -23.80 -49.91
C PRO B 601 27.84 -22.36 -49.54
N LEU B 602 27.14 -21.59 -50.37
CA LEU B 602 26.73 -20.25 -49.96
C LEU B 602 25.80 -20.31 -48.76
N ILE B 603 24.86 -21.26 -48.75
CA ILE B 603 23.97 -21.39 -47.61
C ILE B 603 24.75 -21.87 -46.39
N SER B 604 25.75 -22.74 -46.59
CA SER B 604 26.58 -23.17 -45.46
C SER B 604 27.34 -21.98 -44.87
N ALA B 605 27.87 -21.12 -45.73
CA ALA B 605 28.54 -19.92 -45.25
C ALA B 605 27.58 -19.00 -44.53
N GLY B 606 26.33 -18.93 -45.00
CA GLY B 606 25.32 -18.19 -44.28
C GLY B 606 25.06 -18.76 -42.89
N ILE B 607 25.06 -20.09 -42.78
CA ILE B 607 24.94 -20.74 -41.47
C ILE B 607 26.07 -20.28 -40.57
N PHE B 608 27.30 -20.36 -41.09
CA PHE B 608 28.47 -19.99 -40.28
C PHE B 608 28.40 -18.54 -39.84
N SER B 609 28.04 -17.64 -40.76
CA SER B 609 27.95 -16.23 -40.43
C SER B 609 26.84 -15.97 -39.40
N ALA B 610 25.68 -16.61 -39.58
CA ALA B 610 24.58 -16.42 -38.65
C ALA B 610 24.95 -16.86 -37.25
N THR B 611 25.61 -18.00 -37.13
CA THR B 611 25.93 -18.51 -35.81
C THR B 611 27.15 -17.83 -35.20
N LEU B 612 28.02 -17.21 -36.00
CA LEU B 612 29.20 -16.58 -35.45
C LEU B 612 28.98 -15.11 -35.12
N SER B 613 28.15 -14.40 -35.88
CA SER B 613 27.84 -13.02 -35.55
C SER B 613 27.12 -12.92 -34.21
N SER B 614 26.17 -13.82 -33.96
CA SER B 614 25.46 -13.82 -32.69
C SER B 614 26.38 -14.14 -31.53
N ALA B 615 27.29 -15.10 -31.73
CA ALA B 615 28.24 -15.43 -30.67
C ALA B 615 29.16 -14.26 -30.38
N LEU B 616 29.64 -13.58 -31.43
CA LEU B 616 30.48 -12.41 -31.23
C LEU B 616 29.72 -11.30 -30.52
N ALA B 617 28.45 -11.09 -30.89
CA ALA B 617 27.64 -10.08 -30.23
C ALA B 617 27.47 -10.37 -28.75
N SER B 618 27.17 -11.62 -28.40
CA SER B 618 27.00 -11.98 -27.00
C SER B 618 28.32 -11.89 -26.24
N LEU B 619 29.43 -12.26 -26.89
CA LEU B 619 30.72 -12.21 -26.25
C LEU B 619 31.19 -10.79 -26.02
N VAL B 620 30.79 -9.86 -26.88
CA VAL B 620 31.02 -8.45 -26.58
C VAL B 620 30.07 -7.98 -25.48
N SER B 621 28.81 -8.40 -25.56
CA SER B 621 27.77 -7.90 -24.66
C SER B 621 28.05 -8.22 -23.20
N ALA B 622 28.45 -9.46 -22.92
CA ALA B 622 28.55 -9.90 -21.52
C ALA B 622 29.56 -9.09 -20.71
N PRO B 623 30.81 -8.91 -21.13
CA PRO B 623 31.75 -8.15 -20.30
C PRO B 623 31.40 -6.68 -20.16
N LYS B 624 30.76 -6.06 -21.15
CA LYS B 624 30.35 -4.67 -21.00
C LYS B 624 29.37 -4.52 -19.83
N ILE B 625 28.35 -5.38 -19.80
CA ILE B 625 27.39 -5.37 -18.71
C ILE B 625 28.08 -5.68 -17.39
N PHE B 626 28.96 -6.69 -17.39
CA PHE B 626 29.61 -7.08 -16.15
C PHE B 626 30.48 -5.96 -15.61
N GLN B 627 31.22 -5.28 -16.49
CA GLN B 627 32.08 -4.18 -16.06
C GLN B 627 31.27 -3.00 -15.57
N ALA B 628 30.15 -2.70 -16.24
CA ALA B 628 29.28 -1.63 -15.78
C ALA B 628 28.71 -1.93 -14.39
N LEU B 629 28.36 -3.19 -14.15
CA LEU B 629 27.83 -3.58 -12.85
C LEU B 629 28.91 -3.63 -11.78
N CYS B 630 30.14 -3.98 -12.17
CA CYS B 630 31.24 -4.06 -11.22
C CYS B 630 31.78 -2.69 -10.85
N LYS B 631 31.69 -1.72 -11.77
CA LYS B 631 32.09 -0.36 -11.44
C LYS B 631 31.24 0.23 -10.34
N ASP B 632 29.99 -0.21 -10.22
CA ASP B 632 29.12 0.24 -9.15
C ASP B 632 29.38 -0.45 -7.82
N ASN B 633 30.24 -1.47 -7.82
CA ASN B 633 30.61 -2.20 -6.60
C ASN B 633 29.38 -2.76 -5.88
N ILE B 634 28.42 -3.27 -6.64
CA ILE B 634 27.24 -3.89 -6.05
C ILE B 634 27.64 -5.16 -5.30
N TYR B 635 28.44 -6.01 -5.94
CA TYR B 635 29.03 -7.16 -5.29
C TYR B 635 30.52 -6.88 -5.10
N PRO B 636 30.98 -6.60 -3.89
CA PRO B 636 32.39 -6.24 -3.69
C PRO B 636 33.36 -7.35 -4.06
N ALA B 637 32.87 -8.58 -4.11
CA ALA B 637 33.74 -9.71 -4.41
C ALA B 637 34.25 -9.68 -5.86
N PHE B 638 33.56 -8.97 -6.76
CA PHE B 638 33.91 -8.96 -8.17
C PHE B 638 34.58 -7.66 -8.60
N GLN B 639 35.13 -6.89 -7.65
CA GLN B 639 35.68 -5.58 -7.98
C GLN B 639 36.83 -5.69 -8.99
N MET B 640 37.47 -6.86 -9.06
CA MET B 640 38.61 -7.02 -9.94
C MET B 640 38.24 -6.87 -11.41
N PHE B 641 37.05 -7.32 -11.79
CA PHE B 641 36.62 -7.34 -13.19
C PHE B 641 36.12 -5.99 -13.68
N ALA B 642 36.29 -4.92 -12.91
CA ALA B 642 35.83 -3.60 -13.30
C ALA B 642 36.87 -2.82 -14.09
N LYS B 643 38.10 -3.32 -14.20
CA LYS B 643 39.18 -2.57 -14.81
C LYS B 643 38.99 -2.50 -16.34
N GLY B 644 39.58 -1.47 -16.94
CA GLY B 644 39.59 -1.34 -18.38
C GLY B 644 41.00 -1.12 -18.88
N TYR B 645 41.17 -1.34 -20.18
CA TYR B 645 42.47 -1.21 -20.82
C TYR B 645 42.32 -0.48 -22.14
N GLY B 646 43.39 0.18 -22.56
CA GLY B 646 43.40 0.87 -23.84
C GLY B 646 42.78 2.25 -23.77
N LYS B 647 42.74 2.90 -24.94
CA LYS B 647 42.14 4.23 -25.02
C LYS B 647 40.65 4.18 -24.67
N ASN B 648 39.93 3.20 -25.21
CA ASN B 648 38.55 2.96 -24.86
C ASN B 648 38.51 1.89 -23.78
N ASN B 649 37.80 2.16 -22.69
CA ASN B 649 37.82 1.25 -21.54
C ASN B 649 37.28 -0.12 -21.95
N GLU B 650 38.18 -1.09 -22.03
CA GLU B 650 37.83 -2.44 -22.48
C GLU B 650 38.06 -3.41 -21.34
N PRO B 651 37.04 -4.13 -20.89
CA PRO B 651 37.20 -5.06 -19.76
C PRO B 651 37.82 -6.39 -20.17
N LEU B 652 39.15 -6.38 -20.29
CA LEU B 652 39.87 -7.59 -20.71
C LEU B 652 39.72 -8.72 -19.70
N ARG B 653 39.70 -8.39 -18.41
CA ARG B 653 39.43 -9.42 -17.41
C ARG B 653 38.05 -10.03 -17.61
N GLY B 654 37.06 -9.19 -17.90
CA GLY B 654 35.74 -9.71 -18.20
C GLY B 654 35.71 -10.56 -19.46
N TYR B 655 36.49 -10.17 -20.46
CA TYR B 655 36.61 -10.99 -21.67
C TYR B 655 37.18 -12.36 -21.34
N ILE B 656 38.23 -12.40 -20.52
CA ILE B 656 38.81 -13.69 -20.14
C ILE B 656 37.81 -14.53 -19.35
N LEU B 657 37.08 -13.89 -18.43
CA LEU B 657 36.12 -14.64 -17.63
C LEU B 657 34.98 -15.20 -18.48
N THR B 658 34.44 -14.39 -19.40
CA THR B 658 33.36 -14.89 -20.24
C THR B 658 33.87 -15.94 -21.21
N PHE B 659 35.11 -15.83 -21.69
CA PHE B 659 35.68 -16.87 -22.52
C PHE B 659 35.81 -18.17 -21.74
N LEU B 660 36.24 -18.09 -20.49
CA LEU B 660 36.36 -19.30 -19.68
C LEU B 660 34.99 -19.94 -19.43
N ILE B 661 33.99 -19.14 -19.14
CA ILE B 661 32.65 -19.67 -18.91
C ILE B 661 32.11 -20.35 -20.17
N ALA B 662 32.27 -19.68 -21.32
CA ALA B 662 31.82 -20.26 -22.57
C ALA B 662 32.57 -21.54 -22.90
N LEU B 663 33.88 -21.55 -22.67
CA LEU B 663 34.67 -22.75 -22.93
C LEU B 663 34.22 -23.91 -22.03
N GLY B 664 33.94 -23.61 -20.76
CA GLY B 664 33.45 -24.65 -19.87
C GLY B 664 32.12 -25.21 -20.33
N PHE B 665 31.21 -24.34 -20.77
CA PHE B 665 29.92 -24.81 -21.25
C PHE B 665 30.01 -25.47 -22.63
N ILE B 666 31.12 -25.27 -23.35
CA ILE B 666 31.28 -25.87 -24.67
C ILE B 666 31.76 -27.30 -24.55
N LEU B 667 32.62 -27.59 -23.58
CA LEU B 667 33.11 -28.95 -23.38
C LEU B 667 31.97 -29.90 -23.04
N ILE B 668 30.93 -29.41 -22.37
CA ILE B 668 29.75 -30.23 -22.11
C ILE B 668 29.08 -30.60 -23.43
N ALA B 669 28.90 -29.60 -24.31
CA ALA B 669 28.45 -29.80 -25.69
C ALA B 669 27.04 -30.38 -25.79
N GLU B 670 26.38 -30.59 -24.65
CA GLU B 670 25.01 -31.08 -24.61
C GLU B 670 24.23 -30.11 -23.75
N LEU B 671 23.72 -29.04 -24.37
CA LEU B 671 23.13 -27.92 -23.66
C LEU B 671 21.62 -27.82 -23.84
N ASN B 672 20.99 -28.83 -24.45
CA ASN B 672 19.55 -28.78 -24.64
C ASN B 672 18.82 -28.79 -23.31
N VAL B 673 19.44 -29.35 -22.27
CA VAL B 673 18.85 -29.27 -20.94
C VAL B 673 18.95 -27.85 -20.39
N ILE B 674 20.08 -27.17 -20.65
CA ILE B 674 20.31 -25.84 -20.09
C ILE B 674 19.70 -24.72 -20.91
N ALA B 675 19.29 -25.00 -22.15
CA ALA B 675 18.72 -23.94 -22.99
C ALA B 675 17.48 -23.28 -22.41
N PRO B 676 16.49 -24.01 -21.85
CA PRO B 676 15.33 -23.32 -21.28
C PRO B 676 15.69 -22.37 -20.17
N ILE B 677 16.70 -22.68 -19.37
CA ILE B 677 17.11 -21.78 -18.30
C ILE B 677 17.62 -20.47 -18.87
N ILE B 678 18.40 -20.53 -19.95
CA ILE B 678 18.93 -19.32 -20.56
C ILE B 678 17.82 -18.51 -21.20
N SER B 679 16.88 -19.18 -21.87
CA SER B 679 15.74 -18.47 -22.43
C SER B 679 14.93 -17.79 -21.32
N ASN B 680 14.77 -18.46 -20.19
CA ASN B 680 14.04 -17.86 -19.07
C ASN B 680 14.80 -16.68 -18.47
N PHE B 681 16.13 -16.76 -18.45
CA PHE B 681 16.93 -15.61 -18.00
C PHE B 681 16.70 -14.40 -18.90
N PHE B 682 16.75 -14.62 -20.22
CA PHE B 682 16.49 -13.53 -21.16
C PHE B 682 15.09 -12.98 -20.97
N LEU B 683 14.11 -13.86 -20.78
CA LEU B 683 12.73 -13.42 -20.58
C LEU B 683 12.59 -12.60 -19.31
N ALA B 684 13.29 -13.00 -18.24
CA ALA B 684 13.24 -12.25 -17.00
C ALA B 684 13.82 -10.86 -17.18
N SER B 685 14.93 -10.75 -17.91
CA SER B 685 15.50 -9.43 -18.18
C SER B 685 14.52 -8.56 -18.97
N TYR B 686 13.90 -9.13 -20.00
CA TYR B 686 12.93 -8.36 -20.80
C TYR B 686 11.74 -7.93 -19.95
N ALA B 687 11.26 -8.83 -19.10
CA ALA B 687 10.12 -8.53 -18.24
C ALA B 687 10.45 -7.41 -17.28
N LEU B 688 11.65 -7.41 -16.72
CA LEU B 688 11.99 -6.35 -15.79
C LEU B 688 12.26 -5.03 -16.51
N ILE B 689 12.65 -5.07 -17.77
CA ILE B 689 12.72 -3.82 -18.55
C ILE B 689 11.32 -3.23 -18.73
N ASN B 690 10.36 -4.07 -19.13
CA ASN B 690 8.99 -3.58 -19.30
C ASN B 690 8.42 -3.09 -17.97
N PHE B 691 8.70 -3.81 -16.89
CA PHE B 691 8.26 -3.38 -15.57
C PHE B 691 8.96 -2.09 -15.14
N SER B 692 10.21 -1.88 -15.58
CA SER B 692 10.87 -0.61 -15.32
C SER B 692 10.09 0.54 -15.92
N VAL B 693 9.68 0.40 -17.18
CA VAL B 693 8.91 1.48 -17.80
C VAL B 693 7.58 1.67 -17.09
N PHE B 694 6.89 0.56 -16.79
CA PHE B 694 5.61 0.67 -16.10
C PHE B 694 5.75 1.32 -14.73
N HIS B 695 6.82 0.98 -14.01
CA HIS B 695 7.02 1.51 -12.67
C HIS B 695 7.39 2.97 -12.69
N ALA B 696 8.19 3.39 -13.67
CA ALA B 696 8.51 4.81 -13.81
C ALA B 696 7.30 5.61 -14.27
N SER B 697 6.37 4.97 -14.96
CA SER B 697 5.16 5.67 -15.36
C SER B 697 4.10 5.67 -14.25
N LEU B 698 4.16 4.70 -13.34
CA LEU B 698 3.25 4.69 -12.20
C LEU B 698 3.59 5.80 -11.22
N ALA B 699 4.83 5.80 -10.73
CA ALA B 699 5.35 6.99 -10.07
C ALA B 699 5.34 8.14 -11.06
N LYS B 700 4.96 9.32 -10.58
CA LYS B 700 4.76 10.47 -11.45
C LYS B 700 5.88 11.48 -11.29
N SER B 701 7.10 10.99 -11.21
CA SER B 701 8.27 11.84 -11.07
C SER B 701 8.33 12.85 -12.20
N PRO B 702 8.50 14.13 -11.91
CA PRO B 702 8.65 15.12 -12.99
C PRO B 702 9.89 14.85 -13.85
N GLY B 703 10.88 14.16 -13.30
CA GLY B 703 12.08 13.80 -14.01
C GLY B 703 11.99 12.54 -14.83
N TRP B 704 10.80 11.99 -15.04
CA TRP B 704 10.66 10.82 -15.90
C TRP B 704 10.83 11.20 -17.36
N ARG B 705 9.98 12.10 -17.87
CA ARG B 705 10.15 12.82 -19.13
C ARG B 705 10.86 12.07 -20.25
N PRO B 706 10.31 10.96 -20.75
CA PRO B 706 10.97 10.28 -21.89
C PRO B 706 10.84 11.10 -23.17
N ALA B 707 11.94 11.16 -23.92
CA ALA B 707 11.91 11.82 -25.22
C ALA B 707 11.17 10.97 -26.24
N PHE B 708 11.21 9.65 -26.09
CA PHE B 708 10.54 8.74 -27.01
C PHE B 708 9.06 8.62 -26.65
N LYS B 709 8.20 8.88 -27.62
CA LYS B 709 6.76 8.70 -27.44
C LYS B 709 6.41 7.26 -27.78
N TYR B 710 5.11 6.95 -27.82
CA TYR B 710 4.61 5.60 -28.10
C TYR B 710 5.20 4.58 -27.12
N TYR B 711 4.92 4.79 -25.83
CA TYR B 711 5.45 3.92 -24.78
C TYR B 711 4.42 3.65 -23.69
N ASN B 712 3.14 3.55 -24.06
CA ASN B 712 2.04 3.48 -23.11
C ASN B 712 2.35 2.55 -21.94
N MET B 713 2.04 3.03 -20.73
CA MET B 713 2.40 2.30 -19.51
C MET B 713 1.67 0.97 -19.42
N TRP B 714 0.40 0.93 -19.85
CA TRP B 714 -0.34 -0.32 -19.80
C TRP B 714 0.19 -1.33 -20.79
N ILE B 715 0.69 -0.86 -21.93
CA ILE B 715 1.30 -1.77 -22.90
C ILE B 715 2.58 -2.38 -22.32
N SER B 716 3.36 -1.59 -21.58
CA SER B 716 4.57 -2.12 -20.96
C SER B 716 4.23 -3.10 -19.84
N LEU B 717 3.19 -2.81 -19.05
CA LEU B 717 2.76 -3.76 -18.04
C LEU B 717 2.29 -5.06 -18.67
N LEU B 718 1.55 -4.95 -19.77
CA LEU B 718 1.11 -6.14 -20.50
C LEU B 718 2.32 -6.91 -21.04
N GLY B 719 3.33 -6.19 -21.52
CA GLY B 719 4.53 -6.87 -22.00
C GLY B 719 5.26 -7.61 -20.90
N ALA B 720 5.34 -7.03 -19.71
CA ALA B 720 5.95 -7.73 -18.58
C ALA B 720 5.15 -8.98 -18.22
N ILE B 721 3.81 -8.86 -18.22
CA ILE B 721 2.96 -10.00 -17.92
C ILE B 721 3.16 -11.11 -18.94
N LEU B 722 3.20 -10.73 -20.23
CA LEU B 722 3.40 -11.72 -21.28
C LEU B 722 4.78 -12.36 -21.20
N CYS B 723 5.79 -11.58 -20.82
CA CYS B 723 7.12 -12.16 -20.64
C CYS B 723 7.11 -13.21 -19.53
N CYS B 724 6.45 -12.91 -18.42
CA CYS B 724 6.34 -13.91 -17.36
C CYS B 724 5.57 -15.14 -17.82
N ILE B 725 4.49 -14.93 -18.58
CA ILE B 725 3.68 -16.06 -19.05
C ILE B 725 4.50 -16.94 -19.98
N VAL B 726 5.22 -16.34 -20.92
CA VAL B 726 6.07 -17.09 -21.84
C VAL B 726 7.20 -17.78 -21.08
N MET B 727 7.72 -17.15 -20.03
CA MET B 727 8.71 -17.79 -19.20
C MET B 727 8.15 -19.07 -18.57
N PHE B 728 6.90 -19.02 -18.10
CA PHE B 728 6.31 -20.20 -17.49
C PHE B 728 5.94 -21.26 -18.52
N VAL B 729 5.57 -20.84 -19.74
CA VAL B 729 5.23 -21.81 -20.79
C VAL B 729 6.43 -22.68 -21.13
N ILE B 730 7.60 -22.08 -21.21
CA ILE B 730 8.84 -22.79 -21.51
C ILE B 730 9.39 -23.30 -20.18
N ASN B 731 9.20 -24.60 -19.92
CA ASN B 731 9.91 -25.30 -18.84
C ASN B 731 9.63 -24.64 -17.48
N TRP B 732 8.39 -24.82 -17.04
CA TRP B 732 7.89 -24.28 -15.76
C TRP B 732 8.90 -24.29 -14.63
N TRP B 733 9.64 -25.39 -14.45
CA TRP B 733 10.58 -25.42 -13.33
C TRP B 733 11.77 -24.51 -13.57
N ALA B 734 12.16 -24.31 -14.82
CA ALA B 734 13.19 -23.32 -15.11
C ALA B 734 12.72 -21.92 -14.76
N ALA B 735 11.44 -21.61 -15.04
CA ALA B 735 10.89 -20.32 -14.65
C ALA B 735 10.88 -20.16 -13.15
N LEU B 736 10.49 -21.20 -12.41
CA LEU B 736 10.50 -21.12 -10.96
C LEU B 736 11.92 -20.92 -10.44
N LEU B 737 12.88 -21.63 -11.02
CA LEU B 737 14.28 -21.49 -10.59
C LEU B 737 14.79 -20.09 -10.85
N THR B 738 14.49 -19.52 -12.02
CA THR B 738 14.97 -18.16 -12.31
C THR B 738 14.28 -17.13 -11.42
N TYR B 739 13.01 -17.35 -11.06
CA TYR B 739 12.38 -16.48 -10.07
C TYR B 739 13.11 -16.58 -8.74
N VAL B 740 13.54 -17.80 -8.37
CA VAL B 740 14.27 -17.98 -7.12
C VAL B 740 15.59 -17.23 -7.14
N ILE B 741 16.33 -17.31 -8.26
CA ILE B 741 17.61 -16.59 -8.34
C ILE B 741 17.38 -15.09 -8.27
N VAL B 742 16.38 -14.59 -9.00
CA VAL B 742 16.10 -13.15 -8.96
C VAL B 742 15.77 -12.71 -7.54
N LEU B 743 14.92 -13.47 -6.85
CA LEU B 743 14.53 -13.12 -5.50
C LEU B 743 15.72 -13.16 -4.54
N GLY B 744 16.56 -14.19 -4.67
CA GLY B 744 17.71 -14.30 -3.80
C GLY B 744 18.70 -13.17 -4.00
N LEU B 745 19.00 -12.83 -5.26
CA LEU B 745 19.89 -11.71 -5.53
C LEU B 745 19.30 -10.40 -5.03
N TYR B 746 17.99 -10.22 -5.21
CA TYR B 746 17.32 -9.03 -4.71
C TYR B 746 17.47 -8.89 -3.21
N ILE B 747 17.23 -9.98 -2.48
CA ILE B 747 17.36 -9.95 -1.02
C ILE B 747 18.80 -9.69 -0.61
N TYR B 748 19.76 -10.33 -1.28
CA TYR B 748 21.16 -10.12 -0.92
C TYR B 748 21.56 -8.67 -1.12
N VAL B 749 21.15 -8.07 -2.23
CA VAL B 749 21.52 -6.68 -2.50
C VAL B 749 20.84 -5.76 -1.49
N THR B 750 19.55 -5.96 -1.23
CA THR B 750 18.85 -5.08 -0.29
C THR B 750 19.37 -5.26 1.13
N TYR B 751 19.99 -6.40 1.45
CA TYR B 751 20.62 -6.55 2.76
C TYR B 751 21.98 -5.87 2.79
N LYS B 752 22.77 -6.02 1.73
CA LYS B 752 24.08 -5.38 1.70
C LYS B 752 23.96 -3.86 1.72
N LYS B 753 22.92 -3.32 1.10
CA LYS B 753 22.61 -1.90 1.07
C LYS B 753 23.80 -1.08 0.56
N PRO B 754 24.11 -1.13 -0.73
CA PRO B 754 25.22 -0.33 -1.25
C PRO B 754 24.90 1.15 -1.17
N ASP B 755 25.97 1.96 -1.03
CA ASP B 755 25.83 3.41 -0.89
C ASP B 755 25.84 4.03 -2.29
N VAL B 756 24.69 3.98 -2.94
CA VAL B 756 24.49 4.60 -4.24
C VAL B 756 23.16 5.35 -4.24
N ASN B 757 23.14 6.48 -4.94
CA ASN B 757 21.93 7.29 -5.10
C ASN B 757 21.81 7.68 -6.56
N TRP B 758 20.86 7.08 -7.26
CA TRP B 758 20.69 7.32 -8.69
C TRP B 758 19.32 7.90 -9.04
N GLY B 759 18.52 8.28 -8.06
CA GLY B 759 17.21 8.83 -8.35
C GLY B 759 16.25 7.84 -8.97
N SER B 760 16.20 6.62 -8.44
CA SER B 760 15.42 5.56 -9.04
C SER B 760 13.92 5.82 -8.89
N SER B 761 13.15 5.13 -9.73
CA SER B 761 11.69 5.22 -9.66
C SER B 761 11.14 4.67 -8.34
N THR B 762 11.91 3.83 -7.65
CA THR B 762 11.48 3.33 -6.35
C THR B 762 11.32 4.46 -5.34
N GLN B 763 12.27 5.39 -5.31
CA GLN B 763 12.18 6.51 -4.37
C GLN B 763 11.04 7.45 -4.73
N ALA B 764 10.85 7.72 -6.03
CA ALA B 764 9.72 8.53 -6.45
C ALA B 764 8.40 7.87 -6.06
N LEU B 765 8.32 6.55 -6.20
CA LEU B 765 7.10 5.84 -5.85
C LEU B 765 6.89 5.87 -4.34
N THR B 766 7.98 5.83 -3.56
CA THR B 766 7.87 5.99 -2.12
C THR B 766 7.24 7.33 -1.77
N TYR B 767 7.74 8.39 -2.38
CA TYR B 767 7.17 9.72 -2.11
C TYR B 767 5.70 9.78 -2.51
N LEU B 768 5.37 9.26 -3.70
CA LEU B 768 3.99 9.32 -4.17
C LEU B 768 3.05 8.53 -3.26
N ASN B 769 3.50 7.35 -2.80
CA ASN B 769 2.69 6.56 -1.88
C ASN B 769 2.46 7.30 -0.57
N ALA B 770 3.52 7.89 -0.01
CA ALA B 770 3.34 8.62 1.24
C ALA B 770 2.37 9.78 1.07
N LEU B 771 2.50 10.52 -0.02
CA LEU B 771 1.63 11.66 -0.25
C LEU B 771 0.18 11.22 -0.41
N GLN B 772 -0.06 10.17 -1.21
CA GLN B 772 -1.43 9.72 -1.42
C GLN B 772 -2.05 9.19 -0.15
N HIS B 773 -1.27 8.44 0.66
CA HIS B 773 -1.80 7.94 1.92
C HIS B 773 -2.13 9.08 2.87
N SER B 774 -1.28 10.11 2.93
CA SER B 774 -1.58 11.25 3.79
C SER B 774 -2.82 12.00 3.31
N ILE B 775 -2.98 12.14 1.99
CA ILE B 775 -4.16 12.81 1.45
C ILE B 775 -5.41 12.02 1.80
N ARG B 776 -5.34 10.70 1.70
CA ARG B 776 -6.47 9.85 2.10
C ARG B 776 -6.77 10.01 3.58
N LEU B 777 -5.73 10.08 4.42
CA LEU B 777 -5.94 10.23 5.85
C LEU B 777 -6.56 11.57 6.20
N SER B 778 -6.27 12.60 5.41
CA SER B 778 -6.83 13.92 5.67
C SER B 778 -8.35 13.95 5.58
N GLY B 779 -8.96 12.96 4.93
CA GLY B 779 -10.40 12.94 4.81
C GLY B 779 -11.07 12.00 5.80
N VAL B 780 -10.34 11.59 6.83
CA VAL B 780 -10.83 10.65 7.83
C VAL B 780 -11.22 11.44 9.07
N GLU B 781 -12.46 11.28 9.51
CA GLU B 781 -12.92 11.98 10.70
C GLU B 781 -12.35 11.32 11.97
N ASP B 782 -12.01 12.16 12.93
CA ASP B 782 -11.44 11.67 14.19
C ASP B 782 -12.50 10.99 15.04
N HIS B 783 -12.06 10.02 15.83
CA HIS B 783 -12.91 9.32 16.78
C HIS B 783 -12.09 8.93 17.99
N VAL B 784 -12.78 8.76 19.12
CA VAL B 784 -12.11 8.57 20.39
C VAL B 784 -11.37 7.24 20.42
N LYS B 785 -11.99 6.17 19.90
CA LYS B 785 -11.30 4.88 19.91
C LYS B 785 -10.09 4.86 18.98
N ASN B 786 -10.00 5.79 18.04
CA ASN B 786 -8.89 5.87 17.12
C ASN B 786 -7.81 6.86 17.57
N PHE B 787 -7.95 7.42 18.77
CA PHE B 787 -6.96 8.36 19.27
C PHE B 787 -5.60 7.68 19.42
N ARG B 788 -4.55 8.40 19.08
CA ARG B 788 -3.19 7.95 19.29
C ARG B 788 -2.37 9.06 19.92
N PRO B 789 -1.37 8.72 20.71
CA PRO B 789 -0.45 9.74 21.25
C PRO B 789 0.53 10.19 20.19
N GLN B 790 0.31 11.40 19.66
CA GLN B 790 1.19 12.01 18.67
C GLN B 790 2.08 13.00 19.41
N CYS B 791 3.30 12.58 19.71
CA CYS B 791 4.16 13.26 20.68
C CYS B 791 5.23 14.07 19.99
N LEU B 792 5.40 15.32 20.43
CA LEU B 792 6.51 16.18 20.03
C LEU B 792 7.46 16.25 21.22
N VAL B 793 8.66 15.72 21.05
CA VAL B 793 9.64 15.64 22.12
C VAL B 793 10.69 16.73 21.90
N MET B 794 10.91 17.54 22.93
CA MET B 794 11.92 18.60 22.86
C MET B 794 13.26 18.06 23.34
N THR B 795 13.79 17.13 22.55
CA THR B 795 15.03 16.45 22.90
C THR B 795 16.28 17.21 22.47
N GLY B 796 16.13 18.27 21.69
CA GLY B 796 17.30 18.88 21.09
C GLY B 796 17.97 17.88 20.17
N ALA B 797 19.27 17.68 20.36
CA ALA B 797 19.95 16.61 19.65
C ALA B 797 19.44 15.27 20.16
N PRO B 798 19.06 14.35 19.29
CA PRO B 798 18.46 13.09 19.76
C PRO B 798 19.49 12.14 20.36
N ASN B 799 20.70 12.64 20.59
CA ASN B 799 21.76 11.85 21.21
C ASN B 799 22.03 12.23 22.65
N SER B 800 21.58 13.42 23.09
CA SER B 800 21.90 13.89 24.42
C SER B 800 21.28 13.02 25.51
N ARG B 801 20.04 12.60 25.30
CA ARG B 801 19.30 11.79 26.27
C ARG B 801 18.82 10.52 25.60
N PRO B 802 19.69 9.50 25.50
CA PRO B 802 19.27 8.26 24.84
C PRO B 802 18.18 7.51 25.59
N ALA B 803 18.27 7.41 26.92
CA ALA B 803 17.27 6.66 27.67
C ALA B 803 15.90 7.31 27.57
N LEU B 804 15.84 8.65 27.65
CA LEU B 804 14.57 9.35 27.51
C LEU B 804 13.95 9.09 26.16
N LEU B 805 14.75 9.13 25.10
CA LEU B 805 14.22 8.95 23.76
C LEU B 805 13.79 7.50 23.54
N HIS B 806 14.53 6.55 24.13
CA HIS B 806 14.09 5.16 24.12
C HIS B 806 12.75 4.99 24.82
N LEU B 807 12.58 5.63 25.97
CA LEU B 807 11.32 5.50 26.70
C LEU B 807 10.16 6.10 25.92
N VAL B 808 10.37 7.26 25.29
CA VAL B 808 9.30 7.84 24.48
C VAL B 808 8.98 6.96 23.29
N HIS B 809 10.02 6.36 22.68
CA HIS B 809 9.82 5.40 21.61
C HIS B 809 9.03 4.18 22.07
N ASP B 810 9.16 3.83 23.35
CA ASP B 810 8.50 2.64 23.87
C ASP B 810 6.99 2.73 23.76
N PHE B 811 6.40 3.89 24.05
CA PHE B 811 4.96 4.05 23.95
C PHE B 811 4.54 4.80 22.69
N THR B 812 5.41 4.86 21.69
CA THR B 812 5.10 5.48 20.41
C THR B 812 5.31 4.55 19.23
N LYS B 813 6.31 3.68 19.28
CA LYS B 813 6.65 2.85 18.13
C LYS B 813 5.46 2.00 17.70
N ASN B 814 5.08 2.12 16.43
CA ASN B 814 3.96 1.44 15.79
C ASN B 814 2.62 1.95 16.29
N VAL B 815 2.59 2.90 17.22
CA VAL B 815 1.34 3.49 17.70
C VAL B 815 1.54 4.99 17.87
N GLY B 816 1.07 5.76 16.90
CA GLY B 816 1.20 7.20 16.98
C GLY B 816 2.47 7.72 16.34
N LEU B 817 2.68 9.02 16.51
CA LEU B 817 3.74 9.74 15.83
C LEU B 817 4.74 10.31 16.82
N MET B 818 6.02 10.21 16.48
CA MET B 818 7.11 10.76 17.26
C MET B 818 7.84 11.81 16.43
N ILE B 819 7.89 13.04 16.94
CA ILE B 819 8.64 14.12 16.31
C ILE B 819 9.68 14.60 17.29
N CYS B 820 10.94 14.52 16.90
CA CYS B 820 12.04 15.05 17.71
C CYS B 820 12.28 16.50 17.30
N GLY B 821 12.06 17.42 18.23
CA GLY B 821 12.19 18.84 17.97
C GLY B 821 13.51 19.38 18.47
N HIS B 822 14.23 20.05 17.58
CA HIS B 822 15.51 20.67 17.89
C HIS B 822 15.46 22.12 17.46
N VAL B 823 15.80 23.02 18.37
CA VAL B 823 15.82 24.45 18.10
C VAL B 823 17.26 24.90 17.96
N HIS B 824 17.58 25.56 16.86
CA HIS B 824 18.91 26.08 16.60
C HIS B 824 18.91 27.59 16.72
N MET B 825 19.95 28.12 17.37
CA MET B 825 20.10 29.55 17.59
C MET B 825 21.38 30.02 16.91
N GLY B 826 21.53 31.35 16.83
CA GLY B 826 22.71 31.96 16.29
C GLY B 826 22.47 32.72 15.01
N PRO B 827 23.55 33.15 14.36
CA PRO B 827 23.41 33.85 13.07
C PRO B 827 22.74 32.97 12.03
N ARG B 828 21.91 33.59 11.20
CA ARG B 828 21.07 32.81 10.28
C ARG B 828 21.89 32.02 9.28
N ARG B 829 22.93 32.65 8.71
CA ARG B 829 23.71 31.99 7.68
C ARG B 829 24.40 30.74 8.20
N GLN B 830 25.03 30.84 9.38
CA GLN B 830 25.69 29.67 9.95
C GLN B 830 24.66 28.65 10.44
N ALA B 831 23.53 29.13 10.97
CA ALA B 831 22.52 28.22 11.51
C ALA B 831 21.86 27.40 10.42
N MET B 832 21.68 27.97 9.22
CA MET B 832 21.11 27.18 8.13
C MET B 832 22.02 26.01 7.75
N LYS B 833 23.33 26.26 7.66
CA LYS B 833 24.26 25.18 7.37
C LYS B 833 24.30 24.17 8.50
N GLU B 834 24.25 24.64 9.75
CA GLU B 834 24.22 23.74 10.89
C GLU B 834 22.99 22.84 10.85
N MET B 835 21.83 23.41 10.54
CA MET B 835 20.61 22.61 10.44
C MET B 835 20.69 21.63 9.28
N SER B 836 21.27 22.04 8.15
CA SER B 836 21.40 21.13 7.01
C SER B 836 22.28 19.94 7.35
N ILE B 837 23.38 20.18 8.07
CA ILE B 837 24.26 19.08 8.46
C ILE B 837 23.56 18.19 9.49
N ASP B 838 22.93 18.81 10.49
CA ASP B 838 22.33 18.07 11.59
C ASP B 838 21.15 17.24 11.11
N GLN B 839 20.38 17.74 10.15
CA GLN B 839 19.25 16.99 9.63
C GLN B 839 19.71 15.64 9.09
N ALA B 840 20.69 15.66 8.18
CA ALA B 840 21.19 14.41 7.62
C ALA B 840 21.79 13.53 8.70
N LYS B 841 22.66 14.10 9.55
CA LYS B 841 23.37 13.31 10.55
C LYS B 841 22.39 12.62 11.50
N TYR B 842 21.42 13.37 12.02
CA TYR B 842 20.53 12.83 13.03
C TYR B 842 19.44 11.94 12.43
N GLN B 843 18.96 12.23 11.22
CA GLN B 843 18.05 11.27 10.58
C GLN B 843 18.77 9.95 10.32
N ARG B 844 20.03 10.00 9.88
CA ARG B 844 20.79 8.78 9.68
C ARG B 844 20.99 8.04 11.00
N TRP B 845 21.27 8.79 12.09
CA TRP B 845 21.43 8.15 13.39
C TRP B 845 20.14 7.50 13.86
N LEU B 846 19.00 8.15 13.63
CA LEU B 846 17.71 7.57 14.00
C LEU B 846 17.43 6.30 13.22
N ILE B 847 17.70 6.30 11.90
CA ILE B 847 17.49 5.11 11.10
C ILE B 847 18.43 3.99 11.55
N LYS B 848 19.69 4.33 11.81
CA LYS B 848 20.67 3.30 12.18
C LYS B 848 20.30 2.64 13.50
N ASN B 849 19.77 3.41 14.45
CA ASN B 849 19.41 2.88 15.76
C ASN B 849 17.97 2.38 15.83
N LYS B 850 17.33 2.19 14.67
CA LYS B 850 16.03 1.51 14.58
C LYS B 850 14.94 2.27 15.34
N MET B 851 14.88 3.58 15.13
CA MET B 851 13.87 4.42 15.76
C MET B 851 12.93 4.97 14.70
N LYS B 852 11.64 4.89 14.99
CA LYS B 852 10.61 5.36 14.05
C LYS B 852 10.21 6.81 14.39
N ALA B 853 11.21 7.68 14.34
CA ALA B 853 11.05 9.06 14.75
C ALA B 853 11.39 10.00 13.61
N PHE B 854 10.82 11.20 13.65
CA PHE B 854 11.11 12.25 12.70
C PHE B 854 11.95 13.32 13.38
N TYR B 855 12.92 13.86 12.64
CA TYR B 855 13.76 14.94 13.12
C TYR B 855 13.21 16.25 12.56
N ALA B 856 12.92 17.19 13.44
CA ALA B 856 12.29 18.46 13.07
C ALA B 856 13.11 19.62 13.64
N PRO B 857 14.16 20.04 12.94
CA PRO B 857 14.93 21.20 13.39
C PRO B 857 14.34 22.50 12.89
N VAL B 858 14.39 23.53 13.75
CA VAL B 858 13.92 24.86 13.41
C VAL B 858 14.96 25.87 13.87
N HIS B 859 14.89 27.06 13.26
CA HIS B 859 15.75 28.17 13.65
C HIS B 859 14.90 29.25 14.31
N ALA B 860 15.28 29.64 15.52
CA ALA B 860 14.56 30.65 16.27
C ALA B 860 15.53 31.31 17.25
N ASP B 861 15.11 32.46 17.78
CA ASP B 861 15.98 33.19 18.69
C ASP B 861 16.13 32.51 20.04
N ASP B 862 15.22 31.61 20.40
CA ASP B 862 15.29 30.94 21.68
C ASP B 862 14.45 29.66 21.62
N LEU B 863 14.52 28.89 22.70
CA LEU B 863 13.81 27.62 22.77
C LEU B 863 12.31 27.83 22.70
N ARG B 864 11.80 28.86 23.38
CA ARG B 864 10.35 29.03 23.49
C ARG B 864 9.70 29.29 22.13
N GLU B 865 10.27 30.18 21.32
CA GLU B 865 9.60 30.47 20.06
C GLU B 865 9.83 29.38 19.02
N GLY B 866 10.96 28.66 19.09
CA GLY B 866 11.10 27.48 18.25
C GLY B 866 10.08 26.41 18.59
N ALA B 867 9.84 26.19 19.88
CA ALA B 867 8.78 25.30 20.29
C ALA B 867 7.42 25.81 19.86
N GLN B 868 7.22 27.13 19.85
CA GLN B 868 5.99 27.70 19.30
C GLN B 868 5.83 27.36 17.83
N TYR B 869 6.91 27.51 17.06
CA TYR B 869 6.88 27.11 15.66
C TYR B 869 6.43 25.67 15.52
N LEU B 870 7.08 24.77 16.26
CA LEU B 870 6.82 23.35 16.12
C LEU B 870 5.41 23.00 16.57
N MET B 871 4.95 23.58 17.67
CA MET B 871 3.61 23.31 18.16
C MET B 871 2.53 23.92 17.30
N GLN B 872 2.86 24.92 16.48
CA GLN B 872 1.86 25.51 15.62
C GLN B 872 1.78 24.87 14.24
N ALA B 873 2.91 24.46 13.67
CA ALA B 873 2.93 24.08 12.26
C ALA B 873 3.43 22.68 11.97
N ALA B 874 4.16 22.02 12.88
CA ALA B 874 4.74 20.73 12.57
C ALA B 874 3.65 19.70 12.27
N GLY B 875 3.97 18.79 11.36
CA GLY B 875 3.04 17.77 10.91
C GLY B 875 2.38 18.13 9.60
N LEU B 876 1.62 17.17 9.08
CA LEU B 876 0.96 17.32 7.79
C LEU B 876 -0.42 16.71 7.88
N GLY B 877 -1.45 17.51 7.65
CA GLY B 877 -2.81 17.00 7.75
C GLY B 877 -3.14 16.58 9.16
N ARG B 878 -3.63 15.36 9.30
CA ARG B 878 -4.07 14.83 10.58
C ARG B 878 -2.95 14.15 11.35
N MET B 879 -1.72 14.22 10.86
CA MET B 879 -0.55 13.70 11.57
C MET B 879 0.19 14.81 12.32
N LYS B 880 -0.53 15.73 12.88
CA LYS B 880 0.04 16.76 13.72
C LYS B 880 0.14 16.27 15.17
N PRO B 881 1.13 16.73 15.93
CA PRO B 881 1.25 16.30 17.32
C PRO B 881 0.13 16.85 18.20
N ASN B 882 -0.18 16.11 19.25
CA ASN B 882 -1.15 16.55 20.24
C ASN B 882 -0.60 16.54 21.66
N THR B 883 0.61 16.05 21.88
CA THR B 883 1.23 15.99 23.19
C THR B 883 2.63 16.54 23.12
N LEU B 884 3.04 17.27 24.14
CA LEU B 884 4.40 17.76 24.28
C LEU B 884 5.12 16.91 25.33
N VAL B 885 6.29 16.40 24.98
CA VAL B 885 7.07 15.55 25.86
C VAL B 885 8.36 16.29 26.20
N LEU B 886 8.59 16.48 27.50
CA LEU B 886 9.72 17.27 27.99
C LEU B 886 10.54 16.43 28.95
N GLY B 887 11.86 16.49 28.80
CA GLY B 887 12.74 15.89 29.77
C GLY B 887 12.89 16.80 30.99
N PHE B 888 12.99 16.18 32.15
CA PHE B 888 13.08 16.95 33.39
C PHE B 888 14.37 17.77 33.42
N LYS B 889 14.26 19.02 33.87
CA LYS B 889 15.42 19.91 33.99
C LYS B 889 16.16 19.55 35.27
N LYS B 890 17.18 18.71 35.14
CA LYS B 890 17.90 18.23 36.31
C LYS B 890 18.79 19.32 36.91
N ASP B 891 19.36 20.18 36.08
CA ASP B 891 20.30 21.19 36.52
C ASP B 891 19.66 22.54 36.81
N TRP B 892 18.33 22.58 36.99
CA TRP B 892 17.65 23.85 37.20
C TRP B 892 18.07 24.53 38.49
N LEU B 893 18.56 23.77 39.47
CA LEU B 893 19.02 24.37 40.72
C LEU B 893 20.23 25.27 40.48
N GLN B 894 21.15 24.84 39.62
CA GLN B 894 22.33 25.62 39.28
C GLN B 894 22.23 25.97 37.80
N ALA B 895 21.47 27.02 37.52
CA ALA B 895 21.21 27.48 36.16
C ALA B 895 20.57 28.84 36.23
N ASP B 896 20.66 29.58 35.12
CA ASP B 896 19.99 30.87 35.05
C ASP B 896 18.49 30.69 35.05
N MET B 897 17.79 31.51 35.85
CA MET B 897 16.35 31.37 35.94
C MET B 897 15.62 31.84 34.70
N ARG B 898 16.29 32.47 33.74
CA ARG B 898 15.68 32.68 32.44
C ARG B 898 15.38 31.35 31.76
N ASP B 899 16.31 30.39 31.87
CA ASP B 899 16.12 29.09 31.24
C ASP B 899 14.95 28.32 31.87
N VAL B 900 14.88 28.30 33.20
CA VAL B 900 13.78 27.58 33.84
C VAL B 900 12.46 28.31 33.64
N ASP B 901 12.50 29.65 33.58
CA ASP B 901 11.31 30.40 33.23
C ASP B 901 10.82 30.01 31.84
N MET B 902 11.75 29.81 30.91
CA MET B 902 11.37 29.44 29.56
C MET B 902 10.83 28.00 29.51
N TYR B 903 11.41 27.11 30.32
CA TYR B 903 10.87 25.76 30.49
C TYR B 903 9.41 25.80 30.93
N ILE B 904 9.14 26.53 32.00
CA ILE B 904 7.77 26.60 32.52
C ILE B 904 6.85 27.29 31.52
N ASN B 905 7.38 28.26 30.77
CA ASN B 905 6.56 28.89 29.74
C ASN B 905 6.26 27.92 28.60
N LEU B 906 7.15 26.98 28.33
CA LEU B 906 6.83 25.90 27.40
C LEU B 906 5.65 25.10 27.91
N PHE B 907 5.67 24.76 29.20
CA PHE B 907 4.50 24.12 29.81
C PHE B 907 3.24 24.93 29.53
N HIS B 908 3.29 26.23 29.82
CA HIS B 908 2.11 27.08 29.72
C HIS B 908 1.61 27.19 28.28
N ASP B 909 2.52 27.32 27.32
CA ASP B 909 2.12 27.41 25.91
C ASP B 909 1.49 26.11 25.44
N ALA B 910 2.07 24.97 25.83
CA ALA B 910 1.47 23.69 25.48
C ALA B 910 0.06 23.58 26.03
N PHE B 911 -0.15 23.98 27.28
CA PHE B 911 -1.52 23.98 27.81
C PHE B 911 -2.39 25.00 27.10
N ASP B 912 -1.80 26.07 26.59
CA ASP B 912 -2.57 27.12 25.93
C ASP B 912 -3.16 26.62 24.62
N ILE B 913 -2.41 25.81 23.87
CA ILE B 913 -2.94 25.37 22.57
C ILE B 913 -3.49 23.95 22.65
N GLN B 914 -3.89 23.54 23.86
CA GLN B 914 -4.59 22.27 24.07
C GLN B 914 -3.70 21.07 23.72
N TYR B 915 -2.51 21.04 24.29
CA TYR B 915 -1.60 19.91 24.19
C TYR B 915 -1.53 19.22 25.54
N GLY B 916 -1.44 17.89 25.52
CA GLY B 916 -1.01 17.18 26.69
C GLY B 916 0.47 17.37 26.94
N VAL B 917 0.88 17.24 28.19
CA VAL B 917 2.28 17.41 28.57
C VAL B 917 2.73 16.18 29.33
N VAL B 918 3.88 15.65 28.94
CA VAL B 918 4.51 14.53 29.64
C VAL B 918 5.91 14.95 30.06
N VAL B 919 6.20 14.83 31.35
CA VAL B 919 7.50 15.14 31.90
C VAL B 919 8.14 13.84 32.34
N ILE B 920 9.39 13.62 31.92
CA ILE B 920 10.09 12.37 32.17
C ILE B 920 11.37 12.67 32.94
N ARG B 921 11.54 11.99 34.07
CA ARG B 921 12.70 12.17 34.94
C ARG B 921 13.31 10.81 35.21
N LEU B 922 14.47 10.54 34.60
CA LEU B 922 15.15 9.27 34.79
C LEU B 922 16.65 9.49 34.78
N LYS B 923 17.37 8.56 35.41
CA LYS B 923 18.83 8.63 35.46
C LYS B 923 19.40 8.24 34.10
N GLU B 924 20.10 9.18 33.46
CA GLU B 924 20.64 8.93 32.13
C GLU B 924 21.91 8.10 32.16
N GLY B 925 22.62 8.08 33.29
CA GLY B 925 23.85 7.30 33.35
C GLY B 925 23.61 5.81 33.22
N LEU B 926 22.54 5.31 33.84
CA LEU B 926 22.21 3.89 33.76
C LEU B 926 21.36 3.58 32.54
N ASN B 1022 8.27 -6.88 39.08
CA ASN B 1022 8.19 -6.02 37.91
C ASN B 1022 6.81 -5.39 37.79
N THR B 1023 6.70 -4.13 38.18
CA THR B 1023 5.42 -3.44 38.21
C THR B 1023 5.53 -2.07 37.54
N ILE B 1024 4.41 -1.62 37.00
CA ILE B 1024 4.26 -0.27 36.48
C ILE B 1024 3.22 0.42 37.34
N ASP B 1025 3.67 1.32 38.21
CA ASP B 1025 2.77 1.98 39.15
C ASP B 1025 2.17 3.22 38.51
N VAL B 1026 0.84 3.29 38.50
CA VAL B 1026 0.11 4.38 37.87
C VAL B 1026 -0.69 5.08 38.96
N TRP B 1027 -0.26 6.28 39.34
CA TRP B 1027 -0.97 7.09 40.32
C TRP B 1027 -1.89 8.02 39.57
N TRP B 1028 -3.09 7.52 39.29
CA TRP B 1028 -4.08 8.26 38.49
C TRP B 1028 -4.97 9.04 39.46
N LEU B 1029 -4.48 10.22 39.86
CA LEU B 1029 -5.16 11.00 40.89
C LEU B 1029 -6.09 12.06 40.34
N PHE B 1030 -5.95 12.45 39.08
CA PHE B 1030 -6.81 13.45 38.47
C PHE B 1030 -7.23 12.99 37.09
N ASP B 1031 -8.45 13.34 36.69
CA ASP B 1031 -8.99 12.91 35.41
C ASP B 1031 -8.58 13.91 34.34
N ASP B 1032 -7.74 13.48 33.41
CA ASP B 1032 -7.28 14.30 32.29
C ASP B 1032 -7.82 13.78 30.96
N GLY B 1033 -8.80 12.89 30.98
CA GLY B 1033 -9.29 12.21 29.81
C GLY B 1033 -8.73 10.82 29.63
N GLY B 1034 -7.69 10.46 30.36
CA GLY B 1034 -7.15 9.11 30.34
C GLY B 1034 -5.76 8.94 29.78
N LEU B 1035 -5.06 10.03 29.45
CA LEU B 1035 -3.73 9.90 28.86
C LEU B 1035 -2.75 9.24 29.82
N THR B 1036 -2.82 9.61 31.11
CA THR B 1036 -1.96 9.02 32.13
C THR B 1036 -2.29 7.56 32.39
N LEU B 1037 -3.44 7.09 31.92
CA LEU B 1037 -3.74 5.66 31.94
C LEU B 1037 -3.39 4.99 30.62
N LEU B 1038 -3.53 5.71 29.52
CA LEU B 1038 -3.26 5.14 28.21
C LEU B 1038 -1.78 4.91 27.96
N ILE B 1039 -0.91 5.79 28.48
CA ILE B 1039 0.53 5.62 28.25
C ILE B 1039 1.07 4.33 28.84
N PRO B 1040 0.85 4.01 30.12
CA PRO B 1040 1.40 2.75 30.64
C PRO B 1040 0.78 1.50 30.02
N TYR B 1041 -0.44 1.58 29.49
CA TYR B 1041 -0.97 0.43 28.76
C TYR B 1041 -0.15 0.17 27.51
N LEU B 1042 0.11 1.22 26.72
CA LEU B 1042 0.98 1.08 25.56
C LEU B 1042 2.38 0.67 25.98
N LEU B 1043 2.79 1.01 27.20
CA LEU B 1043 4.07 0.52 27.71
C LEU B 1043 4.05 -0.99 27.88
N THR B 1044 3.01 -1.51 28.52
CA THR B 1044 2.89 -2.95 28.72
C THR B 1044 2.58 -3.72 27.45
N THR B 1045 2.17 -3.03 26.38
CA THR B 1045 1.86 -3.74 25.15
C THR B 1045 3.10 -4.04 24.31
N LYS B 1046 4.28 -3.66 24.76
CA LYS B 1046 5.53 -3.96 24.08
C LYS B 1046 6.30 -5.06 24.81
N LYS B 1047 7.19 -5.71 24.06
CA LYS B 1047 7.94 -6.85 24.62
C LYS B 1047 8.91 -6.41 25.70
N LYS B 1048 9.38 -5.17 25.66
CA LYS B 1048 10.32 -4.71 26.68
C LYS B 1048 9.68 -4.68 28.05
N TRP B 1049 8.42 -4.25 28.13
CA TRP B 1049 7.68 -4.18 29.40
C TRP B 1049 6.58 -5.23 29.48
N LYS B 1050 6.71 -6.33 28.74
CA LYS B 1050 5.66 -7.35 28.73
C LYS B 1050 5.56 -8.07 30.07
N ASP B 1051 6.63 -8.10 30.84
CA ASP B 1051 6.66 -8.79 32.11
C ASP B 1051 6.27 -7.90 33.29
N CYS B 1052 5.90 -6.65 33.04
CA CYS B 1052 5.54 -5.72 34.09
C CYS B 1052 4.03 -5.59 34.18
N LYS B 1053 3.51 -5.62 35.40
CA LYS B 1053 2.08 -5.58 35.65
C LYS B 1053 1.69 -4.19 36.14
N ILE B 1054 0.60 -3.67 35.60
CA ILE B 1054 0.12 -2.35 35.99
C ILE B 1054 -0.63 -2.46 37.31
N ARG B 1055 -0.25 -1.64 38.28
CA ARG B 1055 -1.01 -1.50 39.51
C ARG B 1055 -1.32 -0.02 39.72
N VAL B 1056 -2.51 0.28 40.22
CA VAL B 1056 -3.09 1.61 40.17
C VAL B 1056 -3.20 2.16 41.58
N PHE B 1057 -2.87 3.45 41.72
CA PHE B 1057 -3.09 4.21 42.95
C PHE B 1057 -4.04 5.35 42.65
N ILE B 1058 -5.12 5.43 43.41
CA ILE B 1058 -6.07 6.53 43.28
C ILE B 1058 -6.32 7.13 44.66
N GLY B 1059 -6.84 8.35 44.65
CA GLY B 1059 -7.15 9.04 45.88
C GLY B 1059 -8.56 8.75 46.35
N GLY B 1060 -8.71 8.50 47.65
CA GLY B 1060 -10.00 8.23 48.23
C GLY B 1060 -10.10 8.71 49.65
N LYS B 1061 -11.20 8.37 50.32
CA LYS B 1061 -11.43 8.76 51.71
C LYS B 1061 -11.34 7.54 52.61
N ILE B 1062 -10.82 7.75 53.81
CA ILE B 1062 -10.81 6.66 54.79
C ILE B 1062 -12.23 6.25 55.12
N ASN B 1063 -12.37 5.00 55.57
CA ASN B 1063 -13.66 4.38 55.89
C ASN B 1063 -14.56 4.23 54.68
N ARG B 1064 -14.05 4.49 53.47
CA ARG B 1064 -14.78 4.15 52.25
C ARG B 1064 -13.79 3.57 51.22
N ILE B 1065 -12.77 2.87 51.71
CA ILE B 1065 -11.72 2.38 50.83
C ILE B 1065 -12.27 1.36 49.83
N ASP B 1066 -13.05 0.39 50.32
CA ASP B 1066 -13.51 -0.70 49.46
C ASP B 1066 -14.48 -0.21 48.39
N HIS B 1067 -15.36 0.73 48.74
CA HIS B 1067 -16.31 1.26 47.76
C HIS B 1067 -15.59 1.94 46.60
N ASP B 1068 -14.63 2.82 46.92
CA ASP B 1068 -13.88 3.49 45.87
C ASP B 1068 -13.00 2.52 45.09
N ARG B 1069 -12.45 1.52 45.77
CA ARG B 1069 -11.67 0.51 45.08
C ARG B 1069 -12.51 -0.23 44.06
N ARG B 1070 -13.73 -0.62 44.44
CA ARG B 1070 -14.60 -1.33 43.51
C ARG B 1070 -15.04 -0.42 42.37
N ALA B 1071 -15.29 0.87 42.65
CA ALA B 1071 -15.64 1.80 41.58
C ALA B 1071 -14.50 1.94 40.58
N MET B 1072 -13.26 2.06 41.07
CA MET B 1072 -12.12 2.11 40.16
C MET B 1072 -11.99 0.82 39.36
N ALA B 1073 -12.19 -0.32 40.02
CA ALA B 1073 -12.07 -1.61 39.34
C ALA B 1073 -13.07 -1.73 38.20
N THR B 1074 -14.33 -1.36 38.45
CA THR B 1074 -15.31 -1.46 37.37
C THR B 1074 -15.04 -0.42 36.28
N LEU B 1075 -14.56 0.76 36.66
CA LEU B 1075 -14.27 1.79 35.66
C LEU B 1075 -13.20 1.32 34.69
N LEU B 1076 -12.09 0.79 35.20
CA LEU B 1076 -11.03 0.36 34.31
C LEU B 1076 -11.21 -1.06 33.79
N SER B 1077 -12.23 -1.79 34.27
CA SER B 1077 -12.65 -3.00 33.57
C SER B 1077 -13.48 -2.66 32.34
N LYS B 1078 -14.29 -1.60 32.41
CA LYS B 1078 -14.97 -1.14 31.21
C LYS B 1078 -13.98 -0.60 30.18
N PHE B 1079 -12.81 -0.16 30.63
CA PHE B 1079 -11.75 0.27 29.72
C PHE B 1079 -10.88 -0.89 29.26
N ARG B 1080 -11.10 -2.10 29.79
CA ARG B 1080 -10.30 -3.28 29.46
C ARG B 1080 -8.82 -3.02 29.70
N ILE B 1081 -8.51 -2.43 30.84
CA ILE B 1081 -7.13 -2.17 31.24
C ILE B 1081 -6.78 -3.19 32.31
N ASP B 1082 -5.84 -4.08 32.00
CA ASP B 1082 -5.45 -5.11 32.95
C ASP B 1082 -4.63 -4.51 34.07
N PHE B 1083 -4.97 -4.86 35.31
CA PHE B 1083 -4.26 -4.37 36.48
C PHE B 1083 -4.07 -5.53 37.45
N SER B 1084 -3.01 -5.42 38.26
CA SER B 1084 -2.71 -6.45 39.25
C SER B 1084 -3.28 -6.13 40.62
N ASP B 1085 -3.36 -4.86 40.99
CA ASP B 1085 -3.90 -4.46 42.28
C ASP B 1085 -4.31 -2.99 42.19
N ILE B 1086 -5.22 -2.61 43.09
CA ILE B 1086 -5.65 -1.22 43.24
C ILE B 1086 -5.44 -0.84 44.69
N MET B 1087 -4.70 0.23 44.91
CA MET B 1087 -4.46 0.76 46.25
C MET B 1087 -5.13 2.13 46.34
N VAL B 1088 -6.06 2.26 47.30
CA VAL B 1088 -6.71 3.53 47.58
C VAL B 1088 -5.99 4.17 48.76
N LEU B 1089 -5.57 5.42 48.58
CA LEU B 1089 -4.77 6.13 49.57
C LEU B 1089 -5.64 7.16 50.26
N GLY B 1090 -5.74 7.05 51.58
CA GLY B 1090 -6.42 8.03 52.41
C GLY B 1090 -5.51 9.00 53.13
N ASP B 1091 -4.20 8.87 52.96
CA ASP B 1091 -3.24 9.70 53.66
C ASP B 1091 -2.84 10.94 52.88
N ILE B 1092 -3.43 11.15 51.70
CA ILE B 1092 -3.27 12.43 51.02
C ILE B 1092 -4.12 13.49 51.73
N ASN B 1093 -3.79 14.76 51.50
CA ASN B 1093 -4.35 15.89 52.22
C ASN B 1093 -4.02 15.84 53.71
N THR B 1094 -2.89 15.22 54.06
CA THR B 1094 -2.36 15.26 55.40
C THR B 1094 -1.00 15.95 55.39
N LYS B 1095 -0.71 16.67 56.46
CA LYS B 1095 0.49 17.49 56.50
C LYS B 1095 1.73 16.60 56.39
N PRO B 1096 2.65 16.92 55.50
CA PRO B 1096 3.89 16.12 55.39
C PRO B 1096 4.79 16.30 56.60
N LYS B 1097 5.90 15.58 56.63
CA LYS B 1097 6.79 15.63 57.77
C LYS B 1097 7.46 17.00 57.88
N LYS B 1098 7.85 17.35 59.10
CA LYS B 1098 8.48 18.65 59.34
C LYS B 1098 9.80 18.78 58.58
N GLU B 1099 10.59 17.72 58.57
CA GLU B 1099 11.88 17.76 57.88
C GLU B 1099 11.70 18.01 56.39
N ASN B 1100 10.68 17.39 55.78
CA ASN B 1100 10.46 17.57 54.35
C ASN B 1100 10.03 18.99 54.02
N ILE B 1101 9.16 19.58 54.84
CA ILE B 1101 8.75 20.96 54.62
C ILE B 1101 9.94 21.90 54.83
N ILE B 1102 10.79 21.60 55.80
CA ILE B 1102 12.00 22.41 56.03
C ILE B 1102 12.91 22.34 54.80
N ALA B 1103 13.09 21.13 54.26
CA ALA B 1103 13.94 20.98 53.08
C ALA B 1103 13.36 21.72 51.88
N PHE B 1104 12.03 21.64 51.69
CA PHE B 1104 11.42 22.36 50.59
C PHE B 1104 11.59 23.86 50.74
N GLU B 1105 11.42 24.38 51.97
CA GLU B 1105 11.61 25.79 52.21
C GLU B 1105 13.05 26.22 51.95
N GLU B 1106 14.00 25.38 52.35
CA GLU B 1106 15.40 25.68 52.10
C GLU B 1106 15.70 25.71 50.59
N ILE B 1107 15.12 24.79 49.84
CA ILE B 1107 15.28 24.80 48.39
C ILE B 1107 14.67 26.06 47.79
N ILE B 1108 13.50 26.46 48.30
CA ILE B 1108 12.78 27.61 47.78
C ILE B 1108 13.48 28.92 48.11
N GLU B 1109 14.20 28.99 49.25
CA GLU B 1109 14.77 30.22 49.81
C GLU B 1109 15.31 31.22 48.80
N PRO B 1110 16.26 30.90 47.93
CA PRO B 1110 16.89 31.92 47.10
C PRO B 1110 16.03 32.44 45.96
N TYR B 1111 14.74 32.12 45.93
CA TYR B 1111 13.86 32.59 44.87
C TYR B 1111 12.64 33.33 45.41
N ARG B 1112 12.53 33.49 46.72
CA ARG B 1112 11.40 34.22 47.29
C ARG B 1112 11.54 35.71 46.99
N LEU B 1113 10.39 36.36 46.77
CA LEU B 1113 10.38 37.81 46.62
C LEU B 1113 10.51 38.50 47.97
N HIS B 1114 9.99 37.89 49.04
CA HIS B 1114 10.03 38.44 50.39
C HIS B 1114 9.44 39.85 50.42
N GLU B 1115 8.29 40.01 49.77
CA GLU B 1115 7.64 41.31 49.74
C GLU B 1115 7.17 41.75 51.12
N ASP B 1116 6.95 40.80 52.02
CA ASP B 1116 6.52 41.15 53.37
C ASP B 1116 7.61 41.91 54.12
N ASP B 1117 8.86 41.50 53.95
CA ASP B 1117 9.99 42.14 54.62
C ASP B 1117 10.61 43.26 53.80
N LYS B 1118 10.04 43.61 52.66
CA LYS B 1118 10.57 44.64 51.79
C LYS B 1118 9.57 45.78 51.64
N GLU B 1119 10.07 46.91 51.15
CA GLU B 1119 9.23 48.07 50.89
C GLU B 1119 8.52 47.89 49.55
N GLN B 1120 7.93 48.98 49.03
CA GLN B 1120 7.24 48.92 47.75
C GLN B 1120 8.17 48.76 46.57
N ASP B 1121 9.50 48.82 46.78
CA ASP B 1121 10.44 48.61 45.69
C ASP B 1121 10.44 47.17 45.20
N ILE B 1122 9.82 46.25 45.92
CA ILE B 1122 9.74 44.86 45.49
C ILE B 1122 8.98 44.72 44.18
N ALA B 1123 8.08 45.67 43.88
CA ALA B 1123 7.38 45.63 42.60
C ALA B 1123 8.35 45.75 41.44
N ASP B 1124 9.45 46.48 41.61
CA ASP B 1124 10.49 46.52 40.58
C ASP B 1124 11.14 45.15 40.41
N LYS B 1125 11.37 44.43 41.51
CA LYS B 1125 11.91 43.09 41.42
C LYS B 1125 10.92 42.15 40.73
N MET B 1126 9.62 42.35 40.95
CA MET B 1126 8.60 41.54 40.31
C MET B 1126 8.51 41.78 38.81
N LYS B 1127 9.17 42.81 38.28
CA LYS B 1127 9.16 43.08 36.85
C LYS B 1127 10.52 42.89 36.18
N GLU B 1128 11.60 42.79 36.97
CA GLU B 1128 12.94 42.66 36.42
C GLU B 1128 13.56 41.30 36.72
N ASP B 1129 13.64 40.93 38.00
CA ASP B 1129 14.13 39.62 38.42
C ASP B 1129 13.03 38.59 38.43
N GLU B 1130 12.02 38.75 37.59
CA GLU B 1130 10.78 38.01 37.65
C GLU B 1130 10.19 37.97 36.25
N PRO B 1131 9.05 37.29 35.99
CA PRO B 1131 8.08 36.66 36.89
C PRO B 1131 8.46 35.27 37.39
N TRP B 1132 9.74 35.02 37.66
CA TRP B 1132 10.13 33.77 38.31
C TRP B 1132 10.34 33.94 39.81
N ARG B 1133 10.31 35.15 40.33
CA ARG B 1133 10.43 35.36 41.77
C ARG B 1133 9.16 34.93 42.48
N ILE B 1134 9.31 34.21 43.58
CA ILE B 1134 8.19 33.63 44.31
C ILE B 1134 7.70 34.62 45.35
N THR B 1135 6.43 35.00 45.25
CA THR B 1135 5.85 35.94 46.18
C THR B 1135 5.39 35.22 47.46
N ASP B 1136 5.05 36.00 48.47
CA ASP B 1136 4.53 35.47 49.72
C ASP B 1136 3.04 35.21 49.67
N ASN B 1137 2.27 36.03 48.93
CA ASN B 1137 0.84 35.81 48.81
C ASN B 1137 0.54 34.47 48.15
N GLU B 1138 1.28 34.12 47.09
CA GLU B 1138 1.05 32.84 46.44
C GLU B 1138 1.63 31.69 47.26
N LEU B 1139 2.69 31.93 48.02
CA LEU B 1139 3.25 30.88 48.86
C LEU B 1139 2.34 30.57 50.03
N GLU B 1140 1.47 31.51 50.41
CA GLU B 1140 0.47 31.24 51.43
C GLU B 1140 -0.86 30.78 50.84
N LEU B 1141 -1.21 31.23 49.64
CA LEU B 1141 -2.47 30.87 49.03
C LEU B 1141 -2.42 29.49 48.36
N TYR B 1142 -1.23 28.95 48.12
CA TYR B 1142 -1.08 27.63 47.52
C TYR B 1142 -0.28 26.69 48.42
N LYS B 1143 -0.26 26.94 49.73
CA LYS B 1143 0.42 26.03 50.64
C LYS B 1143 -0.19 24.65 50.62
N THR B 1144 -1.50 24.56 50.33
CA THR B 1144 -2.15 23.26 50.20
C THR B 1144 -1.52 22.45 49.08
N LYS B 1145 -1.32 23.06 47.91
CA LYS B 1145 -0.73 22.35 46.79
C LYS B 1145 0.71 21.96 47.07
N THR B 1146 1.47 22.84 47.73
CA THR B 1146 2.85 22.52 48.08
C THR B 1146 2.92 21.32 49.02
N TYR B 1147 2.08 21.33 50.06
CA TYR B 1147 2.02 20.21 50.98
C TYR B 1147 1.58 18.94 50.27
N ARG B 1148 0.64 19.06 49.34
CA ARG B 1148 0.19 17.89 48.60
C ARG B 1148 1.33 17.31 47.76
N GLN B 1149 2.14 18.15 47.13
CA GLN B 1149 3.28 17.67 46.36
C GLN B 1149 4.28 16.94 47.26
N ILE B 1150 4.61 17.55 48.40
CA ILE B 1150 5.60 16.93 49.30
C ILE B 1150 5.08 15.61 49.85
N ARG B 1151 3.82 15.59 50.28
CA ARG B 1151 3.22 14.38 50.82
C ARG B 1151 3.12 13.31 49.76
N LEU B 1152 2.81 13.69 48.52
CA LEU B 1152 2.74 12.72 47.44
C LEU B 1152 4.10 12.11 47.17
N ASN B 1153 5.17 12.91 47.26
CA ASN B 1153 6.50 12.34 47.10
C ASN B 1153 6.82 11.37 48.23
N GLU B 1154 6.41 11.71 49.46
CA GLU B 1154 6.58 10.77 50.57
C GLU B 1154 5.86 9.46 50.29
N LEU B 1155 4.62 9.54 49.78
CA LEU B 1155 3.85 8.34 49.49
C LEU B 1155 4.50 7.53 48.37
N LEU B 1156 5.02 8.19 47.35
CA LEU B 1156 5.71 7.49 46.27
C LEU B 1156 6.95 6.78 46.80
N LYS B 1157 7.70 7.43 47.68
CA LYS B 1157 8.87 6.79 48.27
C LYS B 1157 8.47 5.61 49.13
N GLU B 1158 7.32 5.69 49.81
CA GLU B 1158 6.90 4.61 50.68
C GLU B 1158 6.33 3.42 49.92
N HIS B 1159 5.69 3.66 48.77
CA HIS B 1159 4.96 2.61 48.07
C HIS B 1159 5.65 2.17 46.77
N SER B 1160 5.93 3.11 45.87
CA SER B 1160 6.45 2.78 44.55
C SER B 1160 7.97 2.83 44.48
N SER B 1161 8.66 2.61 45.60
CA SER B 1161 10.12 2.74 45.60
C SER B 1161 10.79 1.66 44.76
N THR B 1162 10.14 0.51 44.59
CA THR B 1162 10.72 -0.61 43.87
C THR B 1162 9.93 -0.94 42.62
N ALA B 1163 9.50 0.10 41.90
CA ALA B 1163 8.79 -0.08 40.65
C ALA B 1163 9.74 0.14 39.47
N ASN B 1164 9.47 -0.55 38.37
CA ASN B 1164 10.26 -0.36 37.17
C ASN B 1164 10.06 1.05 36.62
N ILE B 1165 8.82 1.54 36.63
CA ILE B 1165 8.51 2.88 36.14
C ILE B 1165 7.25 3.36 36.85
N ILE B 1166 7.19 4.67 37.08
CA ILE B 1166 6.06 5.30 37.76
C ILE B 1166 5.42 6.29 36.80
N VAL B 1167 4.11 6.21 36.65
CA VAL B 1167 3.34 7.21 35.91
C VAL B 1167 2.43 7.90 36.91
N MET B 1168 2.53 9.23 36.96
CA MET B 1168 1.81 10.03 37.94
C MET B 1168 1.21 11.25 37.25
N SER B 1169 0.10 11.72 37.79
CA SER B 1169 -0.55 12.92 37.23
C SER B 1169 0.33 14.14 37.43
N LEU B 1170 0.40 14.98 36.39
CA LEU B 1170 1.20 16.19 36.45
C LEU B 1170 0.35 17.36 36.92
N PRO B 1171 0.73 18.05 38.00
CA PRO B 1171 -0.08 19.17 38.47
C PRO B 1171 -0.13 20.31 37.46
N VAL B 1172 -1.27 20.97 37.39
CA VAL B 1172 -1.45 22.12 36.51
C VAL B 1172 -1.41 23.38 37.35
N ALA B 1173 -0.47 24.26 37.05
CA ALA B 1173 -0.38 25.56 37.69
C ALA B 1173 -1.10 26.59 36.84
N ARG B 1174 -2.03 27.31 37.45
CA ARG B 1174 -2.77 28.33 36.72
C ARG B 1174 -1.83 29.44 36.27
N LYS B 1175 -1.89 29.77 34.98
CA LYS B 1175 -1.00 30.80 34.46
C LYS B 1175 -1.37 32.17 34.99
N GLY B 1176 -0.36 32.95 35.37
CA GLY B 1176 -0.57 34.24 35.97
C GLY B 1176 -0.77 34.23 37.47
N ALA B 1177 -0.84 33.04 38.08
CA ALA B 1177 -1.03 32.94 39.52
C ALA B 1177 0.12 32.22 40.23
N VAL B 1178 0.86 31.38 39.54
CA VAL B 1178 1.99 30.65 40.11
C VAL B 1178 3.24 31.04 39.35
N SER B 1179 4.27 31.44 40.08
CA SER B 1179 5.52 31.80 39.43
C SER B 1179 6.19 30.57 38.83
N SER B 1180 7.15 30.81 37.94
CA SER B 1180 7.87 29.70 37.32
C SER B 1180 8.63 28.89 38.36
N ALA B 1181 9.30 29.57 39.29
CA ALA B 1181 10.13 28.87 40.27
C ALA B 1181 9.28 27.99 41.18
N LEU B 1182 8.08 28.45 41.54
CA LEU B 1182 7.22 27.64 42.38
C LEU B 1182 6.74 26.39 41.64
N TYR B 1183 6.39 26.53 40.37
CA TYR B 1183 6.02 25.38 39.55
C TYR B 1183 7.17 24.37 39.47
N MET B 1184 8.38 24.87 39.17
CA MET B 1184 9.52 23.98 39.03
C MET B 1184 9.85 23.29 40.34
N ALA B 1185 9.72 24.02 41.46
CA ALA B 1185 9.97 23.42 42.76
C ALA B 1185 8.91 22.39 43.12
N TRP B 1186 7.66 22.63 42.71
CA TRP B 1186 6.63 21.62 42.90
C TRP B 1186 7.00 20.33 42.17
N LEU B 1187 7.38 20.46 40.91
CA LEU B 1187 7.76 19.27 40.14
C LEU B 1187 8.96 18.58 40.76
N GLU B 1188 9.96 19.35 41.17
CA GLU B 1188 11.16 18.78 41.80
C GLU B 1188 10.80 18.04 43.08
N ALA B 1189 10.04 18.68 43.97
CA ALA B 1189 9.69 18.06 45.23
C ALA B 1189 8.87 16.80 45.02
N LEU B 1190 7.97 16.81 44.03
CA LEU B 1190 7.14 15.64 43.79
C LEU B 1190 7.93 14.50 43.16
N SER B 1191 8.95 14.81 42.35
CA SER B 1191 9.63 13.79 41.56
C SER B 1191 10.96 13.33 42.15
N LYS B 1192 11.39 13.87 43.28
CA LYS B 1192 12.76 13.67 43.74
C LYS B 1192 12.97 12.26 44.29
N ASP B 1193 14.15 11.71 44.01
CA ASP B 1193 14.63 10.47 44.63
C ASP B 1193 13.69 9.31 44.36
N LEU B 1194 13.47 9.04 43.07
CA LEU B 1194 12.50 8.06 42.64
C LEU B 1194 13.05 7.28 41.44
N PRO B 1195 12.56 6.08 41.22
CA PRO B 1195 12.83 5.39 39.95
C PRO B 1195 12.26 6.16 38.78
N PRO B 1196 12.52 5.74 37.53
CA PRO B 1196 11.96 6.45 36.37
C PRO B 1196 10.48 6.78 36.53
N ILE B 1197 10.16 8.07 36.47
CA ILE B 1197 8.81 8.56 36.73
C ILE B 1197 8.36 9.44 35.57
N LEU B 1198 7.11 9.26 35.17
CA LEU B 1198 6.47 10.07 34.14
C LEU B 1198 5.37 10.90 34.77
N LEU B 1199 5.47 12.23 34.62
CA LEU B 1199 4.40 13.13 35.03
C LEU B 1199 3.57 13.44 33.80
N VAL B 1200 2.28 13.10 33.84
CA VAL B 1200 1.41 13.18 32.67
C VAL B 1200 0.23 14.07 32.99
N ARG B 1201 -0.04 15.02 32.10
CA ARG B 1201 -1.27 15.80 32.13
C ARG B 1201 -1.88 15.74 30.73
N GLY B 1202 -3.03 15.09 30.62
CA GLY B 1202 -3.73 15.00 29.36
C GLY B 1202 -4.44 16.29 29.01
N ASN B 1203 -5.13 16.25 27.87
CA ASN B 1203 -5.75 17.42 27.30
C ASN B 1203 -7.12 17.71 27.94
N HIS B 1204 -7.60 16.83 28.82
CA HIS B 1204 -8.94 16.85 29.39
C HIS B 1204 -10.02 16.63 28.35
N GLN B 1205 -9.66 16.24 27.14
CA GLN B 1205 -10.59 15.66 26.19
C GLN B 1205 -10.58 14.16 26.37
N SER B 1206 -11.73 13.53 26.16
CA SER B 1206 -11.85 12.10 26.40
C SER B 1206 -10.91 11.33 25.49
N VAL B 1207 -10.12 10.44 26.09
CA VAL B 1207 -9.14 9.64 25.38
C VAL B 1207 -9.49 8.16 25.40
N LEU B 1208 -10.19 7.72 26.44
CA LEU B 1208 -10.69 6.36 26.56
C LEU B 1208 -12.20 6.33 26.32
N THR B 1209 -12.71 5.11 26.09
CA THR B 1209 -14.14 4.91 25.95
C THR B 1209 -14.44 3.44 26.22
N PHE B 1210 -15.65 3.18 26.72
CA PHE B 1210 -16.15 1.83 26.87
C PHE B 1210 -17.33 1.54 25.95
N TYR B 1211 -17.52 2.37 24.93
CA TYR B 1211 -18.51 2.14 23.90
C TYR B 1211 -17.85 1.53 22.68
N SER B 1212 -18.58 0.63 22.01
CA SER B 1212 -18.08 0.02 20.79
C SER B 1212 -18.43 0.87 19.58
K K C . -27.91 -25.56 12.24
CL CL D . -25.27 -17.97 12.68
NA NA E . -33.09 -26.28 16.51
C6 82U F . -31.01 -24.43 7.45
C8 82U F . -28.78 -23.40 6.96
C13 82U F . -33.11 -27.07 2.29
C15 82U F . -34.05 -27.62 4.43
C17 82U F . -29.37 -28.26 10.13
N 82U F . -30.85 -25.49 6.47
CA 82U F . -30.13 -26.69 6.79
C 82U F . -30.23 -27.82 6.01
O 82U F . -30.41 -27.65 4.66
CB 82U F . -30.15 -26.93 8.14
CG 82U F . -29.64 -28.12 8.67
CD2 82U F . -29.43 -29.19 7.81
NE1 82U F . -29.43 -31.80 6.24
CZ2 82U F . -30.28 -23.17 7.04
CZ3 82U F . -28.13 -22.47 5.96
C1 82U F . -29.71 -29.01 6.46
C11 82U F . -31.67 -27.53 4.15
C12 82U F . -31.84 -27.20 2.82
C14 82U F . -34.22 -27.28 3.10
C16 82U F . -32.77 -27.75 4.96
O1 82U F . -30.58 -30.40 4.44
O2 82U F . -28.25 -30.17 4.64
O4 82U F . -29.60 -27.25 10.90
O5 82U F . -28.93 -29.32 10.56
S1 82U F . -29.48 -30.34 5.35
K K G . 18.77 -14.98 -31.71
CL CL H . 19.08 -9.46 -25.86
NA NA I . 23.99 -14.06 -35.89
C6 82U J . 21.13 -18.91 -28.43
C8 82U J . 19.34 -17.95 -26.94
C13 82U J . 21.28 -25.04 -27.37
C15 82U J . 22.30 -24.12 -29.33
C17 82U J . 18.79 -18.53 -32.67
N 82U J . 20.41 -20.17 -28.47
CA 82U J . 19.42 -20.39 -29.47
C 82U J . 19.02 -21.66 -29.84
O 82U J . 19.00 -22.63 -28.89
CB 82U J . 19.59 -19.53 -30.52
CG 82U J . 18.83 -19.65 -31.68
CD2 82U J . 18.17 -20.83 -31.93
NE1 82U J . 16.04 -23.45 -30.26
CZ2 82U J . 20.84 -18.09 -27.17
CZ3 82U J . 19.01 -17.98 -25.47
C1 82U J . 18.24 -21.83 -30.98
C11 82U J . 20.10 -23.40 -28.68
C12 82U J . 20.16 -24.27 -27.59
C14 82U J . 22.36 -24.97 -28.24
C16 82U J . 21.18 -23.34 -29.55
O1 82U J . 17.02 -23.42 -32.63
O2 82U J . 18.30 -24.43 -30.97
O4 82U J . 19.50 -17.47 -32.45
O5 82U J . 18.11 -18.64 -33.68
S1 82U J . 17.42 -23.35 -31.26
#